data_8XRC
#
_entry.id   8XRC
#
_cell.length_a   1.00
_cell.length_b   1.00
_cell.length_c   1.00
_cell.angle_alpha   90.00
_cell.angle_beta   90.00
_cell.angle_gamma   90.00
#
_symmetry.space_group_name_H-M   'P 1'
#
loop_
_entity.id
_entity.type
_entity.pdbx_description
1 polymer Hemagglutinin
2 branched 2-acetamido-2-deoxy-beta-D-glucopyranose-(1-4)-2-acetamido-2-deoxy-beta-D-glucopyranose
3 branched 'N-acetyl-alpha-neuraminic acid-(2-3)-beta-D-galactopyranose'
4 non-polymer 2-acetamido-2-deoxy-beta-D-glucopyranose
5 non-polymer 'N-acetyl-alpha-neuraminic acid'
#
_entity_poly.entity_id   1
_entity_poly.type   'polypeptide(L)'
_entity_poly.pdbx_seq_one_letter_code
;DQICIGYHSNNSTEKVDTILERNVTVTHAQDLLEKTHNGKLCKLNGIPPLELGDCSIAGWLLGNPECDRLLTVPEWSYIM
EKENPRNGLCYPGSFNDYEELKHLLSSVTHFEKVKILPKDRWTQHTTTGGSRACAVSGNPSFFRNMVWLTKKGSNYPVAK
GSYNNTSGEQMLVIWGVHHPNDEAEQRTLYQNVGTYVSVGTSTVNKRSIPEIATRPKVNGQGGRMEFSWTILDMLDTINF
ESTGNLIAPEYGFKISKRGSSGIMKTEGTLENCETKCQTPLGAINTTLPFHNIHPLTIGECPKYVKSEKLVLATGLRNVP
QIESRGLFGAIAGFIEGGWQGMVDGWYGYHHSNDQGSGYAADKESTQKAIDGITNKVNSVIEKMNTQFEAVGKEFSNLEK
RLENLNKKMEDGFLDVWTYNAELLVLMENERTLDFHDSNVKNLYDKVRMQLRDNAKELGNGCFEFYHKCDDECMNSVKNG
TYDYPKYEEESKLNRNE
;
_entity_poly.pdbx_strand_id   A,B,C
#
loop_
_chem_comp.id
_chem_comp.type
_chem_comp.name
_chem_comp.formula
GAL D-saccharide, beta linking beta-D-galactopyranose 'C6 H12 O6'
NAG D-saccharide, beta linking 2-acetamido-2-deoxy-beta-D-glucopyranose 'C8 H15 N O6'
SIA D-saccharide, alpha linking 'N-acetyl-alpha-neuraminic acid' 'C11 H19 N O9'
#
# COMPACT_ATOMS: atom_id res chain seq x y z
N ASP A 1 -13.25 53.54 36.16
CA ASP A 1 -14.02 52.82 35.15
C ASP A 1 -13.13 52.42 33.97
N GLN A 2 -12.77 51.14 33.92
CA GLN A 2 -11.88 50.65 32.87
C GLN A 2 -12.00 49.14 32.78
N ILE A 3 -12.40 48.63 31.62
CA ILE A 3 -12.39 47.19 31.36
C ILE A 3 -11.15 46.84 30.56
N CYS A 4 -10.84 45.55 30.52
CA CYS A 4 -9.74 45.06 29.68
C CYS A 4 -10.06 43.65 29.22
N ILE A 5 -9.40 43.24 28.15
CA ILE A 5 -9.56 41.91 27.57
C ILE A 5 -8.19 41.29 27.32
N GLY A 6 -8.02 40.04 27.74
CA GLY A 6 -6.78 39.32 27.56
C GLY A 6 -7.05 37.84 27.48
N TYR A 7 -6.16 37.04 28.05
CA TYR A 7 -6.32 35.59 28.07
C TYR A 7 -5.62 35.05 29.32
N HIS A 8 -5.56 33.72 29.40
CA HIS A 8 -5.12 33.02 30.62
C HIS A 8 -3.73 32.44 30.42
N SER A 9 -2.87 32.62 31.42
CA SER A 9 -1.54 32.04 31.42
C SER A 9 -1.30 31.32 32.75
N ASN A 10 -0.40 30.35 32.74
CA ASN A 10 -0.18 29.53 33.92
C ASN A 10 1.27 29.06 33.95
N ASN A 11 1.56 28.04 34.74
CA ASN A 11 2.91 27.58 35.04
C ASN A 11 3.31 26.33 34.28
N SER A 12 2.48 25.84 33.36
CA SER A 12 2.78 24.60 32.67
C SER A 12 4.00 24.75 31.76
N THR A 13 4.69 23.64 31.53
CA THR A 13 5.89 23.64 30.70
C THR A 13 5.84 22.57 29.62
N GLU A 14 4.64 22.19 29.17
CA GLU A 14 4.54 21.25 28.06
C GLU A 14 4.83 21.96 26.74
N LYS A 15 5.56 21.29 25.86
CA LYS A 15 5.98 21.86 24.58
C LYS A 15 5.32 21.11 23.44
N VAL A 16 4.91 21.85 22.41
CA VAL A 16 4.21 21.28 21.27
C VAL A 16 4.89 21.80 20.01
N ASP A 17 4.64 21.11 18.90
CA ASP A 17 5.34 21.39 17.65
C ASP A 17 4.30 21.81 16.61
N THR A 18 4.74 22.65 15.66
CA THR A 18 3.86 23.29 14.70
C THR A 18 4.59 23.33 13.36
N ILE A 19 3.82 23.42 12.28
CA ILE A 19 4.39 23.35 10.93
C ILE A 19 5.36 24.49 10.65
N LEU A 20 5.20 25.63 11.31
CA LEU A 20 6.06 26.79 11.11
C LEU A 20 7.06 27.01 12.23
N GLU A 21 6.71 26.69 13.47
CA GLU A 21 7.57 26.90 14.62
C GLU A 21 7.84 25.58 15.32
N ARG A 22 8.96 25.51 16.02
CA ARG A 22 9.36 24.30 16.72
C ARG A 22 9.56 24.60 18.20
N ASN A 23 9.10 23.68 19.05
CA ASN A 23 9.20 23.78 20.50
C ASN A 23 8.52 25.05 21.03
N VAL A 24 7.20 25.07 20.88
CA VAL A 24 6.36 26.14 21.38
C VAL A 24 5.68 25.69 22.67
N THR A 25 5.74 26.53 23.70
CA THR A 25 5.18 26.20 25.00
C THR A 25 3.70 26.56 25.05
N VAL A 26 2.89 25.64 25.54
CA VAL A 26 1.44 25.82 25.61
C VAL A 26 0.95 25.65 27.04
N THR A 27 -0.34 25.91 27.26
CA THR A 27 -0.94 25.78 28.58
C THR A 27 -1.37 24.35 28.87
N HIS A 28 -2.21 23.78 28.00
CA HIS A 28 -2.66 22.40 28.13
C HIS A 28 -2.37 21.65 26.84
N ALA A 29 -1.76 20.48 26.97
CA ALA A 29 -1.46 19.63 25.84
C ALA A 29 -1.86 18.20 26.17
N GLN A 30 -2.35 17.48 25.17
CA GLN A 30 -2.79 16.10 25.33
C GLN A 30 -1.84 15.17 24.61
N ASP A 31 -1.33 14.17 25.32
CA ASP A 31 -0.46 13.18 24.72
C ASP A 31 -1.27 12.08 24.05
N LEU A 32 -0.74 11.56 22.95
CA LEU A 32 -1.39 10.47 22.24
C LEU A 32 -0.50 9.25 22.05
N LEU A 33 0.81 9.38 22.22
CA LEU A 33 1.76 8.32 21.97
C LEU A 33 2.19 7.68 23.28
N GLU A 34 2.47 6.39 23.24
CA GLU A 34 2.83 5.62 24.42
C GLU A 34 4.15 4.91 24.18
N LYS A 35 5.12 5.12 25.07
CA LYS A 35 6.49 4.68 24.84
C LYS A 35 7.03 3.85 26.01
N THR A 36 6.18 3.12 26.71
CA THR A 36 6.65 2.32 27.83
C THR A 36 5.91 0.99 27.89
N HIS A 37 6.56 0.01 28.52
CA HIS A 37 6.02 -1.34 28.66
C HIS A 37 6.73 -2.00 29.83
N ASN A 38 6.13 -3.07 30.35
CA ASN A 38 6.69 -3.75 31.51
C ASN A 38 7.81 -4.70 31.17
N GLY A 39 7.99 -5.06 29.90
CA GLY A 39 9.05 -5.97 29.51
C GLY A 39 8.89 -7.38 30.03
N LYS A 40 7.67 -7.89 30.04
CA LYS A 40 7.40 -9.24 30.54
C LYS A 40 6.43 -9.94 29.59
N LEU A 41 6.64 -11.23 29.39
CA LEU A 41 5.71 -12.07 28.64
C LEU A 41 4.78 -12.76 29.63
N CYS A 42 3.48 -12.49 29.52
CA CYS A 42 2.54 -13.01 30.49
C CYS A 42 1.14 -13.05 29.89
N LYS A 43 0.17 -13.41 30.73
CA LYS A 43 -1.11 -13.94 30.28
C LYS A 43 -1.92 -12.92 29.51
N LEU A 44 -2.85 -13.43 28.71
CA LEU A 44 -3.78 -12.62 27.93
C LEU A 44 -5.20 -13.00 28.36
N ASN A 45 -5.83 -12.12 29.14
CA ASN A 45 -7.19 -12.30 29.64
C ASN A 45 -7.33 -13.57 30.47
N GLY A 46 -6.29 -13.93 31.20
CA GLY A 46 -6.33 -15.07 32.11
C GLY A 46 -5.90 -16.40 31.51
N ILE A 47 -5.65 -16.46 30.22
CA ILE A 47 -5.26 -17.71 29.55
C ILE A 47 -3.76 -17.64 29.28
N PRO A 48 -2.96 -18.53 29.87
CA PRO A 48 -1.52 -18.50 29.63
C PRO A 48 -1.19 -18.95 28.22
N PRO A 49 -0.07 -18.52 27.67
CA PRO A 49 0.34 -18.93 26.32
C PRO A 49 0.92 -20.34 26.33
N LEU A 50 1.23 -20.82 25.13
CA LEU A 50 1.87 -22.12 24.93
C LEU A 50 3.37 -21.87 24.79
N GLU A 51 4.11 -22.11 25.86
CA GLU A 51 5.55 -21.86 25.87
C GLU A 51 6.25 -23.10 25.36
N LEU A 52 6.74 -23.03 24.12
CA LEU A 52 7.44 -24.17 23.53
C LEU A 52 8.82 -24.33 24.12
N GLY A 53 9.51 -23.22 24.39
CA GLY A 53 10.83 -23.27 24.97
C GLY A 53 11.92 -23.48 23.95
N ASP A 54 12.54 -24.65 23.96
CA ASP A 54 13.58 -25.01 23.02
C ASP A 54 13.07 -25.87 21.88
N CYS A 55 11.75 -26.02 21.75
CA CYS A 55 11.15 -26.87 20.74
C CYS A 55 10.55 -26.04 19.62
N SER A 56 10.48 -26.65 18.45
CA SER A 56 9.82 -26.07 17.30
C SER A 56 8.41 -26.65 17.16
N ILE A 57 7.64 -26.07 16.23
CA ILE A 57 6.28 -26.54 16.02
C ILE A 57 6.28 -27.96 15.49
N ALA A 58 7.19 -28.27 14.55
CA ALA A 58 7.30 -29.64 14.06
C ALA A 58 7.71 -30.59 15.17
N GLY A 59 8.61 -30.16 16.05
CA GLY A 59 9.00 -31.01 17.16
C GLY A 59 7.87 -31.25 18.13
N TRP A 60 7.00 -30.26 18.33
CA TRP A 60 5.86 -30.42 19.22
C TRP A 60 4.83 -31.36 18.61
N LEU A 61 4.52 -31.17 17.32
CA LEU A 61 3.47 -31.98 16.70
C LEU A 61 3.92 -33.40 16.44
N LEU A 62 5.17 -33.60 16.05
CA LEU A 62 5.66 -34.94 15.77
C LEU A 62 6.00 -35.72 17.04
N GLY A 63 6.30 -35.03 18.14
CA GLY A 63 6.61 -35.71 19.37
C GLY A 63 8.09 -35.95 19.59
N ASN A 64 8.89 -34.90 19.51
CA ASN A 64 10.31 -35.02 19.80
C ASN A 64 10.50 -35.44 21.25
N PRO A 65 11.38 -36.39 21.53
CA PRO A 65 11.55 -36.85 22.92
C PRO A 65 12.00 -35.77 23.88
N GLU A 66 12.63 -34.70 23.40
CA GLU A 66 12.97 -33.59 24.28
C GLU A 66 11.74 -32.76 24.63
N CYS A 67 10.73 -32.76 23.76
CA CYS A 67 9.48 -32.03 24.01
C CYS A 67 8.43 -32.96 24.60
N ASP A 68 8.78 -33.59 25.72
CA ASP A 68 7.87 -34.49 26.38
C ASP A 68 6.93 -33.80 27.36
N ARG A 69 7.16 -32.52 27.64
CA ARG A 69 6.25 -31.78 28.50
C ARG A 69 5.05 -31.24 27.76
N LEU A 70 5.00 -31.40 26.42
CA LEU A 70 3.92 -30.87 25.60
C LEU A 70 3.04 -31.98 25.02
N LEU A 71 3.07 -33.17 25.62
CA LEU A 71 2.25 -34.26 25.11
C LEU A 71 0.76 -33.98 25.28
N THR A 72 0.38 -33.28 26.33
CA THR A 72 -0.99 -32.82 26.52
C THR A 72 -0.94 -31.39 27.00
N VAL A 73 -1.43 -30.46 26.19
CA VAL A 73 -1.35 -29.03 26.50
C VAL A 73 -2.75 -28.47 26.68
N PRO A 74 -2.95 -27.52 27.58
CA PRO A 74 -4.26 -26.90 27.72
C PRO A 74 -4.52 -25.81 26.69
N GLU A 75 -5.64 -25.13 26.81
CA GLU A 75 -5.98 -24.02 25.93
C GLU A 75 -4.98 -22.89 26.09
N TRP A 76 -4.70 -22.20 24.98
CA TRP A 76 -3.70 -21.14 24.96
C TRP A 76 -4.28 -19.89 24.32
N SER A 77 -3.51 -18.82 24.39
CA SER A 77 -3.87 -17.55 23.77
C SER A 77 -2.89 -17.11 22.69
N TYR A 78 -1.61 -17.46 22.81
CA TYR A 78 -0.64 -17.27 21.74
C TYR A 78 0.49 -18.28 21.95
N ILE A 79 1.29 -18.46 20.92
CA ILE A 79 2.38 -19.44 20.93
C ILE A 79 3.71 -18.70 20.99
N MET A 80 4.58 -19.15 21.89
CA MET A 80 5.91 -18.56 22.07
C MET A 80 6.94 -19.48 21.42
N GLU A 81 7.72 -18.93 20.50
CA GLU A 81 8.71 -19.70 19.76
C GLU A 81 10.02 -18.91 19.69
N LYS A 82 11.11 -19.65 19.57
CA LYS A 82 12.43 -19.03 19.42
C LYS A 82 12.77 -18.87 17.94
N GLU A 83 13.73 -17.98 17.68
CA GLU A 83 14.13 -17.72 16.30
C GLU A 83 14.79 -18.92 15.67
N ASN A 84 15.67 -19.60 16.40
CA ASN A 84 16.34 -20.81 15.93
C ASN A 84 16.20 -21.89 16.99
N PRO A 85 15.05 -22.55 17.05
CA PRO A 85 14.86 -23.59 18.07
C PRO A 85 15.85 -24.72 17.90
N ARG A 86 16.33 -25.25 19.04
CA ARG A 86 17.34 -26.30 19.00
C ARG A 86 16.73 -27.65 18.68
N ASN A 87 15.55 -27.95 19.22
CA ASN A 87 14.93 -29.27 19.11
C ASN A 87 13.80 -29.20 18.10
N GLY A 88 14.10 -29.58 16.86
CA GLY A 88 13.09 -29.67 15.83
C GLY A 88 12.95 -31.08 15.31
N LEU A 89 13.44 -31.33 14.12
CA LEU A 89 13.47 -32.68 13.55
C LEU A 89 14.74 -33.37 14.02
N CYS A 90 14.60 -34.23 15.02
CA CYS A 90 15.76 -34.97 15.53
C CYS A 90 16.36 -35.86 14.44
N TYR A 91 15.51 -36.58 13.74
CA TYR A 91 15.96 -37.27 12.54
C TYR A 91 15.90 -36.32 11.36
N PRO A 92 17.00 -36.13 10.63
CA PRO A 92 17.04 -35.10 9.58
C PRO A 92 15.99 -35.34 8.51
N GLY A 93 15.50 -34.25 7.93
CA GLY A 93 14.51 -34.34 6.88
C GLY A 93 13.91 -32.99 6.59
N SER A 94 12.75 -33.01 5.93
CA SER A 94 12.04 -31.81 5.54
C SER A 94 10.61 -31.89 6.05
N PHE A 95 9.84 -30.83 5.77
CA PHE A 95 8.44 -30.74 6.19
C PHE A 95 7.72 -29.93 5.11
N ASN A 96 7.02 -30.61 4.22
CA ASN A 96 6.36 -29.94 3.12
C ASN A 96 5.25 -29.02 3.63
N ASP A 97 5.18 -27.82 3.06
CA ASP A 97 4.16 -26.84 3.40
C ASP A 97 4.15 -26.51 4.88
N TYR A 98 5.34 -26.30 5.43
CA TYR A 98 5.46 -25.90 6.84
C TYR A 98 4.79 -24.57 7.10
N GLU A 99 5.05 -23.58 6.25
CA GLU A 99 4.57 -22.23 6.50
C GLU A 99 3.05 -22.13 6.38
N GLU A 100 2.45 -22.91 5.48
CA GLU A 100 0.98 -22.96 5.42
C GLU A 100 0.41 -23.54 6.71
N LEU A 101 1.06 -24.56 7.27
CA LEU A 101 0.62 -25.12 8.54
C LEU A 101 0.72 -24.08 9.65
N LYS A 102 1.80 -23.30 9.65
CA LYS A 102 1.94 -22.25 10.66
C LYS A 102 0.87 -21.18 10.49
N HIS A 103 0.56 -20.82 9.25
CA HIS A 103 -0.50 -19.84 9.00
C HIS A 103 -1.84 -20.36 9.51
N LEU A 104 -2.12 -21.65 9.30
CA LEU A 104 -3.35 -22.23 9.84
C LEU A 104 -3.35 -22.22 11.35
N LEU A 105 -2.21 -22.57 11.96
CA LEU A 105 -2.11 -22.62 13.42
C LEU A 105 -2.22 -21.25 14.05
N SER A 106 -1.92 -20.19 13.32
CA SER A 106 -1.99 -18.84 13.87
C SER A 106 -3.40 -18.43 14.23
N SER A 107 -4.42 -19.16 13.78
CA SER A 107 -5.81 -18.87 14.12
C SER A 107 -6.50 -20.06 14.79
N VAL A 108 -5.74 -21.01 15.33
CA VAL A 108 -6.30 -22.21 15.95
C VAL A 108 -5.88 -22.23 17.40
N THR A 109 -6.86 -22.27 18.28
CA THR A 109 -6.66 -22.43 19.72
C THR A 109 -6.72 -23.93 20.02
N HIS A 110 -6.98 -24.32 21.26
CA HIS A 110 -6.83 -25.66 21.82
C HIS A 110 -7.06 -26.83 20.84
N PHE A 111 -6.13 -27.78 20.83
CA PHE A 111 -6.21 -29.01 20.05
C PHE A 111 -6.87 -30.10 20.90
N GLU A 112 -6.87 -31.32 20.38
CA GLU A 112 -7.35 -32.49 21.12
C GLU A 112 -6.81 -33.73 20.43
N LYS A 113 -5.96 -34.48 21.13
CA LYS A 113 -5.29 -35.63 20.52
C LYS A 113 -6.19 -36.85 20.57
N VAL A 114 -6.44 -37.44 19.41
CA VAL A 114 -7.29 -38.61 19.27
C VAL A 114 -6.46 -39.72 18.65
N LYS A 115 -6.46 -40.89 19.30
CA LYS A 115 -5.75 -42.06 18.79
C LYS A 115 -6.53 -42.63 17.62
N ILE A 116 -6.09 -42.34 16.40
CA ILE A 116 -6.81 -42.78 15.22
C ILE A 116 -6.35 -44.14 14.72
N LEU A 117 -5.06 -44.44 14.84
CA LEU A 117 -4.53 -45.75 14.46
C LEU A 117 -3.64 -46.24 15.60
N PRO A 118 -4.13 -47.15 16.44
CA PRO A 118 -3.33 -47.63 17.56
C PRO A 118 -2.09 -48.36 17.09
N LYS A 119 -1.07 -48.37 17.94
CA LYS A 119 0.18 -49.01 17.60
C LYS A 119 0.07 -50.53 17.50
N ASP A 120 -0.97 -51.11 18.09
CA ASP A 120 -1.07 -52.57 18.21
C ASP A 120 -1.76 -53.23 17.02
N ARG A 121 -2.34 -52.47 16.10
CA ARG A 121 -2.99 -53.08 14.95
C ARG A 121 -1.99 -53.61 13.95
N TRP A 122 -0.75 -53.10 13.97
CA TRP A 122 0.28 -53.55 13.04
C TRP A 122 0.87 -54.87 13.54
N THR A 123 0.05 -55.92 13.45
CA THR A 123 0.43 -57.24 13.92
C THR A 123 1.29 -58.00 12.93
N GLN A 124 1.38 -57.55 11.68
CA GLN A 124 2.19 -58.21 10.68
C GLN A 124 3.51 -57.51 10.43
N HIS A 125 3.82 -56.46 11.18
CA HIS A 125 5.03 -55.67 10.98
C HIS A 125 5.72 -55.44 12.32
N THR A 126 6.88 -54.79 12.26
CA THR A 126 7.66 -54.43 13.44
C THR A 126 7.56 -52.93 13.69
N THR A 127 7.26 -52.56 14.92
CA THR A 127 6.99 -51.16 15.26
C THR A 127 7.89 -50.64 16.37
N THR A 128 8.98 -51.34 16.70
CA THR A 128 9.86 -50.94 17.79
C THR A 128 11.12 -50.23 17.28
N GLY A 129 11.16 -49.88 16.00
CA GLY A 129 12.35 -49.26 15.45
C GLY A 129 12.59 -47.87 16.01
N GLY A 130 13.87 -47.49 16.04
CA GLY A 130 14.26 -46.18 16.52
C GLY A 130 15.69 -45.88 16.12
N SER A 131 16.05 -44.61 16.23
CA SER A 131 17.36 -44.14 15.83
C SER A 131 18.07 -43.46 16.98
N ARG A 132 19.40 -43.48 16.94
CA ARG A 132 20.20 -42.81 17.96
C ARG A 132 20.16 -41.30 17.82
N ALA A 133 19.70 -40.78 16.68
CA ALA A 133 19.54 -39.34 16.55
C ALA A 133 18.51 -38.80 17.53
N CYS A 134 17.41 -39.53 17.71
CA CYS A 134 16.43 -39.24 18.75
C CYS A 134 16.61 -40.29 19.85
N ALA A 135 17.54 -40.01 20.76
CA ALA A 135 17.93 -40.95 21.79
C ALA A 135 17.64 -40.39 23.17
N VAL A 136 17.10 -41.24 24.04
CA VAL A 136 16.87 -40.90 25.44
C VAL A 136 17.72 -41.82 26.30
N SER A 137 18.49 -41.22 27.21
CA SER A 137 19.35 -41.97 28.13
C SER A 137 20.29 -42.91 27.39
N GLY A 138 20.75 -42.51 26.21
CA GLY A 138 21.70 -43.27 25.43
C GLY A 138 21.10 -44.30 24.50
N ASN A 139 19.98 -44.89 24.87
CA ASN A 139 19.35 -45.88 24.01
C ASN A 139 18.57 -45.21 22.88
N PRO A 140 18.42 -45.88 21.75
CA PRO A 140 17.64 -45.31 20.64
C PRO A 140 16.17 -45.16 20.99
N SER A 141 15.55 -44.15 20.40
CA SER A 141 14.13 -43.88 20.58
C SER A 141 13.59 -43.34 19.26
N PHE A 142 12.37 -42.80 19.29
CA PHE A 142 11.73 -42.31 18.09
C PHE A 142 10.71 -41.24 18.47
N PHE A 143 10.08 -40.65 17.45
CA PHE A 143 9.01 -39.68 17.70
C PHE A 143 7.88 -40.34 18.47
N ARG A 144 7.30 -39.58 19.40
CA ARG A 144 6.28 -40.15 20.28
C ARG A 144 4.95 -40.34 19.58
N ASN A 145 4.68 -39.57 18.53
CA ASN A 145 3.38 -39.57 17.87
C ASN A 145 3.38 -40.33 16.55
N MET A 146 4.47 -41.00 16.19
CA MET A 146 4.56 -41.70 14.92
C MET A 146 5.10 -43.10 15.12
N VAL A 147 4.93 -43.94 14.10
CA VAL A 147 5.36 -45.33 14.12
C VAL A 147 6.24 -45.58 12.92
N TRP A 148 7.39 -46.22 13.14
CA TRP A 148 8.31 -46.64 12.09
C TRP A 148 8.08 -48.12 11.84
N LEU A 149 7.50 -48.45 10.69
CA LEU A 149 7.21 -49.83 10.34
C LEU A 149 8.40 -50.43 9.61
N THR A 150 8.90 -51.55 10.12
CA THR A 150 9.97 -52.31 9.48
C THR A 150 9.52 -53.74 9.28
N LYS A 151 10.33 -54.52 8.57
CA LYS A 151 9.98 -55.89 8.26
C LYS A 151 10.00 -56.76 9.52
N LYS A 152 9.17 -57.79 9.52
CA LYS A 152 9.08 -58.75 10.61
C LYS A 152 9.54 -60.10 10.07
N GLY A 153 10.72 -60.54 10.51
CA GLY A 153 11.31 -61.74 9.97
C GLY A 153 12.01 -61.45 8.66
N SER A 154 11.41 -61.86 7.56
CA SER A 154 11.95 -61.53 6.25
C SER A 154 10.86 -61.11 5.27
N ASN A 155 9.75 -60.58 5.78
CA ASN A 155 8.60 -60.24 4.95
C ASN A 155 8.06 -58.87 5.35
N TYR A 156 7.65 -58.10 4.35
CA TYR A 156 6.98 -56.81 4.55
C TYR A 156 5.71 -56.83 3.71
N PRO A 157 4.62 -57.37 4.24
CA PRO A 157 3.36 -57.38 3.50
C PRO A 157 2.81 -55.97 3.33
N VAL A 158 1.77 -55.86 2.52
CA VAL A 158 1.15 -54.57 2.25
C VAL A 158 0.46 -54.07 3.51
N ALA A 159 0.76 -52.83 3.88
CA ALA A 159 0.22 -52.22 5.09
C ALA A 159 -0.93 -51.29 4.74
N LYS A 160 -2.09 -51.52 5.34
CA LYS A 160 -3.27 -50.70 5.12
C LYS A 160 -3.78 -50.12 6.42
N GLY A 161 -4.38 -48.94 6.32
CA GLY A 161 -4.94 -48.28 7.48
C GLY A 161 -5.94 -47.22 7.09
N SER A 162 -7.10 -47.20 7.74
CA SER A 162 -8.16 -46.27 7.40
C SER A 162 -8.71 -45.62 8.66
N TYR A 163 -9.27 -44.43 8.49
CA TYR A 163 -9.92 -43.75 9.59
C TYR A 163 -11.06 -42.89 9.05
N ASN A 164 -12.24 -43.04 9.65
CA ASN A 164 -13.42 -42.26 9.29
C ASN A 164 -13.63 -41.22 10.37
N ASN A 165 -13.57 -39.94 10.00
CA ASN A 165 -13.58 -38.85 10.97
C ASN A 165 -14.98 -38.67 11.53
N THR A 166 -15.24 -39.30 12.67
CA THR A 166 -16.49 -39.14 13.40
C THR A 166 -16.29 -38.36 14.69
N SER A 167 -15.20 -37.60 14.79
CA SER A 167 -14.87 -36.90 16.03
C SER A 167 -15.69 -35.64 16.25
N GLY A 168 -16.33 -35.11 15.20
CA GLY A 168 -17.17 -33.94 15.34
C GLY A 168 -16.54 -32.63 14.90
N GLU A 169 -15.29 -32.65 14.44
CA GLU A 169 -14.64 -31.44 13.96
C GLU A 169 -13.59 -31.82 12.94
N GLN A 170 -12.87 -30.83 12.44
CA GLN A 170 -11.82 -31.06 11.47
C GLN A 170 -10.57 -31.59 12.16
N MET A 171 -9.83 -32.44 11.44
CA MET A 171 -8.69 -33.16 11.99
C MET A 171 -7.45 -32.91 11.14
N LEU A 172 -6.30 -32.90 11.80
CA LEU A 172 -5.01 -32.73 11.13
C LEU A 172 -4.23 -34.02 11.26
N VAL A 173 -3.79 -34.57 10.13
CA VAL A 173 -3.08 -35.83 10.07
C VAL A 173 -1.73 -35.61 9.39
N ILE A 174 -0.68 -36.17 9.97
CA ILE A 174 0.69 -36.02 9.48
C ILE A 174 1.29 -37.41 9.25
N TRP A 175 1.85 -37.63 8.06
CA TRP A 175 2.53 -38.87 7.74
C TRP A 175 3.92 -38.55 7.17
N GLY A 176 4.66 -39.61 6.83
CA GLY A 176 6.02 -39.40 6.34
C GLY A 176 6.51 -40.55 5.49
N VAL A 177 7.65 -40.31 4.84
CA VAL A 177 8.32 -41.29 4.00
C VAL A 177 9.82 -41.24 4.31
N HIS A 178 10.44 -42.41 4.43
CA HIS A 178 11.85 -42.51 4.78
C HIS A 178 12.69 -42.73 3.53
N HIS A 179 13.77 -41.96 3.38
CA HIS A 179 14.70 -42.09 2.27
C HIS A 179 16.01 -42.65 2.79
N PRO A 180 16.34 -43.91 2.49
CA PRO A 180 17.62 -44.46 2.96
C PRO A 180 18.81 -43.90 2.19
N ASN A 181 20.02 -44.32 2.52
CA ASN A 181 21.22 -43.79 1.87
C ASN A 181 21.95 -44.82 1.02
N ASP A 182 21.37 -45.99 0.80
CA ASP A 182 21.85 -46.93 -0.21
C ASP A 182 20.79 -48.00 -0.41
N GLU A 183 21.04 -48.89 -1.38
CA GLU A 183 20.14 -50.01 -1.62
C GLU A 183 20.23 -51.06 -0.53
N ALA A 184 21.41 -51.25 0.04
CA ALA A 184 21.58 -52.24 1.10
C ALA A 184 20.75 -51.89 2.32
N GLU A 185 20.71 -50.61 2.69
CA GLU A 185 19.87 -50.19 3.81
C GLU A 185 18.40 -50.44 3.52
N GLN A 186 17.96 -50.16 2.29
CA GLN A 186 16.57 -50.41 1.93
C GLN A 186 16.22 -51.88 2.04
N ARG A 187 17.10 -52.75 1.57
CA ARG A 187 16.83 -54.18 1.66
C ARG A 187 16.91 -54.68 3.10
N THR A 188 17.73 -54.04 3.94
CA THR A 188 17.83 -54.46 5.33
C THR A 188 16.64 -53.99 6.15
N LEU A 189 16.00 -52.89 5.75
CA LEU A 189 14.89 -52.36 6.52
C LEU A 189 13.51 -52.76 6.00
N TYR A 190 13.38 -53.05 4.70
CA TYR A 190 12.06 -53.31 4.14
C TYR A 190 11.99 -54.52 3.22
N GLN A 191 13.12 -55.10 2.81
CA GLN A 191 13.14 -56.34 2.05
C GLN A 191 12.40 -56.19 0.71
N ASN A 192 12.40 -54.97 0.17
CA ASN A 192 11.74 -54.73 -1.11
C ASN A 192 12.42 -53.56 -1.79
N VAL A 193 12.37 -53.56 -3.12
CA VAL A 193 12.82 -52.43 -3.92
C VAL A 193 11.65 -51.99 -4.78
N GLY A 194 11.68 -50.73 -5.18
CA GLY A 194 10.56 -50.17 -5.91
C GLY A 194 9.30 -50.07 -5.09
N THR A 195 9.43 -49.63 -3.83
CA THR A 195 8.29 -49.50 -2.94
C THR A 195 7.58 -48.17 -3.16
N TYR A 196 6.42 -48.03 -2.53
CA TYR A 196 5.63 -46.81 -2.65
C TYR A 196 4.89 -46.56 -1.35
N VAL A 197 4.50 -45.30 -1.15
CA VAL A 197 3.61 -44.89 -0.09
C VAL A 197 2.47 -44.10 -0.73
N SER A 198 1.24 -44.56 -0.54
CA SER A 198 0.06 -43.94 -1.15
C SER A 198 -0.88 -43.46 -0.06
N VAL A 199 -1.36 -42.23 -0.21
CA VAL A 199 -2.32 -41.64 0.71
C VAL A 199 -3.48 -41.11 -0.11
N GLY A 200 -4.71 -41.49 0.28
CA GLY A 200 -5.88 -41.06 -0.45
C GLY A 200 -7.04 -40.62 0.39
N THR A 201 -7.52 -39.40 0.15
CA THR A 201 -8.75 -38.91 0.76
C THR A 201 -9.69 -38.43 -0.35
N SER A 202 -10.76 -37.74 0.00
CA SER A 202 -11.70 -37.27 -1.01
C SER A 202 -11.10 -36.17 -1.89
N THR A 203 -10.20 -35.36 -1.34
CA THR A 203 -9.59 -34.26 -2.08
C THR A 203 -8.06 -34.37 -2.15
N VAL A 204 -7.48 -35.50 -1.76
CA VAL A 204 -6.04 -35.67 -1.73
C VAL A 204 -5.70 -37.00 -2.40
N ASN A 205 -4.70 -36.97 -3.29
CA ASN A 205 -4.26 -38.17 -4.00
C ASN A 205 -2.76 -38.07 -4.18
N LYS A 206 -2.01 -38.93 -3.49
CA LYS A 206 -0.55 -38.90 -3.52
C LYS A 206 0.00 -40.31 -3.65
N ARG A 207 1.20 -40.41 -4.22
CA ARG A 207 1.92 -41.68 -4.27
C ARG A 207 3.41 -41.33 -4.35
N SER A 208 4.11 -41.47 -3.23
CA SER A 208 5.51 -41.11 -3.13
C SER A 208 6.40 -42.32 -3.32
N ILE A 209 7.55 -42.11 -3.94
CA ILE A 209 8.55 -43.14 -4.17
C ILE A 209 9.79 -42.76 -3.38
N PRO A 210 10.46 -43.71 -2.71
CA PRO A 210 11.70 -43.37 -2.01
C PRO A 210 12.78 -42.85 -2.94
N GLU A 211 13.56 -41.91 -2.44
CA GLU A 211 14.67 -41.30 -3.17
C GLU A 211 15.97 -41.63 -2.44
N ILE A 212 16.76 -42.53 -3.01
CA ILE A 212 18.01 -42.96 -2.40
C ILE A 212 19.14 -42.11 -2.96
N ALA A 213 19.97 -41.56 -2.07
CA ALA A 213 21.04 -40.67 -2.45
C ALA A 213 22.16 -40.78 -1.43
N THR A 214 23.34 -40.29 -1.83
CA THR A 214 24.48 -40.16 -0.93
C THR A 214 24.52 -38.75 -0.40
N ARG A 215 24.41 -38.60 0.91
CA ARG A 215 24.32 -37.32 1.57
C ARG A 215 25.27 -37.28 2.77
N PRO A 216 25.63 -36.09 3.23
CA PRO A 216 26.43 -36.00 4.46
C PRO A 216 25.67 -36.49 5.68
N LYS A 217 26.32 -36.47 6.84
CA LYS A 217 25.71 -36.93 8.08
C LYS A 217 25.23 -35.72 8.88
N VAL A 218 23.92 -35.66 9.12
CA VAL A 218 23.32 -34.66 9.99
C VAL A 218 22.81 -35.39 11.22
N ASN A 219 23.30 -35.00 12.39
CA ASN A 219 23.02 -35.67 13.66
C ASN A 219 23.42 -37.13 13.64
N GLY A 220 24.36 -37.49 12.78
CA GLY A 220 24.89 -38.84 12.73
C GLY A 220 24.26 -39.78 11.72
N GLN A 221 23.36 -39.29 10.87
CA GLN A 221 22.66 -40.15 9.93
C GLN A 221 22.72 -39.56 8.53
N GLY A 222 22.77 -40.44 7.53
CA GLY A 222 22.74 -40.07 6.14
C GLY A 222 21.39 -40.18 5.48
N GLY A 223 20.38 -40.68 6.18
CA GLY A 223 19.04 -40.77 5.64
C GLY A 223 18.20 -39.57 6.05
N ARG A 224 17.08 -39.40 5.36
CA ARG A 224 16.18 -38.28 5.57
C ARG A 224 14.74 -38.76 5.60
N MET A 225 13.89 -37.99 6.29
CA MET A 225 12.47 -38.29 6.42
C MET A 225 11.65 -37.09 5.95
N GLU A 226 10.76 -37.32 5.00
CA GLU A 226 9.91 -36.26 4.44
C GLU A 226 8.51 -36.39 4.99
N PHE A 227 8.00 -35.31 5.59
CA PHE A 227 6.71 -35.31 6.25
C PHE A 227 5.72 -34.41 5.51
N SER A 228 4.49 -34.90 5.35
CA SER A 228 3.40 -34.16 4.72
C SER A 228 2.20 -34.14 5.66
N TRP A 229 1.19 -33.35 5.30
CA TRP A 229 0.02 -33.19 6.15
C TRP A 229 -1.21 -32.89 5.31
N THR A 230 -2.37 -33.03 5.94
CA THR A 230 -3.65 -32.71 5.32
C THR A 230 -4.65 -32.40 6.43
N ILE A 231 -5.75 -31.75 6.05
CA ILE A 231 -6.85 -31.47 6.96
C ILE A 231 -8.03 -32.33 6.54
N LEU A 232 -8.45 -33.23 7.41
CA LEU A 232 -9.56 -34.14 7.14
C LEU A 232 -10.87 -33.45 7.46
N ASP A 233 -11.77 -33.38 6.48
CA ASP A 233 -13.07 -32.79 6.71
C ASP A 233 -13.94 -33.72 7.55
N MET A 234 -15.03 -33.17 8.08
CA MET A 234 -15.93 -33.97 8.89
C MET A 234 -16.56 -35.07 8.05
N LEU A 235 -16.73 -36.23 8.67
CA LEU A 235 -17.37 -37.39 8.05
C LEU A 235 -16.61 -37.88 6.82
N ASP A 236 -15.29 -37.67 6.79
CA ASP A 236 -14.44 -38.07 5.69
C ASP A 236 -13.53 -39.22 6.11
N THR A 237 -12.93 -39.85 5.11
CA THR A 237 -12.09 -41.03 5.32
C THR A 237 -10.71 -40.80 4.71
N ILE A 238 -9.68 -41.22 5.43
CA ILE A 238 -8.30 -41.17 4.94
C ILE A 238 -7.78 -42.60 4.87
N ASN A 239 -7.15 -42.94 3.74
CA ASN A 239 -6.63 -44.27 3.49
C ASN A 239 -5.12 -44.24 3.35
N PHE A 240 -4.47 -45.24 3.93
CA PHE A 240 -3.02 -45.44 3.80
C PHE A 240 -2.76 -46.79 3.16
N GLU A 241 -1.68 -46.85 2.38
CA GLU A 241 -1.25 -48.10 1.77
C GLU A 241 0.20 -47.95 1.34
N SER A 242 1.06 -48.88 1.78
CA SER A 242 2.47 -48.75 1.50
C SER A 242 3.11 -50.12 1.41
N THR A 243 3.98 -50.30 0.40
CA THR A 243 4.84 -51.45 0.31
C THR A 243 6.11 -51.28 1.14
N GLY A 244 6.50 -50.04 1.42
CA GLY A 244 7.62 -49.79 2.32
C GLY A 244 7.79 -48.30 2.52
N ASN A 245 8.67 -47.97 3.47
CA ASN A 245 9.11 -46.59 3.73
C ASN A 245 7.96 -45.71 4.23
N LEU A 246 7.13 -46.25 5.11
CA LEU A 246 5.99 -45.51 5.66
C LEU A 246 6.23 -45.21 7.13
N ILE A 247 6.13 -43.93 7.48
CA ILE A 247 6.13 -43.50 8.88
C ILE A 247 4.69 -43.13 9.23
N ALA A 248 3.94 -44.10 9.73
CA ALA A 248 2.51 -43.96 9.90
C ALA A 248 2.18 -43.13 11.13
N PRO A 249 1.05 -42.40 11.10
CA PRO A 249 0.63 -41.67 12.28
C PRO A 249 -0.10 -42.55 13.29
N GLU A 250 -0.03 -42.15 14.54
CA GLU A 250 -0.76 -42.80 15.62
C GLU A 250 -1.83 -41.91 16.22
N TYR A 251 -1.62 -40.60 16.25
CA TYR A 251 -2.58 -39.65 16.78
C TYR A 251 -2.98 -38.66 15.70
N GLY A 252 -4.19 -38.14 15.83
CA GLY A 252 -4.66 -37.06 14.97
C GLY A 252 -5.08 -35.88 15.82
N PHE A 253 -4.84 -34.68 15.31
CA PHE A 253 -5.09 -33.45 16.05
C PHE A 253 -6.42 -32.86 15.61
N LYS A 254 -7.34 -32.71 16.56
CA LYS A 254 -8.69 -32.25 16.28
C LYS A 254 -8.84 -30.79 16.71
N ILE A 255 -9.27 -29.96 15.78
CA ILE A 255 -9.45 -28.53 16.07
C ILE A 255 -10.70 -28.37 16.93
N SER A 256 -10.53 -27.76 18.10
CA SER A 256 -11.59 -27.69 19.09
C SER A 256 -12.11 -26.29 19.33
N LYS A 257 -11.24 -25.33 19.62
CA LYS A 257 -11.70 -24.01 20.06
C LYS A 257 -11.82 -23.02 18.92
N ARG A 258 -10.73 -22.79 18.17
CA ARG A 258 -10.65 -21.75 17.14
C ARG A 258 -10.76 -20.35 17.75
N GLY A 259 -10.24 -19.36 17.07
CA GLY A 259 -10.23 -18.01 17.59
C GLY A 259 -9.11 -17.20 16.97
N SER A 260 -8.69 -16.16 17.69
CA SER A 260 -7.63 -15.26 17.24
C SER A 260 -6.41 -15.46 18.12
N SER A 261 -5.28 -15.77 17.50
CA SER A 261 -4.03 -16.01 18.20
C SER A 261 -2.89 -15.62 17.27
N GLY A 262 -1.69 -16.08 17.57
CA GLY A 262 -0.56 -15.84 16.70
C GLY A 262 0.67 -16.58 17.19
N ILE A 263 1.71 -16.54 16.37
CA ILE A 263 3.02 -17.10 16.72
C ILE A 263 3.96 -15.94 16.94
N MET A 264 4.50 -15.82 18.16
CA MET A 264 5.40 -14.76 18.53
C MET A 264 6.81 -15.29 18.65
N LYS A 265 7.76 -14.64 17.98
CA LYS A 265 9.16 -15.02 18.03
C LYS A 265 9.82 -14.27 19.17
N THR A 266 10.10 -14.97 20.26
CA THR A 266 10.68 -14.35 21.45
C THR A 266 11.71 -15.30 22.05
N GLU A 267 12.57 -14.73 22.89
CA GLU A 267 13.58 -15.51 23.60
C GLU A 267 13.38 -15.46 25.11
N GLY A 268 12.24 -14.97 25.59
CA GLY A 268 11.98 -14.86 27.00
C GLY A 268 11.14 -16.00 27.55
N THR A 269 10.82 -15.89 28.83
CA THR A 269 10.06 -16.90 29.55
C THR A 269 8.79 -16.29 30.11
N LEU A 270 7.80 -17.15 30.35
CA LEU A 270 6.51 -16.72 30.87
C LEU A 270 6.65 -16.25 32.31
N GLU A 271 5.90 -15.21 32.66
CA GLU A 271 5.84 -14.73 34.03
C GLU A 271 4.40 -14.44 34.41
N ASN A 272 4.19 -13.81 35.56
CA ASN A 272 2.86 -13.62 36.13
C ASN A 272 2.38 -12.20 35.87
N CYS A 273 1.38 -12.05 35.01
CA CYS A 273 0.66 -10.78 34.88
C CYS A 273 -0.77 -11.11 34.50
N GLU A 274 -1.48 -10.09 34.01
CA GLU A 274 -2.73 -10.27 33.28
C GLU A 274 -2.89 -9.03 32.40
N THR A 275 -2.55 -9.16 31.13
CA THR A 275 -2.48 -8.04 30.22
C THR A 275 -3.64 -8.07 29.23
N LYS A 276 -3.86 -6.95 28.57
CA LYS A 276 -4.86 -6.82 27.53
C LYS A 276 -4.30 -7.05 26.14
N CYS A 277 -3.07 -6.61 25.87
CA CYS A 277 -2.38 -7.01 24.65
C CYS A 277 -0.90 -7.15 24.95
N GLN A 278 -0.23 -7.93 24.12
CA GLN A 278 1.15 -8.34 24.34
C GLN A 278 1.96 -8.13 23.07
N THR A 279 3.18 -7.62 23.25
CA THR A 279 4.16 -7.44 22.19
C THR A 279 5.39 -8.31 22.48
N PRO A 280 6.21 -8.61 21.47
CA PRO A 280 7.39 -9.44 21.74
C PRO A 280 8.36 -8.87 22.74
N LEU A 281 8.29 -7.57 23.03
CA LEU A 281 9.17 -6.96 24.02
C LEU A 281 8.52 -6.78 25.38
N GLY A 282 7.19 -6.81 25.46
CA GLY A 282 6.54 -6.61 26.73
C GLY A 282 5.04 -6.43 26.55
N ALA A 283 4.40 -5.85 27.55
CA ALA A 283 2.97 -5.65 27.56
C ALA A 283 2.64 -4.18 27.82
N ILE A 284 1.48 -3.75 27.32
CA ILE A 284 1.00 -2.38 27.47
C ILE A 284 -0.30 -2.40 28.26
N ASN A 285 -0.38 -1.57 29.29
CA ASN A 285 -1.59 -1.38 30.07
C ASN A 285 -1.86 0.12 30.16
N THR A 286 -2.46 0.68 29.12
CA THR A 286 -2.82 2.10 29.08
C THR A 286 -4.02 2.27 28.16
N THR A 287 -4.45 3.52 27.97
CA THR A 287 -5.65 3.84 27.20
C THR A 287 -5.38 4.84 26.08
N LEU A 288 -4.13 5.19 25.82
CA LEU A 288 -3.82 6.07 24.70
C LEU A 288 -4.01 5.34 23.38
N PRO A 289 -4.29 6.06 22.29
CA PRO A 289 -4.58 5.42 21.00
C PRO A 289 -3.38 5.15 20.11
N PHE A 290 -2.14 5.37 20.57
CA PHE A 290 -0.97 5.13 19.76
C PHE A 290 0.14 4.53 20.62
N HIS A 291 1.07 3.83 19.97
CA HIS A 291 2.25 3.29 20.63
C HIS A 291 3.34 3.08 19.60
N ASN A 292 4.57 2.94 20.08
CA ASN A 292 5.74 2.81 19.21
C ASN A 292 6.70 1.75 19.74
N ILE A 293 6.19 0.60 20.16
CA ILE A 293 7.03 -0.44 20.74
C ILE A 293 7.46 -1.44 19.67
N HIS A 294 6.50 -2.13 19.07
CA HIS A 294 6.79 -3.16 18.08
C HIS A 294 5.58 -3.32 17.17
N PRO A 295 5.78 -3.47 15.86
CA PRO A 295 4.63 -3.50 14.95
C PRO A 295 3.70 -4.68 15.13
N LEU A 296 4.16 -5.80 15.66
CA LEU A 296 3.36 -7.02 15.77
C LEU A 296 2.84 -7.17 17.19
N THR A 297 1.53 -7.14 17.34
CA THR A 297 0.89 -7.24 18.65
C THR A 297 -0.25 -8.25 18.59
N ILE A 298 -0.55 -8.85 19.74
CA ILE A 298 -1.65 -9.80 19.88
C ILE A 298 -2.55 -9.30 21.00
N GLY A 299 -3.84 -9.15 20.71
CA GLY A 299 -4.78 -8.65 21.70
C GLY A 299 -5.58 -7.47 21.19
N GLU A 300 -5.92 -6.55 22.07
CA GLU A 300 -6.64 -5.33 21.71
C GLU A 300 -5.92 -4.14 22.34
N CYS A 301 -5.19 -3.38 21.54
CA CYS A 301 -4.46 -2.23 22.07
C CYS A 301 -4.09 -1.27 20.95
N PRO A 302 -3.51 -0.09 21.25
CA PRO A 302 -3.38 0.97 20.23
C PRO A 302 -2.71 0.57 18.92
N LYS A 303 -2.85 1.44 17.93
CA LYS A 303 -2.21 1.27 16.63
C LYS A 303 -0.75 1.71 16.70
N TYR A 304 0.01 1.30 15.69
CA TYR A 304 1.46 1.49 15.68
C TYR A 304 1.83 2.65 14.76
N VAL A 305 2.60 3.59 15.30
CA VAL A 305 3.16 4.70 14.53
C VAL A 305 4.64 4.80 14.86
N LYS A 306 5.47 4.97 13.84
CA LYS A 306 6.92 4.98 13.98
C LYS A 306 7.43 6.38 14.29
N SER A 307 6.95 6.94 15.39
CA SER A 307 7.27 8.30 15.78
C SER A 307 7.72 8.33 17.23
N GLU A 308 8.46 9.37 17.57
CA GLU A 308 8.99 9.54 18.92
C GLU A 308 8.16 10.48 19.79
N LYS A 309 7.30 11.30 19.20
CA LYS A 309 6.51 12.24 19.98
C LYS A 309 5.29 12.65 19.17
N LEU A 310 4.13 12.69 19.83
CA LEU A 310 2.85 13.03 19.20
C LEU A 310 1.99 13.70 20.27
N VAL A 311 2.04 15.02 20.33
CA VAL A 311 1.33 15.81 21.33
C VAL A 311 0.43 16.79 20.62
N LEU A 312 -0.82 16.89 21.08
CA LEU A 312 -1.82 17.78 20.50
C LEU A 312 -2.01 18.98 21.40
N ALA A 313 -1.99 20.17 20.82
CA ALA A 313 -2.16 21.41 21.57
C ALA A 313 -3.63 21.65 21.79
N THR A 314 -4.07 21.57 23.03
CA THR A 314 -5.45 21.85 23.41
C THR A 314 -5.50 23.03 24.37
N GLY A 315 -4.70 24.05 24.10
CA GLY A 315 -4.65 25.19 24.99
C GLY A 315 -4.11 26.41 24.30
N LEU A 316 -3.85 27.44 25.09
CA LEU A 316 -3.37 28.72 24.62
C LEU A 316 -1.86 28.72 24.52
N ARG A 317 -1.30 29.85 24.11
CA ARG A 317 0.14 30.06 24.14
C ARG A 317 0.53 30.65 25.49
N ASN A 318 1.79 30.46 25.86
CA ASN A 318 2.28 30.86 27.17
C ASN A 318 3.38 31.90 27.00
N VAL A 319 2.98 33.17 26.91
CA VAL A 319 3.93 34.28 26.91
C VAL A 319 3.46 35.31 27.93
N PRO A 320 3.71 35.08 29.22
CA PRO A 320 3.17 35.97 30.25
C PRO A 320 3.86 37.32 30.25
N GLN A 321 3.21 38.29 30.89
CA GLN A 321 3.75 39.64 30.97
C GLN A 321 5.04 39.64 31.78
N ILE A 322 6.04 40.38 31.30
CA ILE A 322 7.32 40.46 31.98
C ILE A 322 7.22 41.47 33.12
N GLU A 323 7.66 41.06 34.30
CA GLU A 323 7.64 41.90 35.50
C GLU A 323 6.23 42.38 35.82
N ALA A 332 -1.55 45.36 30.38
CA ALA A 332 -2.73 44.71 30.94
C ALA A 332 -3.73 44.35 29.86
N GLY A 333 -3.31 43.45 28.97
CA GLY A 333 -4.15 43.06 27.85
C GLY A 333 -3.42 42.09 26.96
N PHE A 334 -4.07 41.76 25.85
CA PHE A 334 -3.54 40.76 24.93
C PHE A 334 -2.44 41.28 24.03
N ILE A 335 -2.17 42.59 24.03
CA ILE A 335 -1.04 43.12 23.26
C ILE A 335 0.29 42.91 23.96
N GLU A 336 0.27 42.57 25.24
CA GLU A 336 1.51 42.29 25.97
C GLU A 336 1.67 40.83 26.32
N GLY A 337 0.60 40.15 26.70
CA GLY A 337 0.69 38.75 27.09
C GLY A 337 -0.52 38.34 27.91
N GLY A 338 -0.38 37.21 28.58
CA GLY A 338 -1.45 36.66 29.37
C GLY A 338 -1.41 37.08 30.82
N TRP A 339 -2.54 36.90 31.48
CA TRP A 339 -2.70 37.23 32.89
C TRP A 339 -2.74 35.95 33.71
N GLN A 340 -2.13 35.98 34.89
CA GLN A 340 -2.15 34.82 35.77
C GLN A 340 -3.43 34.72 36.58
N GLY A 341 -4.26 35.76 36.57
CA GLY A 341 -5.40 35.79 37.46
C GLY A 341 -6.60 35.00 36.97
N MET A 342 -6.68 34.74 35.67
CA MET A 342 -7.82 34.01 35.12
C MET A 342 -7.67 32.53 35.42
N VAL A 343 -8.30 32.08 36.50
CA VAL A 343 -8.38 30.68 36.84
C VAL A 343 -9.76 30.11 36.60
N ASP A 344 -10.71 30.94 36.16
CA ASP A 344 -12.08 30.50 35.93
C ASP A 344 -12.32 30.08 34.49
N GLY A 345 -11.75 30.82 33.53
CA GLY A 345 -11.99 30.53 32.13
C GLY A 345 -10.77 30.67 31.25
N TRP A 346 -10.98 30.66 29.94
CA TRP A 346 -9.89 30.73 28.97
C TRP A 346 -9.66 32.12 28.41
N TYR A 347 -10.71 32.92 28.29
CA TYR A 347 -10.61 34.25 27.68
C TYR A 347 -10.96 35.29 28.73
N GLY A 348 -9.97 36.09 29.12
CA GLY A 348 -10.13 36.99 30.25
C GLY A 348 -10.82 38.30 29.87
N TYR A 349 -11.59 38.81 30.82
CA TYR A 349 -12.37 40.03 30.63
C TYR A 349 -12.25 40.92 31.87
N HIS A 350 -11.01 41.17 32.31
CA HIS A 350 -10.74 41.93 33.51
C HIS A 350 -11.51 43.24 33.55
N HIS A 351 -12.11 43.52 34.71
CA HIS A 351 -12.93 44.71 34.92
C HIS A 351 -12.44 45.45 36.17
N SER A 352 -12.74 46.74 36.21
CA SER A 352 -12.35 47.57 37.35
C SER A 352 -13.31 48.76 37.42
N ASN A 353 -14.10 48.82 38.47
CA ASN A 353 -15.08 49.88 38.67
C ASN A 353 -14.56 50.87 39.71
N ASP A 354 -15.37 51.90 39.97
CA ASP A 354 -14.98 52.91 40.96
C ASP A 354 -14.90 52.31 42.35
N GLN A 355 -15.84 51.45 42.71
CA GLN A 355 -15.90 50.90 44.05
C GLN A 355 -15.16 49.57 44.19
N GLY A 356 -14.82 48.92 43.09
CA GLY A 356 -14.18 47.62 43.19
C GLY A 356 -13.55 47.22 41.88
N SER A 357 -13.05 45.99 41.85
CA SER A 357 -12.39 45.44 40.67
C SER A 357 -12.65 43.95 40.63
N GLY A 358 -11.90 43.24 39.80
CA GLY A 358 -12.07 41.81 39.68
C GLY A 358 -11.39 41.30 38.44
N TYR A 359 -11.46 39.98 38.27
CA TYR A 359 -10.84 39.29 37.15
C TYR A 359 -11.81 38.27 36.55
N ALA A 360 -13.05 38.71 36.32
CA ALA A 360 -14.07 37.80 35.83
C ALA A 360 -13.71 37.25 34.45
N ALA A 361 -14.08 36.00 34.21
CA ALA A 361 -13.75 35.31 32.97
C ALA A 361 -15.01 35.03 32.18
N ASP A 362 -14.95 35.29 30.86
CA ASP A 362 -16.11 35.15 30.01
C ASP A 362 -16.52 33.68 29.90
N LYS A 363 -17.78 33.47 29.50
CA LYS A 363 -18.36 32.13 29.48
C LYS A 363 -18.87 31.73 28.10
N GLU A 364 -19.48 32.66 27.36
CA GLU A 364 -20.10 32.29 26.08
C GLU A 364 -19.06 31.79 25.09
N SER A 365 -17.92 32.50 24.99
CA SER A 365 -16.89 32.09 24.05
C SER A 365 -16.09 30.90 24.56
N THR A 366 -15.87 30.82 25.87
CA THR A 366 -15.05 29.74 26.42
C THR A 366 -15.70 28.38 26.15
N GLN A 367 -17.00 28.27 26.38
CA GLN A 367 -17.68 26.99 26.18
C GLN A 367 -17.66 26.58 24.72
N LYS A 368 -17.89 27.54 23.82
CA LYS A 368 -17.85 27.22 22.39
C LYS A 368 -16.47 26.75 21.97
N ALA A 369 -15.43 27.42 22.44
CA ALA A 369 -14.07 27.02 22.09
C ALA A 369 -13.74 25.65 22.66
N ILE A 370 -14.19 25.37 23.88
CA ILE A 370 -13.95 24.07 24.49
C ILE A 370 -14.63 22.97 23.69
N ASP A 371 -15.89 23.20 23.30
CA ASP A 371 -16.59 22.22 22.50
C ASP A 371 -15.91 22.00 21.16
N GLY A 372 -15.45 23.07 20.52
CA GLY A 372 -14.75 22.92 19.26
C GLY A 372 -13.46 22.14 19.38
N ILE A 373 -12.66 22.44 20.40
CA ILE A 373 -11.39 21.75 20.59
C ILE A 373 -11.63 20.28 20.91
N THR A 374 -12.63 19.99 21.74
CA THR A 374 -12.95 18.60 22.04
C THR A 374 -13.40 17.85 20.79
N ASN A 375 -14.22 18.50 19.97
CA ASN A 375 -14.64 17.88 18.71
C ASN A 375 -13.45 17.63 17.80
N LYS A 376 -12.50 18.57 17.76
CA LYS A 376 -11.31 18.38 16.94
C LYS A 376 -10.48 17.20 17.41
N VAL A 377 -10.30 17.08 18.73
CA VAL A 377 -9.53 15.96 19.28
C VAL A 377 -10.22 14.64 18.95
N ASN A 378 -11.54 14.59 19.14
CA ASN A 378 -12.28 13.37 18.85
C ASN A 378 -12.23 13.03 17.37
N SER A 379 -12.29 14.04 16.50
CA SER A 379 -12.20 13.79 15.07
C SER A 379 -10.83 13.26 14.69
N VAL A 380 -9.77 13.81 15.27
CA VAL A 380 -8.42 13.31 14.98
C VAL A 380 -8.29 11.86 15.41
N ILE A 381 -8.80 11.53 16.60
CA ILE A 381 -8.70 10.15 17.08
C ILE A 381 -9.54 9.23 16.21
N GLU A 382 -10.74 9.65 15.84
CA GLU A 382 -11.65 8.78 15.09
C GLU A 382 -11.20 8.57 13.66
N LYS A 383 -10.54 9.56 13.06
CA LYS A 383 -10.12 9.41 11.67
C LYS A 383 -9.03 8.37 11.49
N MET A 384 -8.35 7.97 12.57
CA MET A 384 -7.21 7.07 12.48
C MET A 384 -7.49 5.69 13.06
N ASN A 385 -8.76 5.32 13.23
CA ASN A 385 -9.06 3.99 13.71
C ASN A 385 -9.08 2.95 12.59
N THR A 386 -8.99 3.38 11.34
CA THR A 386 -8.94 2.50 10.18
C THR A 386 -7.54 2.29 9.67
N GLN A 387 -6.56 2.25 10.57
CA GLN A 387 -5.17 2.11 10.19
C GLN A 387 -4.89 0.70 9.67
N PHE A 388 -3.62 0.46 9.39
CA PHE A 388 -3.16 -0.84 8.90
C PHE A 388 -2.53 -1.60 10.06
N GLU A 389 -2.96 -2.85 10.23
CA GLU A 389 -2.47 -3.71 11.31
C GLU A 389 -1.62 -4.82 10.70
N ALA A 390 -0.39 -4.96 11.19
CA ALA A 390 0.53 -5.95 10.67
C ALA A 390 0.25 -7.33 11.25
N VAL A 391 0.36 -8.35 10.40
CA VAL A 391 0.11 -9.73 10.76
C VAL A 391 1.35 -10.54 10.43
N GLY A 392 1.81 -11.35 11.39
CA GLY A 392 3.03 -12.10 11.19
C GLY A 392 2.85 -13.24 10.21
N LYS A 393 3.88 -13.47 9.41
CA LYS A 393 3.90 -14.54 8.42
C LYS A 393 5.30 -15.10 8.32
N GLU A 394 5.40 -16.33 7.84
CA GLU A 394 6.67 -17.03 7.70
C GLU A 394 6.83 -17.50 6.27
N PHE A 395 8.07 -17.47 5.78
CA PHE A 395 8.38 -17.82 4.41
C PHE A 395 9.60 -18.73 4.37
N SER A 396 9.71 -19.50 3.29
CA SER A 396 10.77 -20.48 3.15
C SER A 396 12.00 -19.85 2.51
N ASN A 397 13.01 -20.69 2.23
CA ASN A 397 14.24 -20.19 1.64
C ASN A 397 14.07 -19.87 0.16
N LEU A 398 13.25 -20.65 -0.55
CA LEU A 398 13.01 -20.44 -1.96
C LEU A 398 11.81 -19.52 -2.22
N GLU A 399 11.44 -18.69 -1.25
CA GLU A 399 10.34 -17.74 -1.38
C GLU A 399 10.78 -16.36 -0.94
N LYS A 400 11.96 -15.94 -1.41
CA LYS A 400 12.50 -14.63 -1.02
C LYS A 400 11.74 -13.49 -1.68
N ARG A 401 11.26 -13.69 -2.90
CA ARG A 401 10.46 -12.65 -3.56
C ARG A 401 9.20 -12.34 -2.77
N LEU A 402 8.50 -13.38 -2.32
CA LEU A 402 7.28 -13.19 -1.55
C LEU A 402 7.58 -12.52 -0.22
N GLU A 403 8.67 -12.91 0.44
CA GLU A 403 9.03 -12.29 1.71
C GLU A 403 9.35 -10.81 1.53
N ASN A 404 10.08 -10.47 0.47
CA ASN A 404 10.38 -9.07 0.19
C ASN A 404 9.11 -8.30 -0.11
N LEU A 405 8.19 -8.90 -0.86
CA LEU A 405 6.92 -8.25 -1.14
C LEU A 405 6.16 -7.94 0.14
N ASN A 406 6.05 -8.93 1.03
CA ASN A 406 5.34 -8.72 2.29
C ASN A 406 6.00 -7.63 3.11
N LYS A 407 7.33 -7.69 3.24
CA LYS A 407 8.05 -6.72 4.05
C LYS A 407 7.88 -5.31 3.50
N LYS A 408 7.99 -5.15 2.19
CA LYS A 408 7.83 -3.83 1.58
C LYS A 408 6.42 -3.31 1.78
N MET A 409 5.41 -4.18 1.66
CA MET A 409 4.03 -3.75 1.85
C MET A 409 3.81 -3.23 3.26
N GLU A 410 4.21 -4.01 4.27
CA GLU A 410 4.00 -3.58 5.65
C GLU A 410 4.76 -2.30 5.96
N ASP A 411 6.03 -2.21 5.53
CA ASP A 411 6.80 -1.01 5.80
C ASP A 411 6.21 0.21 5.11
N GLY A 412 5.75 0.06 3.88
CA GLY A 412 5.15 1.18 3.17
C GLY A 412 3.89 1.67 3.83
N PHE A 413 3.01 0.76 4.24
CA PHE A 413 1.79 1.19 4.91
C PHE A 413 2.09 1.87 6.23
N LEU A 414 3.06 1.35 6.98
CA LEU A 414 3.46 2.00 8.23
C LEU A 414 3.98 3.40 7.97
N ASP A 415 4.81 3.58 6.93
CA ASP A 415 5.33 4.91 6.63
C ASP A 415 4.23 5.87 6.23
N VAL A 416 3.29 5.41 5.41
CA VAL A 416 2.17 6.26 4.99
C VAL A 416 1.38 6.73 6.20
N TRP A 417 1.07 5.81 7.11
CA TRP A 417 0.22 6.19 8.24
C TRP A 417 0.97 7.05 9.25
N THR A 418 2.28 6.83 9.41
CA THR A 418 3.07 7.71 10.27
C THR A 418 3.09 9.12 9.71
N TYR A 419 3.27 9.26 8.40
CA TYR A 419 3.23 10.57 7.76
C TYR A 419 1.89 11.25 7.98
N ASN A 420 0.80 10.50 7.79
CA ASN A 420 -0.52 11.07 7.97
C ASN A 420 -0.72 11.59 9.39
N ALA A 421 -0.35 10.77 10.39
CA ALA A 421 -0.56 11.18 11.78
C ALA A 421 0.25 12.42 12.12
N GLU A 422 1.53 12.44 11.72
CA GLU A 422 2.38 13.59 12.04
C GLU A 422 1.86 14.86 11.39
N LEU A 423 1.52 14.79 10.10
CA LEU A 423 1.03 15.99 9.41
C LEU A 423 -0.27 16.49 10.03
N LEU A 424 -1.17 15.57 10.37
CA LEU A 424 -2.43 15.98 10.99
C LEU A 424 -2.19 16.70 12.31
N VAL A 425 -1.29 16.18 13.14
CA VAL A 425 -1.02 16.84 14.42
C VAL A 425 -0.43 18.23 14.19
N LEU A 426 0.50 18.34 13.25
CA LEU A 426 1.12 19.64 12.96
C LEU A 426 0.07 20.68 12.55
N MET A 427 -0.77 20.31 11.58
CA MET A 427 -1.78 21.24 11.10
C MET A 427 -2.79 21.58 12.20
N GLU A 428 -3.14 20.59 13.04
CA GLU A 428 -4.05 20.85 14.14
C GLU A 428 -3.47 21.88 15.09
N ASN A 429 -2.19 21.76 15.41
CA ASN A 429 -1.56 22.72 16.32
C ASN A 429 -1.57 24.12 15.73
N GLU A 430 -1.19 24.23 14.46
CA GLU A 430 -1.18 25.54 13.79
C GLU A 430 -2.56 26.19 13.86
N ARG A 431 -3.58 25.44 13.45
CA ARG A 431 -4.91 26.02 13.37
C ARG A 431 -5.49 26.29 14.75
N THR A 432 -5.12 25.51 15.77
CA THR A 432 -5.62 25.76 17.11
C THR A 432 -5.03 27.04 17.68
N LEU A 433 -3.73 27.25 17.51
CA LEU A 433 -3.12 28.49 18.00
C LEU A 433 -3.70 29.71 17.30
N ASP A 434 -3.84 29.64 15.97
CA ASP A 434 -4.46 30.74 15.24
C ASP A 434 -5.91 30.95 15.68
N PHE A 435 -6.63 29.86 15.96
CA PHE A 435 -8.00 29.96 16.44
C PHE A 435 -8.07 30.75 17.73
N HIS A 436 -7.18 30.44 18.67
CA HIS A 436 -7.23 31.14 19.95
C HIS A 436 -6.92 32.62 19.79
N ASP A 437 -5.90 32.94 18.99
CA ASP A 437 -5.59 34.34 18.74
C ASP A 437 -6.78 35.07 18.11
N SER A 438 -7.39 34.44 17.10
CA SER A 438 -8.52 35.07 16.42
C SER A 438 -9.71 35.26 17.35
N ASN A 439 -9.95 34.31 18.24
CA ASN A 439 -11.07 34.44 19.16
C ASN A 439 -10.86 35.58 20.14
N VAL A 440 -9.64 35.73 20.65
CA VAL A 440 -9.38 36.87 21.53
C VAL A 440 -9.57 38.19 20.78
N LYS A 441 -9.05 38.26 19.54
CA LYS A 441 -9.23 39.47 18.76
C LYS A 441 -10.71 39.74 18.47
N ASN A 442 -11.48 38.68 18.24
CA ASN A 442 -12.90 38.83 17.95
C ASN A 442 -13.63 39.38 19.16
N LEU A 443 -13.31 38.89 20.35
CA LEU A 443 -13.94 39.43 21.55
C LEU A 443 -13.58 40.90 21.74
N TYR A 444 -12.32 41.26 21.52
CA TYR A 444 -11.92 42.67 21.65
C TYR A 444 -12.65 43.54 20.63
N ASP A 445 -12.75 43.04 19.40
CA ASP A 445 -13.45 43.80 18.35
C ASP A 445 -14.92 43.97 18.69
N LYS A 446 -15.54 42.95 19.26
CA LYS A 446 -16.94 43.06 19.67
C LYS A 446 -17.10 44.10 20.77
N VAL A 447 -16.18 44.13 21.73
CA VAL A 447 -16.28 45.13 22.79
C VAL A 447 -16.12 46.53 22.22
N ARG A 448 -15.13 46.72 21.34
CA ARG A 448 -14.93 48.03 20.71
C ARG A 448 -16.14 48.43 19.87
N MET A 449 -16.68 47.48 19.12
CA MET A 449 -17.86 47.72 18.30
C MET A 449 -19.05 48.18 19.14
N GLN A 450 -19.38 47.43 20.19
CA GLN A 450 -20.51 47.83 21.02
C GLN A 450 -20.23 49.15 21.72
N LEU A 451 -18.96 49.41 22.06
CA LEU A 451 -18.59 50.67 22.69
C LEU A 451 -18.82 51.86 21.77
N ARG A 452 -18.88 51.64 20.46
CA ARG A 452 -18.99 52.71 19.47
C ARG A 452 -17.83 53.70 19.60
N ASP A 453 -18.08 54.86 20.21
CA ASP A 453 -17.05 55.87 20.38
C ASP A 453 -17.05 56.47 21.77
N ASN A 454 -17.64 55.78 22.75
CA ASN A 454 -17.71 56.29 24.13
C ASN A 454 -16.53 55.82 24.96
N ALA A 455 -15.31 55.94 24.43
CA ALA A 455 -14.09 55.60 25.15
C ALA A 455 -12.88 55.99 24.33
N LYS A 456 -11.79 56.25 25.02
CA LYS A 456 -10.50 56.49 24.40
C LYS A 456 -9.61 55.27 24.65
N GLU A 457 -9.24 54.57 23.58
CA GLU A 457 -8.42 53.38 23.72
C GLU A 457 -7.01 53.75 24.15
N LEU A 458 -6.52 53.08 25.20
CA LEU A 458 -5.16 53.29 25.64
C LEU A 458 -4.14 52.60 24.74
N GLY A 459 -4.58 51.63 23.94
CA GLY A 459 -3.72 50.89 23.05
C GLY A 459 -3.29 49.53 23.58
N ASN A 460 -3.06 49.41 24.89
CA ASN A 460 -2.51 48.19 25.45
C ASN A 460 -3.50 47.04 25.45
N GLY A 461 -4.62 47.17 24.76
CA GLY A 461 -5.62 46.13 24.66
C GLY A 461 -6.97 46.49 25.23
N CYS A 462 -7.13 47.69 25.78
CA CYS A 462 -8.41 48.04 26.39
C CYS A 462 -8.57 49.56 26.44
N PHE A 463 -9.83 49.97 26.61
CA PHE A 463 -10.19 51.39 26.55
C PHE A 463 -10.89 51.80 27.84
N GLU A 464 -10.65 53.06 28.22
CA GLU A 464 -11.26 53.66 29.40
C GLU A 464 -12.52 54.42 29.00
N PHE A 465 -13.63 54.08 29.64
CA PHE A 465 -14.92 54.64 29.24
C PHE A 465 -14.93 56.16 29.41
N TYR A 466 -15.43 56.85 28.40
CA TYR A 466 -15.66 58.29 28.52
C TYR A 466 -16.83 58.58 29.45
N HIS A 467 -17.81 57.68 29.48
CA HIS A 467 -18.99 57.81 30.34
C HIS A 467 -18.76 57.03 31.63
N LYS A 468 -19.10 57.64 32.75
CA LYS A 468 -18.89 57.01 34.04
C LYS A 468 -20.08 56.09 34.35
N CYS A 469 -19.84 54.79 34.29
CA CYS A 469 -20.86 53.79 34.57
C CYS A 469 -20.58 53.14 35.92
N ASP A 470 -21.41 52.16 36.27
CA ASP A 470 -21.32 51.49 37.56
C ASP A 470 -21.27 49.98 37.36
N ASP A 471 -21.41 49.24 38.46
CA ASP A 471 -21.33 47.78 38.38
C ASP A 471 -22.41 47.21 37.47
N GLU A 472 -23.63 47.75 37.55
CA GLU A 472 -24.72 47.22 36.73
C GLU A 472 -24.50 47.53 35.26
N CYS A 473 -24.16 48.78 34.93
CA CYS A 473 -23.94 49.15 33.53
C CYS A 473 -22.77 48.38 32.94
N MET A 474 -21.68 48.25 33.70
CA MET A 474 -20.50 47.57 33.20
C MET A 474 -20.72 46.06 33.11
N ASN A 475 -21.53 45.50 34.01
CA ASN A 475 -21.96 44.12 33.87
C ASN A 475 -22.78 43.95 32.60
N SER A 476 -23.66 44.90 32.30
CA SER A 476 -24.43 44.83 31.07
C SER A 476 -23.52 44.88 29.84
N VAL A 477 -22.50 45.74 29.89
CA VAL A 477 -21.50 45.78 28.82
C VAL A 477 -20.82 44.43 28.68
N LYS A 478 -20.54 43.78 29.81
CA LYS A 478 -19.97 42.43 29.78
C LYS A 478 -20.90 41.45 29.09
N ASN A 479 -22.21 41.53 29.40
CA ASN A 479 -23.17 40.59 28.83
C ASN A 479 -23.45 40.88 27.37
N GLY A 480 -23.33 42.14 26.95
CA GLY A 480 -23.61 42.50 25.58
C GLY A 480 -24.93 43.23 25.41
N THR A 481 -25.23 44.14 26.34
CA THR A 481 -26.46 44.93 26.32
C THR A 481 -26.14 46.40 26.58
N TYR A 482 -25.12 46.92 25.89
CA TYR A 482 -24.73 48.31 26.05
C TYR A 482 -25.60 49.19 25.17
N ASP A 483 -26.29 50.16 25.78
CA ASP A 483 -27.23 51.03 25.07
C ASP A 483 -26.60 52.39 24.85
N TYR A 484 -26.35 52.73 23.59
CA TYR A 484 -25.85 54.06 23.26
C TYR A 484 -26.84 55.17 23.59
N PRO A 485 -28.12 55.10 23.21
CA PRO A 485 -29.01 56.25 23.44
C PRO A 485 -29.26 56.57 24.91
N LYS A 486 -29.06 55.62 25.82
CA LYS A 486 -29.36 55.88 27.22
C LYS A 486 -28.35 56.82 27.85
N TYR A 487 -27.08 56.68 27.49
CA TYR A 487 -26.00 57.31 28.24
C TYR A 487 -25.03 57.98 27.29
N GLU A 488 -25.56 58.74 26.33
CA GLU A 488 -24.72 59.40 25.34
C GLU A 488 -24.52 60.88 25.61
N GLU A 489 -25.50 61.56 26.21
CA GLU A 489 -25.38 63.00 26.41
C GLU A 489 -24.32 63.33 27.44
N GLU A 490 -24.32 62.62 28.57
CA GLU A 490 -23.28 62.85 29.58
C GLU A 490 -21.90 62.48 29.04
N SER A 491 -21.84 61.42 28.23
CA SER A 491 -20.56 61.05 27.61
C SER A 491 -20.06 62.16 26.70
N LYS A 492 -20.95 62.73 25.89
CA LYS A 492 -20.55 63.83 25.01
C LYS A 492 -20.09 65.03 25.82
N LEU A 493 -20.83 65.35 26.89
CA LEU A 493 -20.44 66.48 27.74
C LEU A 493 -19.07 66.26 28.35
N ASN A 494 -18.81 65.03 28.84
CA ASN A 494 -17.51 64.74 29.42
C ASN A 494 -16.39 64.81 28.38
N ARG A 495 -16.64 64.27 27.18
CA ARG A 495 -15.63 64.33 26.13
C ARG A 495 -15.41 65.73 25.62
N ASN A 496 -16.37 66.64 25.85
CA ASN A 496 -16.16 68.04 25.48
C ASN A 496 -15.03 68.67 26.30
N GLU A 497 -14.81 68.18 27.51
CA GLU A 497 -13.76 68.71 28.38
C GLU A 497 -12.38 68.35 27.84
N ASP B 1 -30.39 58.55 4.63
CA ASP B 1 -29.38 58.07 3.70
C ASP B 1 -28.42 57.12 4.38
N GLN B 2 -28.42 55.85 3.95
CA GLN B 2 -27.54 54.85 4.55
C GLN B 2 -27.50 53.63 3.64
N ILE B 3 -26.34 52.98 3.61
CA ILE B 3 -26.16 51.73 2.89
C ILE B 3 -25.91 50.64 3.93
N CYS B 4 -25.84 49.39 3.47
CA CYS B 4 -25.52 48.28 4.34
C CYS B 4 -24.82 47.18 3.56
N ILE B 5 -24.12 46.30 4.29
CA ILE B 5 -23.33 45.22 3.72
C ILE B 5 -23.72 43.91 4.38
N GLY B 6 -23.89 42.88 3.59
CA GLY B 6 -24.32 41.59 4.09
C GLY B 6 -24.14 40.48 3.08
N TYR B 7 -24.88 39.39 3.28
CA TYR B 7 -24.78 38.22 2.41
C TYR B 7 -26.18 37.69 2.14
N HIS B 8 -26.24 36.54 1.49
CA HIS B 8 -27.47 35.96 0.94
C HIS B 8 -27.93 34.82 1.83
N SER B 9 -29.21 34.82 2.18
CA SER B 9 -29.83 33.74 2.95
C SER B 9 -31.07 33.23 2.22
N ASN B 10 -31.37 31.95 2.41
CA ASN B 10 -32.51 31.32 1.78
C ASN B 10 -33.00 30.21 2.69
N ASN B 11 -33.77 29.27 2.14
CA ASN B 11 -34.44 28.24 2.93
C ASN B 11 -33.98 26.82 2.58
N SER B 12 -32.74 26.66 2.13
CA SER B 12 -32.21 25.33 1.87
C SER B 12 -31.97 24.58 3.19
N THR B 13 -31.91 23.26 3.11
CA THR B 13 -31.76 22.40 4.27
C THR B 13 -30.70 21.32 3.98
N GLU B 14 -29.54 21.77 3.51
CA GLU B 14 -28.40 20.90 3.28
C GLU B 14 -27.38 21.05 4.39
N LYS B 15 -26.88 19.93 4.90
CA LYS B 15 -25.95 19.92 6.03
C LYS B 15 -24.59 19.41 5.60
N VAL B 16 -23.54 20.07 6.08
CA VAL B 16 -22.15 19.70 5.79
C VAL B 16 -21.42 19.48 7.11
N ASP B 17 -20.27 18.84 7.01
CA ASP B 17 -19.44 18.51 8.17
C ASP B 17 -18.12 19.27 8.09
N THR B 18 -17.59 19.61 9.26
CA THR B 18 -16.36 20.37 9.39
C THR B 18 -15.54 19.82 10.53
N ILE B 19 -14.24 20.09 10.50
CA ILE B 19 -13.34 19.55 11.51
C ILE B 19 -13.57 20.14 12.89
N LEU B 20 -14.27 21.27 12.97
CA LEU B 20 -14.52 21.94 14.23
C LEU B 20 -15.97 21.88 14.68
N GLU B 21 -16.89 21.56 13.78
CA GLU B 21 -18.31 21.53 14.10
C GLU B 21 -19.01 20.61 13.12
N ARG B 22 -20.03 19.92 13.59
CA ARG B 22 -20.75 18.95 12.78
C ARG B 22 -22.18 19.41 12.53
N ASN B 23 -22.71 19.04 11.36
CA ASN B 23 -24.08 19.33 10.94
C ASN B 23 -24.34 20.83 10.90
N VAL B 24 -23.64 21.49 9.98
CA VAL B 24 -23.79 22.91 9.72
C VAL B 24 -24.73 23.10 8.53
N THR B 25 -25.68 24.01 8.67
CA THR B 25 -26.62 24.31 7.59
C THR B 25 -26.01 25.32 6.63
N VAL B 26 -26.05 25.01 5.34
CA VAL B 26 -25.49 25.87 4.31
C VAL B 26 -26.53 26.10 3.22
N THR B 27 -26.27 27.10 2.39
CA THR B 27 -27.21 27.47 1.34
C THR B 27 -27.10 26.54 0.14
N HIS B 28 -25.93 26.50 -0.49
CA HIS B 28 -25.69 25.68 -1.66
C HIS B 28 -24.68 24.59 -1.33
N ALA B 29 -25.00 23.36 -1.71
CA ALA B 29 -24.13 22.22 -1.46
C ALA B 29 -24.12 21.33 -2.68
N GLN B 30 -23.04 20.58 -2.83
CA GLN B 30 -22.87 19.66 -3.94
C GLN B 30 -22.52 18.28 -3.39
N ASP B 31 -23.22 17.26 -3.88
CA ASP B 31 -22.97 15.89 -3.47
C ASP B 31 -21.96 15.25 -4.41
N LEU B 32 -21.09 14.41 -3.85
CA LEU B 32 -20.08 13.73 -4.63
C LEU B 32 -20.14 12.21 -4.53
N LEU B 33 -21.15 11.66 -3.86
CA LEU B 33 -21.25 10.23 -3.62
C LEU B 33 -22.57 9.69 -4.18
N GLU B 34 -22.50 8.54 -4.82
CA GLU B 34 -23.66 7.85 -5.35
C GLU B 34 -23.92 6.61 -4.50
N LYS B 35 -25.15 6.45 -4.03
CA LYS B 35 -25.52 5.35 -3.15
C LYS B 35 -26.81 4.70 -3.59
N THR B 36 -26.96 4.44 -4.89
CA THR B 36 -28.16 3.80 -5.40
C THR B 36 -27.82 2.93 -6.60
N HIS B 37 -28.51 1.81 -6.74
CA HIS B 37 -28.37 0.93 -7.88
C HIS B 37 -29.70 0.25 -8.15
N ASN B 38 -29.87 -0.25 -9.38
CA ASN B 38 -31.13 -0.85 -9.76
C ASN B 38 -31.25 -2.31 -9.36
N GLY B 39 -30.18 -2.91 -8.82
CA GLY B 39 -30.27 -4.29 -8.38
C GLY B 39 -30.44 -5.30 -9.49
N LYS B 40 -30.02 -4.96 -10.70
CA LYS B 40 -30.17 -5.83 -11.85
C LYS B 40 -28.83 -6.07 -12.51
N LEU B 41 -28.68 -7.26 -13.10
CA LEU B 41 -27.51 -7.63 -13.88
C LEU B 41 -27.90 -7.59 -15.35
N CYS B 42 -27.18 -6.82 -16.15
CA CYS B 42 -27.62 -6.59 -17.52
C CYS B 42 -26.47 -6.05 -18.36
N LYS B 43 -26.77 -5.81 -19.64
CA LYS B 43 -25.77 -5.69 -20.69
C LYS B 43 -24.85 -4.49 -20.51
N LEU B 44 -23.60 -4.65 -20.93
CA LEU B 44 -22.58 -3.62 -20.89
C LEU B 44 -22.31 -3.15 -22.32
N ASN B 45 -22.78 -1.96 -22.66
CA ASN B 45 -22.57 -1.35 -23.98
C ASN B 45 -23.13 -2.24 -25.09
N GLY B 46 -24.26 -2.88 -24.83
CA GLY B 46 -24.96 -3.64 -25.84
C GLY B 46 -24.50 -5.06 -26.06
N ILE B 47 -23.49 -5.52 -25.33
CA ILE B 47 -22.99 -6.89 -25.45
C ILE B 47 -23.40 -7.65 -24.19
N PRO B 48 -24.23 -8.69 -24.29
CA PRO B 48 -24.68 -9.39 -23.10
C PRO B 48 -23.53 -10.16 -22.46
N PRO B 49 -23.59 -10.38 -21.15
CA PRO B 49 -22.57 -11.21 -20.50
C PRO B 49 -22.81 -12.69 -20.73
N LEU B 50 -21.82 -13.47 -20.33
CA LEU B 50 -21.89 -14.93 -20.40
C LEU B 50 -22.46 -15.46 -19.09
N GLU B 51 -23.60 -16.14 -19.17
CA GLU B 51 -24.27 -16.69 -18.00
C GLU B 51 -23.96 -18.17 -17.92
N LEU B 52 -23.17 -18.56 -16.92
CA LEU B 52 -22.82 -19.96 -16.76
C LEU B 52 -23.88 -20.75 -16.00
N GLY B 53 -24.80 -20.08 -15.34
CA GLY B 53 -25.83 -20.76 -14.59
C GLY B 53 -25.30 -21.55 -13.43
N ASP B 54 -25.53 -22.86 -13.43
CA ASP B 54 -25.04 -23.75 -12.39
C ASP B 54 -23.76 -24.47 -12.82
N CYS B 55 -22.93 -23.82 -13.63
CA CYS B 55 -21.73 -24.43 -14.18
C CYS B 55 -20.50 -23.60 -13.82
N SER B 56 -19.38 -24.29 -13.68
CA SER B 56 -18.09 -23.66 -13.43
C SER B 56 -17.33 -23.49 -14.73
N ILE B 57 -16.19 -22.80 -14.64
CA ILE B 57 -15.37 -22.57 -15.82
C ILE B 57 -14.83 -23.88 -16.35
N ALA B 58 -14.39 -24.76 -15.45
CA ALA B 58 -13.91 -26.07 -15.88
C ALA B 58 -15.00 -26.88 -16.55
N GLY B 59 -16.23 -26.81 -16.03
CA GLY B 59 -17.33 -27.52 -16.66
C GLY B 59 -17.65 -27.01 -18.04
N TRP B 60 -17.59 -25.70 -18.23
CA TRP B 60 -17.82 -25.12 -19.55
C TRP B 60 -16.73 -25.51 -20.53
N LEU B 61 -15.47 -25.46 -20.09
CA LEU B 61 -14.36 -25.71 -21.01
C LEU B 61 -14.20 -27.19 -21.33
N LEU B 62 -14.49 -28.08 -20.38
CA LEU B 62 -14.35 -29.51 -20.64
C LEU B 62 -15.62 -30.14 -21.21
N GLY B 63 -16.72 -29.41 -21.27
CA GLY B 63 -17.94 -29.93 -21.87
C GLY B 63 -18.73 -30.88 -20.99
N ASN B 64 -19.22 -30.37 -19.86
CA ASN B 64 -20.07 -31.17 -19.00
C ASN B 64 -21.40 -31.44 -19.69
N PRO B 65 -21.97 -32.63 -19.52
CA PRO B 65 -23.27 -32.90 -20.16
C PRO B 65 -24.39 -32.01 -19.66
N GLU B 66 -24.27 -31.47 -18.44
CA GLU B 66 -25.28 -30.55 -17.94
C GLU B 66 -25.16 -29.16 -18.54
N CYS B 67 -23.95 -28.73 -18.87
CA CYS B 67 -23.74 -27.42 -19.49
C CYS B 67 -23.71 -27.56 -21.01
N ASP B 68 -24.80 -28.10 -21.55
CA ASP B 68 -24.90 -28.34 -22.99
C ASP B 68 -25.37 -27.12 -23.76
N ARG B 69 -25.75 -26.05 -23.08
CA ARG B 69 -26.16 -24.82 -23.76
C ARG B 69 -25.00 -23.88 -24.04
N LEU B 70 -23.80 -24.20 -23.57
CA LEU B 70 -22.62 -23.37 -23.78
C LEU B 70 -21.66 -23.99 -24.79
N LEU B 71 -22.13 -24.91 -25.62
CA LEU B 71 -21.27 -25.50 -26.65
C LEU B 71 -20.83 -24.44 -27.66
N THR B 72 -21.74 -23.54 -28.03
CA THR B 72 -21.41 -22.38 -28.84
C THR B 72 -21.78 -21.13 -28.07
N VAL B 73 -20.84 -20.20 -27.96
CA VAL B 73 -21.02 -19.03 -27.11
C VAL B 73 -20.60 -17.78 -27.87
N PRO B 74 -21.46 -16.77 -27.97
CA PRO B 74 -21.08 -15.53 -28.68
C PRO B 74 -20.17 -14.63 -27.86
N GLU B 75 -19.89 -13.44 -28.38
CA GLU B 75 -19.07 -12.47 -27.67
C GLU B 75 -19.72 -12.07 -26.36
N TRP B 76 -18.90 -11.71 -25.38
CA TRP B 76 -19.41 -11.35 -24.06
C TRP B 76 -18.65 -10.13 -23.54
N SER B 77 -19.14 -9.58 -22.44
CA SER B 77 -18.50 -8.48 -21.76
C SER B 77 -17.97 -8.84 -20.38
N TYR B 78 -18.60 -9.77 -19.69
CA TYR B 78 -18.11 -10.30 -18.43
C TYR B 78 -18.75 -11.66 -18.21
N ILE B 79 -18.23 -12.40 -17.24
CA ILE B 79 -18.66 -13.76 -16.96
C ILE B 79 -19.38 -13.79 -15.63
N MET B 80 -20.54 -14.46 -15.60
CA MET B 80 -21.31 -14.65 -14.38
C MET B 80 -21.08 -16.06 -13.85
N GLU B 81 -20.62 -16.15 -12.61
CA GLU B 81 -20.35 -17.43 -11.97
C GLU B 81 -20.84 -17.39 -10.53
N LYS B 82 -21.22 -18.55 -10.03
CA LYS B 82 -21.67 -18.66 -8.65
C LYS B 82 -20.51 -19.00 -7.73
N GLU B 83 -20.70 -18.76 -6.43
CA GLU B 83 -19.65 -19.05 -5.46
C GLU B 83 -19.38 -20.54 -5.37
N ASN B 84 -20.42 -21.36 -5.35
CA ASN B 84 -20.28 -22.81 -5.24
C ASN B 84 -21.11 -23.46 -6.36
N PRO B 85 -20.55 -23.53 -7.57
CA PRO B 85 -21.29 -24.13 -8.68
C PRO B 85 -21.57 -25.60 -8.45
N ARG B 86 -22.67 -26.07 -9.03
CA ARG B 86 -23.07 -27.46 -8.87
C ARG B 86 -22.37 -28.36 -9.88
N ASN B 87 -22.54 -28.08 -11.16
CA ASN B 87 -21.97 -28.91 -12.22
C ASN B 87 -20.57 -28.39 -12.56
N GLY B 88 -19.56 -29.06 -12.01
CA GLY B 88 -18.18 -28.77 -12.36
C GLY B 88 -17.52 -29.95 -13.02
N LEU B 89 -16.63 -30.62 -12.30
CA LEU B 89 -16.02 -31.85 -12.77
C LEU B 89 -16.92 -33.01 -12.38
N CYS B 90 -17.70 -33.51 -13.35
CA CYS B 90 -18.60 -34.62 -13.08
C CYS B 90 -17.83 -35.85 -12.64
N TYR B 91 -16.78 -36.19 -13.36
CA TYR B 91 -15.86 -37.23 -12.90
C TYR B 91 -14.88 -36.62 -11.91
N PRO B 92 -14.74 -37.17 -10.70
CA PRO B 92 -13.93 -36.52 -9.68
C PRO B 92 -12.48 -36.41 -10.10
N GLY B 93 -11.83 -35.34 -9.65
CA GLY B 93 -10.44 -35.12 -9.99
C GLY B 93 -10.01 -33.71 -9.68
N SER B 94 -8.97 -33.27 -10.37
CA SER B 94 -8.35 -31.97 -10.10
C SER B 94 -8.00 -31.29 -11.41
N PHE B 95 -7.73 -29.99 -11.30
CA PHE B 95 -7.38 -29.14 -12.44
C PHE B 95 -6.13 -28.36 -12.08
N ASN B 96 -5.04 -28.62 -12.78
CA ASN B 96 -3.76 -28.01 -12.45
C ASN B 96 -3.73 -26.55 -12.91
N ASP B 97 -3.32 -25.66 -12.00
CA ASP B 97 -3.19 -24.23 -12.28
C ASP B 97 -4.53 -23.63 -12.74
N TYR B 98 -5.58 -23.92 -11.97
CA TYR B 98 -6.90 -23.43 -12.30
C TYR B 98 -6.98 -21.90 -12.19
N GLU B 99 -6.39 -21.35 -11.14
CA GLU B 99 -6.49 -19.91 -10.92
C GLU B 99 -5.71 -19.11 -11.95
N GLU B 100 -4.57 -19.63 -12.43
CA GLU B 100 -3.85 -18.97 -13.51
C GLU B 100 -4.68 -18.95 -14.79
N LEU B 101 -5.38 -20.04 -15.08
CA LEU B 101 -6.26 -20.05 -16.25
C LEU B 101 -7.40 -19.05 -16.10
N LYS B 102 -7.95 -18.93 -14.90
CA LYS B 102 -8.99 -17.94 -14.68
C LYS B 102 -8.46 -16.53 -14.85
N HIS B 103 -7.24 -16.27 -14.37
CA HIS B 103 -6.64 -14.95 -14.57
C HIS B 103 -6.43 -14.66 -16.05
N LEU B 104 -6.00 -15.66 -16.82
CA LEU B 104 -5.86 -15.48 -18.25
C LEU B 104 -7.20 -15.18 -18.91
N LEU B 105 -8.25 -15.90 -18.50
CA LEU B 105 -9.58 -15.66 -19.05
C LEU B 105 -10.15 -14.31 -18.64
N SER B 106 -9.63 -13.71 -17.56
CA SER B 106 -10.17 -12.45 -17.10
C SER B 106 -10.02 -11.32 -18.12
N SER B 107 -9.16 -11.49 -19.12
CA SER B 107 -8.96 -10.47 -20.15
C SER B 107 -9.11 -11.08 -21.54
N VAL B 108 -10.02 -12.03 -21.70
CA VAL B 108 -10.24 -12.70 -22.98
C VAL B 108 -11.73 -12.71 -23.29
N THR B 109 -12.09 -12.12 -24.41
CA THR B 109 -13.42 -12.18 -24.98
C THR B 109 -13.47 -13.35 -25.97
N HIS B 110 -14.41 -13.32 -26.92
CA HIS B 110 -14.85 -14.44 -27.74
C HIS B 110 -13.81 -15.50 -28.07
N PHE B 111 -14.16 -16.76 -27.85
CA PHE B 111 -13.37 -17.92 -28.26
C PHE B 111 -13.82 -18.40 -29.63
N GLU B 112 -13.21 -19.50 -30.08
CA GLU B 112 -13.62 -20.13 -31.33
C GLU B 112 -13.13 -21.57 -31.28
N LYS B 113 -14.06 -22.52 -31.13
CA LYS B 113 -13.69 -23.92 -31.03
C LYS B 113 -13.16 -24.43 -32.37
N VAL B 114 -11.99 -25.06 -32.32
CA VAL B 114 -11.35 -25.65 -33.50
C VAL B 114 -11.16 -27.14 -33.24
N LYS B 115 -11.63 -27.97 -34.16
CA LYS B 115 -11.50 -29.41 -34.05
C LYS B 115 -10.09 -29.80 -34.48
N ILE B 116 -9.20 -29.99 -33.51
CA ILE B 116 -7.79 -30.23 -33.82
C ILE B 116 -7.50 -31.71 -34.01
N LEU B 117 -8.04 -32.57 -33.16
CA LEU B 117 -7.85 -34.01 -33.26
C LEU B 117 -9.22 -34.68 -33.32
N PRO B 118 -9.71 -35.01 -34.51
CA PRO B 118 -11.04 -35.62 -34.61
C PRO B 118 -11.11 -36.93 -33.86
N LYS B 119 -12.34 -37.35 -33.58
CA LYS B 119 -12.55 -38.58 -32.82
C LYS B 119 -12.39 -39.83 -33.69
N ASP B 120 -12.39 -39.69 -35.01
CA ASP B 120 -12.36 -40.85 -35.90
C ASP B 120 -10.96 -41.31 -36.25
N ARG B 121 -9.92 -40.52 -35.98
CA ARG B 121 -8.58 -40.92 -36.33
C ARG B 121 -8.02 -42.02 -35.44
N TRP B 122 -8.54 -42.15 -34.21
CA TRP B 122 -8.10 -43.19 -33.30
C TRP B 122 -8.76 -44.50 -33.75
N THR B 123 -8.21 -45.08 -34.81
CA THR B 123 -8.76 -46.30 -35.37
C THR B 123 -8.25 -47.56 -34.70
N GLN B 124 -7.34 -47.43 -33.73
CA GLN B 124 -6.79 -48.58 -33.02
C GLN B 124 -7.19 -48.60 -31.55
N HIS B 125 -8.17 -47.80 -31.15
CA HIS B 125 -8.60 -47.72 -29.77
C HIS B 125 -10.11 -47.56 -29.71
N THR B 126 -10.67 -47.81 -28.53
CA THR B 126 -12.09 -47.61 -28.29
C THR B 126 -12.29 -46.21 -27.72
N THR B 127 -13.13 -45.42 -28.39
CA THR B 127 -13.36 -44.03 -28.02
C THR B 127 -14.73 -43.80 -27.41
N THR B 128 -15.48 -44.86 -27.11
CA THR B 128 -16.85 -44.74 -26.62
C THR B 128 -16.95 -44.89 -25.11
N GLY B 129 -15.87 -44.63 -24.38
CA GLY B 129 -15.91 -44.76 -22.94
C GLY B 129 -16.80 -43.72 -22.30
N GLY B 130 -17.30 -44.05 -21.11
CA GLY B 130 -18.18 -43.16 -20.39
C GLY B 130 -18.34 -43.61 -18.97
N SER B 131 -18.89 -42.72 -18.15
CA SER B 131 -19.07 -42.98 -16.73
C SER B 131 -20.48 -42.57 -16.32
N ARG B 132 -20.93 -43.14 -15.20
CA ARG B 132 -22.23 -42.79 -14.65
C ARG B 132 -22.19 -41.53 -13.79
N ALA B 133 -21.00 -40.98 -13.52
CA ALA B 133 -20.91 -39.70 -12.85
C ALA B 133 -21.44 -38.59 -13.75
N CYS B 134 -21.15 -38.68 -15.05
CA CYS B 134 -21.70 -37.79 -16.06
C CYS B 134 -22.68 -38.62 -16.90
N ALA B 135 -23.92 -38.71 -16.44
CA ALA B 135 -24.92 -39.57 -17.05
C ALA B 135 -26.05 -38.71 -17.60
N VAL B 136 -26.45 -38.98 -18.84
CA VAL B 136 -27.58 -38.32 -19.47
C VAL B 136 -28.66 -39.37 -19.71
N SER B 137 -29.88 -39.09 -19.24
CA SER B 137 -31.02 -39.98 -19.39
C SER B 137 -30.73 -41.39 -18.89
N GLY B 138 -29.91 -41.50 -17.85
CA GLY B 138 -29.57 -42.77 -17.24
C GLY B 138 -28.33 -43.47 -17.76
N ASN B 139 -28.15 -43.51 -19.07
CA ASN B 139 -27.00 -44.19 -19.65
C ASN B 139 -25.71 -43.42 -19.37
N PRO B 140 -24.57 -44.11 -19.33
CA PRO B 140 -23.30 -43.41 -19.12
C PRO B 140 -22.94 -42.50 -20.29
N SER B 141 -22.24 -41.42 -19.96
CA SER B 141 -21.75 -40.47 -20.95
C SER B 141 -20.38 -39.96 -20.50
N PHE B 142 -19.89 -38.92 -21.16
CA PHE B 142 -18.57 -38.38 -20.87
C PHE B 142 -18.57 -36.90 -21.19
N PHE B 143 -17.43 -36.25 -20.96
CA PHE B 143 -17.24 -34.87 -21.38
C PHE B 143 -17.37 -34.76 -22.90
N ARG B 144 -18.00 -33.68 -23.36
CA ARG B 144 -18.22 -33.52 -24.79
C ARG B 144 -16.98 -33.08 -25.54
N ASN B 145 -16.07 -32.38 -24.87
CA ASN B 145 -14.87 -31.84 -25.50
C ASN B 145 -13.65 -32.75 -25.36
N MET B 146 -13.79 -33.91 -24.73
CA MET B 146 -12.67 -34.80 -24.48
C MET B 146 -13.02 -36.21 -24.93
N VAL B 147 -11.98 -37.00 -25.19
CA VAL B 147 -12.12 -38.39 -25.65
C VAL B 147 -11.40 -39.29 -24.66
N TRP B 148 -12.08 -40.37 -24.26
CA TRP B 148 -11.51 -41.38 -23.37
C TRP B 148 -11.07 -42.57 -24.20
N LEU B 149 -9.76 -42.75 -24.34
CA LEU B 149 -9.20 -43.86 -25.10
C LEU B 149 -9.02 -45.06 -24.17
N THR B 150 -9.64 -46.17 -24.54
CA THR B 150 -9.44 -47.43 -23.86
C THR B 150 -8.95 -48.47 -24.85
N LYS B 151 -8.74 -49.67 -24.36
CA LYS B 151 -8.26 -50.77 -25.18
C LYS B 151 -9.31 -51.17 -26.21
N LYS B 152 -8.83 -51.78 -27.30
CA LYS B 152 -9.71 -52.37 -28.31
C LYS B 152 -9.29 -53.81 -28.50
N GLY B 153 -10.20 -54.74 -28.22
CA GLY B 153 -9.85 -56.13 -28.28
C GLY B 153 -9.03 -56.53 -27.06
N SER B 154 -7.73 -56.72 -27.25
CA SER B 154 -6.86 -57.04 -26.13
C SER B 154 -5.53 -56.31 -26.21
N ASN B 155 -5.40 -55.30 -27.06
CA ASN B 155 -4.16 -54.58 -27.24
C ASN B 155 -4.37 -53.08 -27.07
N TYR B 156 -3.32 -52.40 -26.62
CA TYR B 156 -3.29 -50.95 -26.52
C TYR B 156 -2.02 -50.46 -27.21
N PRO B 157 -2.07 -50.24 -28.51
CA PRO B 157 -0.90 -49.70 -29.21
C PRO B 157 -0.60 -48.28 -28.76
N VAL B 158 0.65 -47.87 -28.99
CA VAL B 158 1.07 -46.53 -28.63
C VAL B 158 0.23 -45.52 -29.40
N ALA B 159 -0.33 -44.55 -28.68
CA ALA B 159 -1.22 -43.56 -29.25
C ALA B 159 -0.45 -42.28 -29.50
N LYS B 160 -0.42 -41.83 -30.75
CA LYS B 160 0.30 -40.64 -31.15
C LYS B 160 -0.65 -39.65 -31.81
N GLY B 161 -0.41 -38.36 -31.58
CA GLY B 161 -1.20 -37.32 -32.18
C GLY B 161 -0.49 -35.98 -32.15
N SER B 162 -0.57 -35.22 -33.24
CA SER B 162 0.10 -33.93 -33.33
C SER B 162 -0.84 -32.92 -33.97
N TYR B 163 -0.62 -31.64 -33.63
CA TYR B 163 -1.35 -30.54 -34.24
C TYR B 163 -0.42 -29.35 -34.40
N ASN B 164 -0.48 -28.72 -35.58
CA ASN B 164 0.31 -27.54 -35.90
C ASN B 164 -0.61 -26.34 -35.97
N ASN B 165 -0.36 -25.33 -35.14
CA ASN B 165 -1.29 -24.21 -34.95
C ASN B 165 -1.17 -23.25 -36.12
N THR B 166 -2.02 -23.45 -37.13
CA THR B 166 -2.14 -22.53 -38.26
C THR B 166 -3.45 -21.77 -38.23
N SER B 167 -4.09 -21.69 -37.06
CA SER B 167 -5.40 -21.07 -36.97
C SER B 167 -5.33 -19.56 -37.13
N GLY B 168 -4.24 -18.93 -36.69
CA GLY B 168 -4.09 -17.49 -36.80
C GLY B 168 -4.03 -16.75 -35.48
N GLU B 169 -4.10 -17.44 -34.35
CA GLU B 169 -3.99 -16.80 -33.04
C GLU B 169 -3.59 -17.85 -32.02
N GLN B 170 -3.34 -17.40 -30.80
CA GLN B 170 -2.99 -18.31 -29.73
C GLN B 170 -4.18 -19.21 -29.38
N MET B 171 -3.89 -20.47 -29.09
CA MET B 171 -4.91 -21.50 -28.88
C MET B 171 -4.66 -22.21 -27.57
N LEU B 172 -5.73 -22.47 -26.83
CA LEU B 172 -5.67 -23.13 -25.53
C LEU B 172 -6.04 -24.60 -25.68
N VAL B 173 -5.17 -25.48 -25.20
CA VAL B 173 -5.35 -26.92 -25.30
C VAL B 173 -5.36 -27.52 -23.89
N ILE B 174 -6.29 -28.44 -23.65
CA ILE B 174 -6.46 -29.10 -22.36
C ILE B 174 -6.40 -30.61 -22.57
N TRP B 175 -5.63 -31.29 -21.73
CA TRP B 175 -5.53 -32.74 -21.75
C TRP B 175 -5.64 -33.26 -20.32
N GLY B 176 -5.76 -34.59 -20.18
CA GLY B 176 -5.92 -35.17 -18.86
C GLY B 176 -5.32 -36.55 -18.74
N VAL B 177 -5.16 -36.98 -17.49
CA VAL B 177 -4.63 -38.30 -17.14
C VAL B 177 -5.61 -38.96 -16.17
N HIS B 178 -5.62 -40.29 -16.16
CA HIS B 178 -6.57 -41.06 -15.37
C HIS B 178 -5.84 -41.88 -14.31
N HIS B 179 -6.38 -41.85 -13.09
CA HIS B 179 -5.83 -42.59 -11.96
C HIS B 179 -6.85 -43.62 -11.48
N PRO B 180 -6.67 -44.90 -11.80
CA PRO B 180 -7.62 -45.92 -11.31
C PRO B 180 -7.44 -46.20 -9.84
N ASN B 181 -8.28 -47.07 -9.26
CA ASN B 181 -8.19 -47.37 -7.84
C ASN B 181 -7.60 -48.74 -7.54
N ASP B 182 -7.22 -49.51 -8.55
CA ASP B 182 -6.61 -50.81 -8.31
C ASP B 182 -5.87 -51.24 -9.57
N GLU B 183 -4.99 -52.24 -9.40
CA GLU B 183 -4.28 -52.80 -10.55
C GLU B 183 -5.21 -53.56 -11.47
N ALA B 184 -6.26 -54.20 -10.92
CA ALA B 184 -7.20 -54.93 -11.76
C ALA B 184 -7.92 -54.00 -12.72
N GLU B 185 -8.32 -52.82 -12.24
CA GLU B 185 -8.98 -51.85 -13.12
C GLU B 185 -8.06 -51.39 -14.23
N GLN B 186 -6.79 -51.13 -13.91
CA GLN B 186 -5.84 -50.72 -14.93
C GLN B 186 -5.65 -51.81 -15.97
N ARG B 187 -5.53 -53.06 -15.53
CA ARG B 187 -5.37 -54.15 -16.48
C ARG B 187 -6.62 -54.32 -17.34
N THR B 188 -7.80 -54.09 -16.77
CA THR B 188 -9.03 -54.22 -17.55
C THR B 188 -9.17 -53.09 -18.56
N LEU B 189 -8.71 -51.89 -18.23
CA LEU B 189 -8.89 -50.75 -19.11
C LEU B 189 -7.80 -50.62 -20.17
N TYR B 190 -6.56 -50.99 -19.86
CA TYR B 190 -5.44 -50.65 -20.73
C TYR B 190 -4.50 -51.80 -21.06
N GLN B 191 -4.56 -52.93 -20.37
CA GLN B 191 -3.72 -54.12 -20.56
C GLN B 191 -2.25 -53.91 -20.28
N ASN B 192 -1.82 -52.71 -19.92
CA ASN B 192 -0.42 -52.46 -19.63
C ASN B 192 -0.30 -51.81 -18.26
N VAL B 193 0.81 -52.09 -17.58
CA VAL B 193 1.16 -51.44 -16.33
C VAL B 193 2.45 -50.67 -16.56
N GLY B 194 2.69 -49.68 -15.69
CA GLY B 194 3.80 -48.79 -15.91
C GLY B 194 3.66 -47.93 -17.15
N THR B 195 2.44 -47.52 -17.47
CA THR B 195 2.18 -46.69 -18.64
C THR B 195 2.57 -45.25 -18.36
N TYR B 196 2.68 -44.46 -19.44
CA TYR B 196 3.03 -43.06 -19.33
C TYR B 196 2.18 -42.24 -20.29
N VAL B 197 2.01 -40.96 -19.96
CA VAL B 197 1.40 -39.97 -20.84
C VAL B 197 2.40 -38.84 -21.02
N SER B 198 2.77 -38.57 -22.27
CA SER B 198 3.79 -37.58 -22.57
C SER B 198 3.21 -36.49 -23.48
N VAL B 199 3.47 -35.25 -23.13
CA VAL B 199 3.06 -34.10 -23.92
C VAL B 199 4.29 -33.24 -24.19
N GLY B 200 4.49 -32.86 -25.44
CA GLY B 200 5.64 -32.05 -25.79
C GLY B 200 5.34 -30.90 -26.73
N THR B 201 5.76 -29.70 -26.36
CA THR B 201 5.71 -28.53 -27.22
C THR B 201 7.09 -27.90 -27.30
N SER B 202 7.18 -26.70 -27.88
CA SER B 202 8.46 -26.01 -27.96
C SER B 202 8.86 -25.36 -26.64
N THR B 203 7.97 -25.33 -25.65
CA THR B 203 8.31 -24.82 -24.32
C THR B 203 7.75 -25.67 -23.19
N VAL B 204 7.11 -26.80 -23.49
CA VAL B 204 6.51 -27.66 -22.48
C VAL B 204 7.02 -29.07 -22.67
N ASN B 205 7.48 -29.69 -21.60
CA ASN B 205 7.96 -31.06 -21.62
C ASN B 205 7.45 -31.76 -20.36
N LYS B 206 6.65 -32.81 -20.53
CA LYS B 206 6.00 -33.46 -19.41
C LYS B 206 5.90 -34.96 -19.65
N ARG B 207 6.08 -35.73 -18.58
CA ARG B 207 5.87 -37.17 -18.60
C ARG B 207 5.19 -37.57 -17.30
N SER B 208 3.92 -37.94 -17.39
CA SER B 208 3.10 -38.21 -16.21
C SER B 208 2.91 -39.71 -16.03
N ILE B 209 3.08 -40.17 -14.80
CA ILE B 209 2.88 -41.57 -14.43
C ILE B 209 1.57 -41.68 -13.68
N PRO B 210 0.66 -42.56 -14.08
CA PRO B 210 -0.58 -42.72 -13.31
C PRO B 210 -0.30 -43.20 -11.89
N GLU B 211 -1.06 -42.66 -10.94
CA GLU B 211 -0.92 -42.97 -9.52
C GLU B 211 -2.13 -43.78 -9.09
N ILE B 212 -1.91 -45.04 -8.72
CA ILE B 212 -2.98 -45.94 -8.30
C ILE B 212 -2.99 -45.98 -6.77
N ALA B 213 -4.15 -45.70 -6.20
CA ALA B 213 -4.33 -45.71 -4.75
C ALA B 213 -5.79 -46.02 -4.46
N THR B 214 -6.09 -46.25 -3.18
CA THR B 214 -7.45 -46.49 -2.74
C THR B 214 -8.00 -45.22 -2.11
N ARG B 215 -9.18 -44.81 -2.55
CA ARG B 215 -9.76 -43.52 -2.20
C ARG B 215 -11.24 -43.72 -1.89
N PRO B 216 -11.85 -42.78 -1.17
CA PRO B 216 -13.31 -42.83 -0.99
C PRO B 216 -14.06 -42.66 -2.30
N LYS B 217 -15.38 -42.76 -2.25
CA LYS B 217 -16.22 -42.63 -3.43
C LYS B 217 -16.79 -41.23 -3.49
N VAL B 218 -16.44 -40.49 -4.53
CA VAL B 218 -17.01 -39.17 -4.81
C VAL B 218 -17.80 -39.28 -6.10
N ASN B 219 -19.07 -38.90 -6.05
CA ASN B 219 -20.00 -39.06 -7.18
C ASN B 219 -20.12 -40.51 -7.61
N GLY B 220 -19.93 -41.42 -6.67
CA GLY B 220 -20.07 -42.84 -6.94
C GLY B 220 -18.88 -43.52 -7.53
N GLN B 221 -17.74 -42.86 -7.61
CA GLN B 221 -16.55 -43.43 -8.23
C GLN B 221 -15.34 -43.26 -7.31
N GLY B 222 -14.42 -44.22 -7.40
CA GLY B 222 -13.19 -44.17 -6.66
C GLY B 222 -11.98 -43.73 -7.45
N GLY B 223 -12.14 -43.52 -8.76
CA GLY B 223 -11.05 -43.02 -9.58
C GLY B 223 -11.00 -41.51 -9.63
N ARG B 224 -9.91 -41.00 -10.17
CA ARG B 224 -9.72 -39.56 -10.29
C ARG B 224 -9.16 -39.22 -11.67
N MET B 225 -9.34 -37.97 -12.07
CA MET B 225 -8.87 -37.47 -13.36
C MET B 225 -8.17 -36.13 -13.13
N GLU B 226 -6.94 -36.03 -13.63
CA GLU B 226 -6.13 -34.83 -13.50
C GLU B 226 -5.97 -34.16 -14.86
N PHE B 227 -6.32 -32.89 -14.94
CA PHE B 227 -6.33 -32.14 -16.19
C PHE B 227 -5.29 -31.03 -16.15
N SER B 228 -4.62 -30.81 -17.29
CA SER B 228 -3.62 -29.77 -17.44
C SER B 228 -3.87 -29.01 -18.73
N TRP B 229 -3.21 -27.86 -18.87
CA TRP B 229 -3.46 -26.96 -19.98
C TRP B 229 -2.18 -26.25 -20.39
N THR B 230 -2.18 -25.71 -21.61
CA THR B 230 -1.07 -24.91 -22.11
C THR B 230 -1.60 -23.96 -23.18
N ILE B 231 -0.82 -22.92 -23.45
CA ILE B 231 -1.12 -21.96 -24.51
C ILE B 231 -0.16 -22.21 -25.66
N LEU B 232 -0.70 -22.47 -26.85
CA LEU B 232 0.09 -22.77 -28.02
C LEU B 232 0.32 -21.49 -28.82
N ASP B 233 1.58 -21.19 -29.08
CA ASP B 233 1.91 -20.02 -29.87
C ASP B 233 1.68 -20.29 -31.37
N MET B 234 1.65 -19.22 -32.15
CA MET B 234 1.38 -19.35 -33.57
C MET B 234 2.51 -20.10 -34.27
N LEU B 235 2.13 -20.98 -35.19
CA LEU B 235 3.06 -21.81 -35.95
C LEU B 235 3.89 -22.71 -35.04
N ASP B 236 3.31 -23.16 -33.93
CA ASP B 236 3.96 -24.07 -32.99
C ASP B 236 3.12 -25.33 -32.92
N THR B 237 3.80 -26.48 -32.76
CA THR B 237 3.13 -27.77 -32.79
C THR B 237 3.17 -28.43 -31.42
N ILE B 238 2.17 -29.28 -31.17
CA ILE B 238 2.03 -30.00 -29.92
C ILE B 238 1.96 -31.49 -30.23
N ASN B 239 2.66 -32.30 -29.44
CA ASN B 239 2.74 -33.73 -29.66
C ASN B 239 2.17 -34.48 -28.46
N PHE B 240 1.39 -35.52 -28.73
CA PHE B 240 0.83 -36.37 -27.69
C PHE B 240 1.30 -37.80 -27.92
N GLU B 241 1.76 -38.45 -26.86
CA GLU B 241 2.18 -39.84 -26.92
C GLU B 241 1.87 -40.49 -25.59
N SER B 242 1.26 -41.68 -25.62
CA SER B 242 0.89 -42.35 -24.39
C SER B 242 0.74 -43.85 -24.63
N THR B 243 1.01 -44.61 -23.58
CA THR B 243 0.74 -46.04 -23.55
C THR B 243 -0.50 -46.38 -22.73
N GLY B 244 -1.18 -45.38 -22.21
CA GLY B 244 -2.39 -45.58 -21.45
C GLY B 244 -2.69 -44.41 -20.57
N ASN B 245 -3.90 -44.41 -20.02
CA ASN B 245 -4.35 -43.39 -19.08
C ASN B 245 -4.34 -41.99 -19.71
N LEU B 246 -4.74 -41.89 -20.97
CA LEU B 246 -4.75 -40.63 -21.69
C LEU B 246 -6.18 -40.21 -21.98
N ILE B 247 -6.53 -38.98 -21.59
CA ILE B 247 -7.80 -38.37 -21.96
C ILE B 247 -7.52 -37.31 -23.00
N ALA B 248 -7.62 -37.67 -24.27
CA ALA B 248 -7.18 -36.81 -25.35
C ALA B 248 -8.18 -35.68 -25.59
N PRO B 249 -7.69 -34.52 -26.00
CA PRO B 249 -8.60 -33.44 -26.40
C PRO B 249 -9.12 -33.66 -27.82
N GLU B 250 -10.27 -33.04 -28.08
CA GLU B 250 -10.83 -32.99 -29.42
C GLU B 250 -11.00 -31.57 -29.94
N TYR B 251 -11.06 -30.57 -29.07
CA TYR B 251 -11.28 -29.19 -29.46
C TYR B 251 -10.25 -28.29 -28.81
N GLY B 252 -9.79 -27.30 -29.55
CA GLY B 252 -8.97 -26.24 -29.00
C GLY B 252 -9.74 -24.94 -28.98
N PHE B 253 -9.30 -23.99 -28.17
CA PHE B 253 -10.00 -22.73 -27.98
C PHE B 253 -9.12 -21.59 -28.46
N LYS B 254 -9.45 -21.03 -29.61
CA LYS B 254 -8.67 -19.96 -30.21
C LYS B 254 -9.10 -18.62 -29.61
N ILE B 255 -8.13 -17.85 -29.14
CA ILE B 255 -8.39 -16.53 -28.60
C ILE B 255 -8.64 -15.59 -29.78
N SER B 256 -9.87 -15.11 -29.91
CA SER B 256 -10.31 -14.44 -31.13
C SER B 256 -10.46 -12.93 -31.00
N LYS B 257 -10.84 -12.42 -29.84
CA LYS B 257 -11.13 -10.99 -29.72
C LYS B 257 -10.21 -10.27 -28.75
N ARG B 258 -10.08 -10.75 -27.52
CA ARG B 258 -9.29 -10.09 -26.48
C ARG B 258 -9.88 -8.74 -26.10
N GLY B 259 -9.50 -8.22 -24.95
CA GLY B 259 -10.05 -6.97 -24.48
C GLY B 259 -10.03 -6.92 -22.96
N SER B 260 -10.93 -6.12 -22.41
CA SER B 260 -11.06 -5.93 -20.97
C SER B 260 -12.36 -6.56 -20.51
N SER B 261 -12.28 -7.45 -19.53
CA SER B 261 -13.43 -8.22 -19.07
C SER B 261 -13.22 -8.55 -17.59
N GLY B 262 -13.97 -9.52 -17.10
CA GLY B 262 -13.78 -9.97 -15.73
C GLY B 262 -14.69 -11.13 -15.41
N ILE B 263 -14.45 -11.72 -14.26
CA ILE B 263 -15.30 -12.78 -13.71
C ILE B 263 -15.97 -12.24 -12.46
N MET B 264 -17.29 -12.28 -12.43
CA MET B 264 -18.08 -11.75 -11.33
C MET B 264 -18.81 -12.88 -10.62
N LYS B 265 -18.62 -12.99 -9.32
CA LYS B 265 -19.27 -14.00 -8.50
C LYS B 265 -20.63 -13.47 -8.06
N THR B 266 -21.70 -13.99 -8.64
CA THR B 266 -23.05 -13.54 -8.34
C THR B 266 -23.98 -14.74 -8.35
N GLU B 267 -25.22 -14.51 -7.92
CA GLU B 267 -26.24 -15.53 -7.92
C GLU B 267 -27.48 -15.12 -8.70
N GLY B 268 -27.51 -13.93 -9.27
CA GLY B 268 -28.67 -13.46 -10.00
C GLY B 268 -28.69 -13.98 -11.43
N THR B 269 -29.65 -13.47 -12.18
CA THR B 269 -29.82 -13.80 -13.59
C THR B 269 -29.69 -12.54 -14.44
N LEU B 270 -29.85 -12.71 -15.74
CA LEU B 270 -29.66 -11.60 -16.68
C LEU B 270 -31.00 -10.96 -17.00
N GLU B 271 -31.12 -9.68 -16.70
CA GLU B 271 -32.27 -8.86 -17.03
C GLU B 271 -31.95 -8.01 -18.25
N ASN B 272 -32.83 -7.05 -18.56
CA ASN B 272 -32.69 -6.20 -19.73
C ASN B 272 -32.31 -4.79 -19.28
N CYS B 273 -31.09 -4.35 -19.63
CA CYS B 273 -30.70 -2.96 -19.48
C CYS B 273 -29.69 -2.62 -20.57
N GLU B 274 -29.24 -1.37 -20.55
CA GLU B 274 -28.07 -0.91 -21.27
C GLU B 274 -27.29 -0.03 -20.29
N THR B 275 -26.44 -0.63 -19.48
CA THR B 275 -25.65 0.13 -18.52
C THR B 275 -24.23 0.32 -19.01
N LYS B 276 -23.53 1.27 -18.40
CA LYS B 276 -22.13 1.52 -18.68
C LYS B 276 -21.22 0.98 -17.59
N CYS B 277 -21.72 0.76 -16.38
CA CYS B 277 -20.93 0.26 -15.27
C CYS B 277 -21.76 -0.75 -14.49
N GLN B 278 -21.13 -1.86 -14.12
CA GLN B 278 -21.82 -2.96 -13.47
C GLN B 278 -21.07 -3.39 -12.22
N THR B 279 -21.82 -3.62 -11.15
CA THR B 279 -21.32 -4.14 -9.88
C THR B 279 -22.04 -5.44 -9.57
N PRO B 280 -21.44 -6.30 -8.74
CA PRO B 280 -22.11 -7.57 -8.41
C PRO B 280 -23.47 -7.40 -7.75
N LEU B 281 -23.72 -6.27 -7.12
CA LEU B 281 -25.04 -6.01 -6.55
C LEU B 281 -26.01 -5.41 -7.56
N GLY B 282 -25.52 -4.64 -8.52
CA GLY B 282 -26.38 -4.03 -9.51
C GLY B 282 -25.62 -3.06 -10.38
N ALA B 283 -26.36 -2.36 -11.22
CA ALA B 283 -25.81 -1.41 -12.17
C ALA B 283 -25.84 0.01 -11.61
N ILE B 284 -24.96 0.85 -12.15
CA ILE B 284 -24.79 2.23 -11.69
C ILE B 284 -24.99 3.15 -12.89
N ASN B 285 -25.78 4.20 -12.70
CA ASN B 285 -26.04 5.22 -13.71
C ASN B 285 -25.93 6.59 -13.05
N THR B 286 -24.75 7.19 -13.10
CA THR B 286 -24.54 8.46 -12.42
C THR B 286 -23.41 9.22 -13.10
N THR B 287 -23.34 10.51 -12.78
CA THR B 287 -22.26 11.37 -13.22
C THR B 287 -21.41 11.89 -12.06
N LEU B 288 -21.73 11.51 -10.83
CA LEU B 288 -20.93 11.91 -9.69
C LEU B 288 -19.60 11.15 -9.69
N PRO B 289 -18.55 11.73 -9.10
CA PRO B 289 -17.22 11.14 -9.21
C PRO B 289 -16.91 10.02 -8.22
N PHE B 290 -17.82 9.68 -7.30
CA PHE B 290 -17.56 8.64 -6.32
C PHE B 290 -18.80 7.80 -6.10
N HIS B 291 -18.60 6.62 -5.51
CA HIS B 291 -19.70 5.73 -5.14
C HIS B 291 -19.24 4.83 -4.01
N ASN B 292 -20.20 4.18 -3.35
CA ASN B 292 -19.91 3.31 -2.22
C ASN B 292 -20.73 2.03 -2.27
N ILE B 293 -20.83 1.41 -3.45
CA ILE B 293 -21.67 0.23 -3.61
C ILE B 293 -20.85 -1.03 -3.37
N HIS B 294 -19.82 -1.25 -4.18
CA HIS B 294 -19.02 -2.46 -4.09
C HIS B 294 -17.63 -2.17 -4.65
N PRO B 295 -16.58 -2.69 -4.02
CA PRO B 295 -15.22 -2.42 -4.53
C PRO B 295 -14.97 -2.93 -5.94
N LEU B 296 -15.53 -4.08 -6.30
CA LEU B 296 -15.27 -4.70 -7.59
C LEU B 296 -16.26 -4.19 -8.63
N THR B 297 -15.75 -3.79 -9.79
CA THR B 297 -16.55 -3.13 -10.80
C THR B 297 -15.97 -3.41 -12.17
N ILE B 298 -16.84 -3.63 -13.15
CA ILE B 298 -16.45 -3.81 -14.55
C ILE B 298 -17.08 -2.70 -15.37
N GLY B 299 -16.25 -1.99 -16.13
CA GLY B 299 -16.74 -0.92 -16.98
C GLY B 299 -16.00 0.38 -16.74
N GLU B 300 -16.66 1.49 -17.02
CA GLU B 300 -16.13 2.82 -16.73
C GLU B 300 -17.14 3.58 -15.88
N CYS B 301 -16.81 3.81 -14.61
CA CYS B 301 -17.73 4.45 -13.69
C CYS B 301 -16.95 4.86 -12.45
N PRO B 302 -17.57 5.65 -11.52
CA PRO B 302 -16.78 6.32 -10.48
C PRO B 302 -15.94 5.44 -9.58
N LYS B 303 -15.09 6.09 -8.80
CA LYS B 303 -14.20 5.41 -7.87
C LYS B 303 -14.96 5.00 -6.61
N TYR B 304 -14.32 4.14 -5.83
CA TYR B 304 -14.93 3.56 -4.63
C TYR B 304 -14.35 4.20 -3.38
N VAL B 305 -15.23 4.70 -2.52
CA VAL B 305 -14.85 5.27 -1.24
C VAL B 305 -15.69 4.60 -0.17
N LYS B 306 -15.04 4.04 0.85
CA LYS B 306 -15.73 3.35 1.94
C LYS B 306 -16.18 4.38 2.98
N SER B 307 -17.19 5.16 2.58
CA SER B 307 -17.74 6.21 3.41
C SER B 307 -19.26 6.17 3.32
N GLU B 308 -19.90 7.07 4.06
CA GLU B 308 -21.35 7.15 4.09
C GLU B 308 -21.91 8.45 3.55
N LYS B 309 -21.17 9.55 3.64
CA LYS B 309 -21.64 10.82 3.08
C LYS B 309 -20.45 11.71 2.77
N LEU B 310 -20.52 12.38 1.62
CA LEU B 310 -19.45 13.27 1.15
C LEU B 310 -20.12 14.45 0.47
N VAL B 311 -20.22 15.58 1.17
CA VAL B 311 -20.88 16.78 0.68
C VAL B 311 -19.92 17.95 0.77
N LEU B 312 -19.79 18.70 -0.32
CA LEU B 312 -18.87 19.82 -0.42
C LEU B 312 -19.65 21.12 -0.28
N ALA B 313 -19.27 21.93 0.69
CA ALA B 313 -19.97 23.18 0.97
C ALA B 313 -19.56 24.23 -0.04
N THR B 314 -20.52 24.68 -0.85
CA THR B 314 -20.28 25.67 -1.89
C THR B 314 -20.74 27.06 -1.49
N GLY B 315 -21.88 27.17 -0.83
CA GLY B 315 -22.45 28.44 -0.47
C GLY B 315 -22.02 28.94 0.89
N LEU B 316 -22.83 29.82 1.45
CA LEU B 316 -22.55 30.49 2.71
C LEU B 316 -23.32 29.83 3.84
N ARG B 317 -22.92 30.17 5.07
CA ARG B 317 -23.64 29.68 6.23
C ARG B 317 -25.06 30.22 6.21
N ASN B 318 -26.03 29.35 6.48
CA ASN B 318 -27.44 29.71 6.35
C ASN B 318 -28.02 29.96 7.74
N VAL B 319 -27.82 31.17 8.23
CA VAL B 319 -28.46 31.67 9.43
C VAL B 319 -29.30 32.87 9.04
N PRO B 320 -30.58 32.93 9.43
CA PRO B 320 -31.46 34.03 9.06
C PRO B 320 -31.48 35.14 10.11
N GLY B 333 -27.73 44.38 8.66
CA GLY B 333 -26.33 44.27 8.29
C GLY B 333 -25.76 42.87 8.43
N PHE B 334 -24.44 42.76 8.30
CA PHE B 334 -23.78 41.45 8.33
C PHE B 334 -23.50 40.95 9.74
N ILE B 335 -23.75 41.76 10.76
CA ILE B 335 -23.52 41.33 12.13
C ILE B 335 -24.68 40.49 12.66
N GLU B 336 -25.91 40.94 12.43
CA GLU B 336 -27.07 40.23 12.93
C GLU B 336 -27.41 39.00 12.12
N GLY B 337 -26.85 38.83 10.94
CA GLY B 337 -27.08 37.66 10.13
C GLY B 337 -27.21 38.04 8.67
N GLY B 338 -27.63 37.06 7.87
CA GLY B 338 -27.79 37.27 6.44
C GLY B 338 -29.10 37.93 6.10
N TRP B 339 -29.25 38.25 4.81
CA TRP B 339 -30.46 38.87 4.29
C TRP B 339 -31.24 37.84 3.49
N GLN B 340 -32.55 37.77 3.73
CA GLN B 340 -33.40 36.85 3.01
C GLN B 340 -33.92 37.41 1.70
N GLY B 341 -33.88 38.72 1.52
CA GLY B 341 -34.46 39.37 0.36
C GLY B 341 -33.53 39.64 -0.79
N MET B 342 -32.28 39.20 -0.71
CA MET B 342 -31.31 39.40 -1.78
C MET B 342 -31.30 38.18 -2.68
N VAL B 343 -31.43 38.41 -3.99
CA VAL B 343 -31.53 37.32 -4.96
C VAL B 343 -30.45 37.39 -6.04
N ASP B 344 -29.76 38.51 -6.20
CA ASP B 344 -28.84 38.67 -7.32
C ASP B 344 -27.60 37.80 -7.14
N GLY B 345 -26.83 38.07 -6.08
CA GLY B 345 -25.57 37.38 -5.88
C GLY B 345 -25.31 36.91 -4.47
N TRP B 346 -24.05 36.92 -4.05
CA TRP B 346 -23.67 36.44 -2.74
C TRP B 346 -23.44 37.55 -1.74
N TYR B 347 -22.62 38.54 -2.09
CA TYR B 347 -22.31 39.66 -1.21
C TYR B 347 -22.99 40.90 -1.75
N GLY B 348 -23.71 41.63 -0.89
CA GLY B 348 -24.59 42.68 -1.30
C GLY B 348 -24.24 44.05 -0.74
N TYR B 349 -25.00 45.04 -1.20
CA TYR B 349 -24.76 46.45 -0.89
C TYR B 349 -26.09 47.17 -0.65
N HIS B 350 -26.96 46.58 0.18
CA HIS B 350 -28.28 47.14 0.42
C HIS B 350 -28.21 48.63 0.72
N HIS B 351 -28.81 49.43 -0.15
CA HIS B 351 -28.72 50.88 -0.11
C HIS B 351 -30.10 51.48 0.09
N SER B 352 -30.10 52.72 0.60
CA SER B 352 -31.35 53.45 0.81
C SER B 352 -31.03 54.93 0.66
N ASN B 353 -31.40 55.50 -0.48
CA ASN B 353 -31.14 56.91 -0.76
C ASN B 353 -32.26 57.77 -0.19
N ASP B 354 -32.19 59.07 -0.47
CA ASP B 354 -33.22 59.99 0.01
C ASP B 354 -34.57 59.68 -0.62
N GLN B 355 -34.59 59.37 -1.91
CA GLN B 355 -35.83 59.14 -2.64
C GLN B 355 -36.17 57.67 -2.83
N GLY B 356 -35.33 56.75 -2.35
CA GLY B 356 -35.63 55.35 -2.54
C GLY B 356 -34.62 54.47 -1.84
N SER B 357 -34.83 53.15 -1.98
CA SER B 357 -33.97 52.15 -1.39
C SER B 357 -33.80 51.02 -2.41
N GLY B 358 -33.15 49.94 -1.99
CA GLY B 358 -32.91 48.84 -2.90
C GLY B 358 -32.18 47.71 -2.19
N TYR B 359 -31.94 46.64 -2.96
CA TYR B 359 -31.28 45.44 -2.46
C TYR B 359 -30.23 44.98 -3.46
N ALA B 360 -29.45 45.91 -3.99
CA ALA B 360 -28.46 45.56 -5.00
C ALA B 360 -27.37 44.66 -4.43
N ALA B 361 -26.78 43.85 -5.30
CA ALA B 361 -25.70 42.95 -4.94
C ALA B 361 -24.48 43.26 -5.78
N ASP B 362 -23.31 43.18 -5.15
CA ASP B 362 -22.06 43.49 -5.83
C ASP B 362 -21.77 42.44 -6.89
N LYS B 363 -21.06 42.85 -7.94
CA LYS B 363 -20.76 41.99 -9.07
C LYS B 363 -19.27 41.80 -9.30
N GLU B 364 -18.41 42.35 -8.45
CA GLU B 364 -16.97 42.22 -8.63
C GLU B 364 -16.37 41.12 -7.75
N SER B 365 -16.60 41.20 -6.43
CA SER B 365 -16.10 40.16 -5.55
C SER B 365 -16.89 38.87 -5.70
N THR B 366 -18.15 38.97 -6.12
CA THR B 366 -18.96 37.77 -6.33
C THR B 366 -18.35 36.87 -7.40
N GLN B 367 -17.89 37.47 -8.50
CA GLN B 367 -17.26 36.66 -9.55
C GLN B 367 -15.97 36.04 -9.06
N LYS B 368 -15.18 36.76 -8.27
CA LYS B 368 -13.94 36.21 -7.74
C LYS B 368 -14.23 35.01 -6.83
N ALA B 369 -15.22 35.14 -5.94
CA ALA B 369 -15.57 34.03 -5.07
C ALA B 369 -16.11 32.84 -5.87
N ILE B 370 -16.92 33.11 -6.89
CA ILE B 370 -17.46 32.03 -7.71
C ILE B 370 -16.33 31.30 -8.42
N ASP B 371 -15.38 32.04 -8.98
CA ASP B 371 -14.26 31.43 -9.67
C ASP B 371 -13.42 30.59 -8.70
N GLY B 372 -13.16 31.13 -7.50
CA GLY B 372 -12.39 30.37 -6.53
C GLY B 372 -13.07 29.08 -6.11
N ILE B 373 -14.38 29.13 -5.85
CA ILE B 373 -15.08 27.94 -5.42
C ILE B 373 -15.13 26.91 -6.53
N THR B 374 -15.40 27.34 -7.77
CA THR B 374 -15.43 26.41 -8.89
C THR B 374 -14.06 25.77 -9.11
N ASN B 375 -13.00 26.57 -9.00
CA ASN B 375 -11.65 26.02 -9.13
C ASN B 375 -11.37 25.01 -8.04
N LYS B 376 -11.80 25.29 -6.81
CA LYS B 376 -11.59 24.34 -5.72
C LYS B 376 -12.33 23.04 -5.95
N VAL B 377 -13.58 23.12 -6.41
CA VAL B 377 -14.36 21.91 -6.65
C VAL B 377 -13.70 21.07 -7.76
N ASN B 378 -13.33 21.74 -8.85
CA ASN B 378 -12.69 21.03 -9.95
C ASN B 378 -11.37 20.42 -9.53
N SER B 379 -10.60 21.14 -8.71
CA SER B 379 -9.33 20.60 -8.24
C SER B 379 -9.54 19.38 -7.36
N VAL B 380 -10.51 19.44 -6.44
CA VAL B 380 -10.78 18.29 -5.57
C VAL B 380 -11.18 17.08 -6.41
N ILE B 381 -12.00 17.28 -7.43
CA ILE B 381 -12.35 16.16 -8.31
C ILE B 381 -11.13 15.67 -9.07
N GLU B 382 -10.24 16.59 -9.46
CA GLU B 382 -9.13 16.23 -10.33
C GLU B 382 -8.05 15.44 -9.60
N LYS B 383 -7.71 15.82 -8.36
CA LYS B 383 -6.63 15.13 -7.67
C LYS B 383 -6.98 13.68 -7.33
N MET B 384 -8.26 13.36 -7.26
CA MET B 384 -8.70 12.06 -6.76
C MET B 384 -9.07 11.10 -7.89
N ASN B 385 -8.63 11.38 -9.12
CA ASN B 385 -8.88 10.51 -10.27
C ASN B 385 -7.75 9.52 -10.52
N THR B 386 -6.73 9.51 -9.67
CA THR B 386 -5.64 8.54 -9.74
C THR B 386 -5.71 7.56 -8.58
N GLN B 387 -6.92 7.13 -8.23
CA GLN B 387 -7.13 6.25 -7.09
C GLN B 387 -6.61 4.85 -7.40
N PHE B 388 -6.88 3.94 -6.47
CA PHE B 388 -6.56 2.53 -6.61
C PHE B 388 -7.81 1.79 -7.06
N GLU B 389 -7.67 0.96 -8.10
CA GLU B 389 -8.78 0.16 -8.61
C GLU B 389 -8.51 -1.31 -8.30
N ALA B 390 -9.47 -1.96 -7.65
CA ALA B 390 -9.32 -3.36 -7.29
C ALA B 390 -9.68 -4.27 -8.44
N VAL B 391 -8.93 -5.37 -8.58
CA VAL B 391 -9.13 -6.34 -9.65
C VAL B 391 -9.32 -7.71 -9.01
N GLY B 392 -10.36 -8.42 -9.44
CA GLY B 392 -10.66 -9.71 -8.85
C GLY B 392 -9.59 -10.75 -9.14
N LYS B 393 -9.37 -11.61 -8.16
CA LYS B 393 -8.38 -12.67 -8.26
C LYS B 393 -8.85 -13.87 -7.45
N GLU B 394 -8.40 -15.05 -7.86
CA GLU B 394 -8.79 -16.30 -7.20
C GLU B 394 -7.55 -17.03 -6.71
N PHE B 395 -7.71 -17.71 -5.58
CA PHE B 395 -6.60 -18.43 -4.94
C PHE B 395 -7.10 -19.80 -4.50
N SER B 396 -6.17 -20.74 -4.41
CA SER B 396 -6.49 -22.12 -4.09
C SER B 396 -6.43 -22.35 -2.58
N ASN B 397 -6.57 -23.61 -2.16
CA ASN B 397 -6.62 -23.92 -0.74
C ASN B 397 -5.26 -23.77 -0.08
N LEU B 398 -4.19 -24.13 -0.79
CA LEU B 398 -2.84 -24.08 -0.25
C LEU B 398 -2.13 -22.77 -0.58
N GLU B 399 -2.87 -21.71 -0.85
CA GLU B 399 -2.33 -20.38 -1.15
C GLU B 399 -2.95 -19.35 -0.23
N LYS B 400 -3.02 -19.66 1.06
CA LYS B 400 -3.71 -18.78 2.00
C LYS B 400 -2.90 -17.52 2.29
N ARG B 401 -1.58 -17.64 2.36
CA ARG B 401 -0.74 -16.46 2.62
C ARG B 401 -0.87 -15.44 1.49
N LEU B 402 -0.85 -15.92 0.24
CA LEU B 402 -1.02 -15.03 -0.89
C LEU B 402 -2.39 -14.35 -0.89
N GLU B 403 -3.43 -15.11 -0.55
CA GLU B 403 -4.77 -14.54 -0.48
C GLU B 403 -4.86 -13.46 0.59
N ASN B 404 -4.28 -13.73 1.76
CA ASN B 404 -4.28 -12.75 2.84
C ASN B 404 -3.50 -11.50 2.44
N LEU B 405 -2.37 -11.69 1.75
CA LEU B 405 -1.58 -10.55 1.29
C LEU B 405 -2.39 -9.69 0.33
N ASN B 406 -3.06 -10.31 -0.63
CA ASN B 406 -3.85 -9.56 -1.60
C ASN B 406 -5.00 -8.82 -0.94
N LYS B 407 -5.71 -9.50 -0.04
CA LYS B 407 -6.84 -8.88 0.65
C LYS B 407 -6.38 -7.71 1.51
N LYS B 408 -5.27 -7.88 2.24
CA LYS B 408 -4.77 -6.80 3.07
C LYS B 408 -4.31 -5.61 2.24
N MET B 409 -3.67 -5.86 1.10
CA MET B 409 -3.24 -4.77 0.24
C MET B 409 -4.43 -3.97 -0.29
N GLU B 410 -5.44 -4.67 -0.80
CA GLU B 410 -6.61 -3.98 -1.33
C GLU B 410 -7.32 -3.18 -0.24
N ASP B 411 -7.52 -3.80 0.93
CA ASP B 411 -8.17 -3.10 2.02
C ASP B 411 -7.37 -1.88 2.47
N GLY B 412 -6.04 -2.01 2.57
CA GLY B 412 -5.22 -0.90 2.98
C GLY B 412 -5.31 0.28 2.03
N PHE B 413 -5.24 0.01 0.73
CA PHE B 413 -5.35 1.10 -0.24
C PHE B 413 -6.74 1.74 -0.18
N LEU B 414 -7.79 0.93 0.01
CA LEU B 414 -9.13 1.49 0.14
C LEU B 414 -9.23 2.43 1.33
N ASP B 415 -8.71 2.02 2.49
CA ASP B 415 -8.77 2.88 3.67
C ASP B 415 -7.94 4.15 3.47
N VAL B 416 -6.77 4.02 2.84
CA VAL B 416 -5.93 5.20 2.63
C VAL B 416 -6.67 6.23 1.78
N TRP B 417 -7.29 5.79 0.69
CA TRP B 417 -7.95 6.74 -0.20
C TRP B 417 -9.22 7.30 0.42
N THR B 418 -9.94 6.49 1.19
CA THR B 418 -11.12 7.00 1.90
C THR B 418 -10.74 8.09 2.88
N TYR B 419 -9.66 7.87 3.65
CA TYR B 419 -9.19 8.88 4.58
C TYR B 419 -8.79 10.15 3.85
N ASN B 420 -8.10 10.02 2.72
CA ASN B 420 -7.68 11.19 1.95
C ASN B 420 -8.88 12.01 1.52
N ALA B 421 -9.89 11.35 0.94
CA ALA B 421 -11.06 12.07 0.46
C ALA B 421 -11.79 12.77 1.60
N GLU B 422 -12.00 12.07 2.72
CA GLU B 422 -12.74 12.67 3.83
C GLU B 422 -12.01 13.88 4.39
N LEU B 423 -10.69 13.78 4.59
CA LEU B 423 -9.96 14.91 5.14
C LEU B 423 -9.97 16.09 4.18
N LEU B 424 -9.83 15.82 2.88
CA LEU B 424 -9.90 16.89 1.90
C LEU B 424 -11.21 17.64 1.99
N VAL B 425 -12.33 16.90 2.06
CA VAL B 425 -13.64 17.54 2.09
C VAL B 425 -13.80 18.37 3.36
N LEU B 426 -13.38 17.83 4.50
CA LEU B 426 -13.55 18.56 5.76
C LEU B 426 -12.74 19.86 5.77
N MET B 427 -11.47 19.77 5.39
CA MET B 427 -10.63 20.97 5.39
C MET B 427 -11.14 22.00 4.39
N GLU B 428 -11.59 21.54 3.21
CA GLU B 428 -12.11 22.48 2.22
C GLU B 428 -13.37 23.17 2.72
N ASN B 429 -14.24 22.45 3.45
CA ASN B 429 -15.43 23.09 3.99
C ASN B 429 -15.07 24.17 4.99
N GLU B 430 -14.13 23.88 5.89
CA GLU B 430 -13.70 24.89 6.85
C GLU B 430 -13.15 26.11 6.12
N ARG B 431 -12.29 25.89 5.13
CA ARG B 431 -11.68 26.99 4.40
C ARG B 431 -12.74 27.79 3.65
N THR B 432 -13.76 27.12 3.11
CA THR B 432 -14.80 27.83 2.37
C THR B 432 -15.61 28.74 3.27
N LEU B 433 -16.04 28.23 4.42
CA LEU B 433 -16.82 29.07 5.32
C LEU B 433 -15.98 30.26 5.83
N ASP B 434 -14.73 30.00 6.20
CA ASP B 434 -13.87 31.10 6.64
C ASP B 434 -13.63 32.09 5.51
N PHE B 435 -13.50 31.61 4.28
CA PHE B 435 -13.30 32.46 3.12
C PHE B 435 -14.47 33.40 2.92
N HIS B 436 -15.69 32.87 3.04
CA HIS B 436 -16.87 33.72 2.86
C HIS B 436 -16.94 34.78 3.94
N ASP B 437 -16.72 34.40 5.20
CA ASP B 437 -16.76 35.39 6.27
C ASP B 437 -15.69 36.46 6.08
N SER B 438 -14.48 36.05 5.71
CA SER B 438 -13.40 37.01 5.50
C SER B 438 -13.70 37.93 4.33
N ASN B 439 -14.32 37.41 3.26
CA ASN B 439 -14.65 38.25 2.12
C ASN B 439 -15.67 39.32 2.50
N VAL B 440 -16.70 38.94 3.26
CA VAL B 440 -17.68 39.93 3.68
C VAL B 440 -17.02 40.99 4.56
N LYS B 441 -16.17 40.55 5.50
CA LYS B 441 -15.50 41.51 6.37
C LYS B 441 -14.58 42.43 5.57
N ASN B 442 -13.89 41.90 4.58
CA ASN B 442 -13.01 42.70 3.75
C ASN B 442 -13.79 43.75 2.96
N LEU B 443 -14.96 43.36 2.44
CA LEU B 443 -15.81 44.33 1.75
C LEU B 443 -16.19 45.47 2.66
N TYR B 444 -16.65 45.14 3.87
CA TYR B 444 -17.04 46.20 4.81
C TYR B 444 -15.86 47.08 5.18
N ASP B 445 -14.69 46.48 5.41
CA ASP B 445 -13.52 47.25 5.78
C ASP B 445 -13.09 48.17 4.65
N LYS B 446 -13.14 47.69 3.40
CA LYS B 446 -12.73 48.54 2.30
C LYS B 446 -13.68 49.71 2.14
N VAL B 447 -14.99 49.47 2.30
CA VAL B 447 -15.94 50.57 2.22
C VAL B 447 -15.68 51.58 3.33
N ARG B 448 -15.45 51.10 4.56
CA ARG B 448 -15.21 52.01 5.67
C ARG B 448 -13.92 52.80 5.47
N MET B 449 -12.89 52.16 4.94
CA MET B 449 -11.63 52.85 4.67
C MET B 449 -11.82 53.92 3.60
N GLN B 450 -12.56 53.61 2.54
CA GLN B 450 -12.77 54.60 1.49
C GLN B 450 -13.62 55.76 1.96
N LEU B 451 -14.59 55.51 2.84
CA LEU B 451 -15.43 56.59 3.33
C LEU B 451 -14.68 57.57 4.23
N ARG B 452 -13.57 57.14 4.81
CA ARG B 452 -12.74 57.98 5.70
C ARG B 452 -13.62 58.43 6.87
N ASP B 453 -13.44 59.64 7.38
CA ASP B 453 -14.21 60.11 8.52
C ASP B 453 -15.62 60.55 8.17
N ASN B 454 -15.97 60.59 6.88
CA ASN B 454 -17.31 60.99 6.45
C ASN B 454 -18.30 59.84 6.63
N ALA B 455 -18.36 59.34 7.86
CA ALA B 455 -19.26 58.24 8.17
C ALA B 455 -19.50 58.20 9.67
N LYS B 456 -20.67 57.71 10.06
CA LYS B 456 -21.03 57.50 11.45
C LYS B 456 -21.40 56.03 11.59
N GLU B 457 -20.44 55.21 11.99
CA GLU B 457 -20.61 53.76 12.02
C GLU B 457 -21.65 53.40 13.06
N LEU B 458 -22.86 53.05 12.59
CA LEU B 458 -23.96 52.77 13.51
C LEU B 458 -23.67 51.56 14.39
N GLY B 459 -23.09 50.50 13.81
CA GLY B 459 -22.72 49.31 14.54
C GLY B 459 -23.30 48.03 13.97
N ASN B 460 -24.51 48.09 13.42
CA ASN B 460 -25.19 46.88 12.98
C ASN B 460 -24.59 46.31 11.70
N GLY B 461 -23.39 46.76 11.34
CA GLY B 461 -22.75 46.38 10.11
C GLY B 461 -22.79 47.44 9.04
N CYS B 462 -23.39 48.59 9.32
CA CYS B 462 -23.48 49.66 8.34
C CYS B 462 -23.70 50.98 9.03
N PHE B 463 -23.47 52.06 8.28
CA PHE B 463 -23.37 53.39 8.84
C PHE B 463 -24.27 54.37 8.09
N GLU B 464 -24.31 55.60 8.60
CA GLU B 464 -25.08 56.70 8.04
C GLU B 464 -24.14 57.78 7.57
N PHE B 465 -24.33 58.26 6.35
CA PHE B 465 -23.44 59.25 5.77
C PHE B 465 -23.51 60.57 6.52
N TYR B 466 -22.37 61.26 6.58
CA TYR B 466 -22.32 62.60 7.16
C TYR B 466 -22.56 63.69 6.12
N HIS B 467 -22.71 63.33 4.85
CA HIS B 467 -23.00 64.28 3.78
C HIS B 467 -24.19 63.76 2.98
N LYS B 468 -25.14 64.65 2.69
CA LYS B 468 -26.32 64.27 1.94
C LYS B 468 -25.97 64.25 0.46
N CYS B 469 -26.05 63.06 -0.14
CA CYS B 469 -25.70 62.89 -1.54
C CYS B 469 -26.65 61.89 -2.19
N ASP B 470 -26.81 62.04 -3.51
CA ASP B 470 -27.90 61.44 -4.26
C ASP B 470 -27.53 60.06 -4.77
N ASP B 471 -28.37 59.53 -5.68
CA ASP B 471 -28.18 58.19 -6.20
C ASP B 471 -26.84 58.04 -6.90
N GLU B 472 -26.44 59.05 -7.68
CA GLU B 472 -25.18 58.96 -8.40
C GLU B 472 -24.00 58.87 -7.43
N CYS B 473 -24.05 59.66 -6.34
CA CYS B 473 -22.99 59.59 -5.35
C CYS B 473 -22.95 58.23 -4.67
N MET B 474 -24.11 57.67 -4.34
CA MET B 474 -24.15 56.34 -3.74
C MET B 474 -23.59 55.29 -4.69
N ASN B 475 -23.93 55.40 -5.97
CA ASN B 475 -23.37 54.48 -6.97
C ASN B 475 -21.86 54.63 -7.03
N SER B 476 -21.37 55.87 -6.96
CA SER B 476 -19.93 56.10 -6.96
C SER B 476 -19.27 55.48 -5.75
N VAL B 477 -19.93 55.56 -4.59
CA VAL B 477 -19.43 54.91 -3.38
C VAL B 477 -19.33 53.41 -3.60
N LYS B 478 -20.37 52.82 -4.19
CA LYS B 478 -20.38 51.38 -4.42
C LYS B 478 -19.34 50.97 -5.45
N ASN B 479 -19.00 51.86 -6.38
CA ASN B 479 -18.10 51.55 -7.48
C ASN B 479 -16.65 51.89 -7.19
N GLY B 480 -16.34 52.40 -6.00
CA GLY B 480 -14.99 52.72 -5.64
C GLY B 480 -14.49 54.07 -6.13
N THR B 481 -15.37 54.90 -6.68
CA THR B 481 -15.00 56.22 -7.19
C THR B 481 -15.46 57.33 -6.25
N TYR B 482 -15.43 57.07 -4.95
CA TYR B 482 -15.83 58.04 -3.96
C TYR B 482 -14.75 59.11 -3.82
N ASP B 483 -15.14 60.38 -3.95
CA ASP B 483 -14.21 61.49 -3.97
C ASP B 483 -14.30 62.26 -2.64
N TYR B 484 -13.22 62.23 -1.87
CA TYR B 484 -13.16 63.02 -0.65
C TYR B 484 -13.24 64.52 -0.91
N PRO B 485 -12.45 65.11 -1.83
CA PRO B 485 -12.49 66.58 -1.96
C PRO B 485 -13.73 67.09 -2.69
N LYS B 486 -14.71 66.22 -2.90
CA LYS B 486 -15.93 66.61 -3.61
C LYS B 486 -16.97 67.23 -2.66
N TYR B 487 -17.28 66.55 -1.57
CA TYR B 487 -18.36 66.97 -0.69
C TYR B 487 -17.92 66.84 0.78
N GLU B 488 -16.73 67.35 1.09
CA GLU B 488 -16.24 67.28 2.46
C GLU B 488 -16.57 68.51 3.28
N GLU B 489 -16.71 69.68 2.65
CA GLU B 489 -16.96 70.91 3.39
C GLU B 489 -18.32 70.88 4.07
N GLU B 490 -19.37 70.51 3.32
CA GLU B 490 -20.70 70.41 3.90
C GLU B 490 -20.75 69.32 4.97
N SER B 491 -20.02 68.22 4.76
CA SER B 491 -19.97 67.17 5.77
C SER B 491 -19.35 67.69 7.06
N LYS B 492 -18.25 68.43 6.96
CA LYS B 492 -17.64 69.01 8.15
C LYS B 492 -18.58 70.00 8.82
N LEU B 493 -19.27 70.82 8.03
CA LEU B 493 -20.21 71.77 8.61
C LEU B 493 -21.32 71.05 9.35
N ASN B 494 -21.85 69.97 8.77
CA ASN B 494 -22.89 69.20 9.44
C ASN B 494 -22.38 68.56 10.73
N ARG B 495 -21.17 67.99 10.68
CA ARG B 495 -20.61 67.33 11.85
C ARG B 495 -20.25 68.32 12.95
N ASN B 496 -20.02 69.59 12.60
CA ASN B 496 -19.76 70.60 13.62
C ASN B 496 -20.99 70.96 14.41
N GLU B 497 -22.19 70.66 13.88
CA GLU B 497 -23.43 70.97 14.58
C GLU B 497 -23.67 69.99 15.73
N ASP C 1 4.84 64.69 6.78
CA ASP C 1 5.44 63.40 7.11
C ASP C 1 4.51 62.24 6.75
N GLN C 2 5.02 61.32 5.94
CA GLN C 2 4.27 60.13 5.54
C GLN C 2 5.09 58.88 5.87
N ILE C 3 4.42 57.87 6.41
CA ILE C 3 5.04 56.57 6.70
C ILE C 3 4.15 55.50 6.09
N CYS C 4 4.45 55.12 4.85
CA CYS C 4 3.67 54.10 4.17
C CYS C 4 4.31 52.73 4.29
N ILE C 5 3.46 51.72 4.40
CA ILE C 5 3.86 50.34 4.64
C ILE C 5 3.52 49.54 3.40
N GLY C 6 4.50 48.80 2.90
CA GLY C 6 4.29 48.02 1.70
C GLY C 6 5.16 46.78 1.65
N TYR C 7 5.26 46.18 0.47
CA TYR C 7 6.05 44.98 0.28
C TYR C 7 6.94 45.14 -0.95
N HIS C 8 8.10 44.54 -0.89
CA HIS C 8 9.06 44.62 -1.99
C HIS C 8 8.50 43.95 -3.23
N SER C 9 8.73 44.58 -4.38
CA SER C 9 8.33 44.03 -5.68
C SER C 9 9.53 44.01 -6.61
N ASN C 10 9.50 43.11 -7.58
CA ASN C 10 10.63 42.92 -8.49
C ASN C 10 10.08 42.50 -9.84
N ASN C 11 10.96 41.95 -10.69
CA ASN C 11 10.62 41.65 -12.08
C ASN C 11 10.70 40.16 -12.42
N SER C 12 10.69 39.28 -11.43
CA SER C 12 10.75 37.85 -11.70
C SER C 12 9.48 37.39 -12.41
N THR C 13 9.59 36.25 -13.11
CA THR C 13 8.50 35.72 -13.92
C THR C 13 8.36 34.22 -13.62
N GLU C 14 8.32 33.89 -12.34
CA GLU C 14 8.14 32.52 -11.87
C GLU C 14 6.71 32.35 -11.38
N LYS C 15 6.05 31.29 -11.85
CA LYS C 15 4.65 31.05 -11.54
C LYS C 15 4.48 29.81 -10.68
N VAL C 16 3.56 29.89 -9.72
CA VAL C 16 3.26 28.79 -8.81
C VAL C 16 1.78 28.49 -8.87
N ASP C 17 1.39 27.39 -8.25
CA ASP C 17 0.00 26.96 -8.18
C ASP C 17 -0.51 26.99 -6.74
N THR C 18 -1.83 26.96 -6.61
CA THR C 18 -2.50 27.06 -5.33
C THR C 18 -3.86 26.38 -5.47
N ILE C 19 -4.51 26.11 -4.33
CA ILE C 19 -5.80 25.45 -4.36
C ILE C 19 -6.85 26.34 -5.03
N LEU C 20 -6.90 27.61 -4.65
CA LEU C 20 -7.91 28.52 -5.17
C LEU C 20 -7.49 29.20 -6.46
N GLU C 21 -6.18 29.33 -6.71
CA GLU C 21 -5.69 30.05 -7.86
C GLU C 21 -4.68 29.18 -8.61
N ARG C 22 -4.55 29.44 -9.91
CA ARG C 22 -3.59 28.75 -10.75
C ARG C 22 -2.80 29.77 -11.56
N ASN C 23 -1.52 29.48 -11.75
CA ASN C 23 -0.60 30.34 -12.51
C ASN C 23 -0.51 31.74 -11.90
N VAL C 24 0.04 31.79 -10.69
CA VAL C 24 0.21 33.04 -9.94
C VAL C 24 1.70 33.40 -9.93
N THR C 25 2.00 34.67 -10.22
CA THR C 25 3.38 35.13 -10.29
C THR C 25 3.89 35.52 -8.92
N VAL C 26 5.10 35.07 -8.59
CA VAL C 26 5.70 35.31 -7.28
C VAL C 26 7.09 35.90 -7.50
N THR C 27 7.70 36.35 -6.40
CA THR C 27 9.02 36.95 -6.45
C THR C 27 10.11 35.91 -6.48
N HIS C 28 10.21 35.08 -5.45
CA HIS C 28 11.19 34.02 -5.36
C HIS C 28 10.48 32.67 -5.31
N ALA C 29 10.92 31.74 -6.14
CA ALA C 29 10.36 30.40 -6.19
C ALA C 29 11.48 29.38 -6.18
N GLN C 30 11.28 28.30 -5.42
CA GLN C 30 12.25 27.22 -5.33
C GLN C 30 11.67 25.98 -6.00
N ASP C 31 12.37 25.47 -7.00
CA ASP C 31 11.95 24.27 -7.70
C ASP C 31 12.48 23.05 -6.95
N LEU C 32 11.69 21.99 -6.92
CA LEU C 32 12.06 20.78 -6.19
C LEU C 32 12.10 19.54 -7.07
N LEU C 33 11.90 19.68 -8.38
CA LEU C 33 11.84 18.56 -9.30
C LEU C 33 12.91 18.72 -10.37
N GLU C 34 13.63 17.63 -10.65
CA GLU C 34 14.57 17.61 -11.77
C GLU C 34 14.04 16.70 -12.87
N LYS C 35 14.10 17.19 -14.11
CA LYS C 35 13.50 16.52 -15.25
C LYS C 35 14.48 16.21 -16.37
N THR C 36 15.78 16.32 -16.11
CA THR C 36 16.79 16.16 -17.14
C THR C 36 17.74 15.02 -16.82
N HIS C 37 18.21 14.34 -17.87
CA HIS C 37 19.20 13.29 -17.76
C HIS C 37 20.10 13.33 -18.99
N ASN C 38 21.31 12.78 -18.85
CA ASN C 38 22.27 12.81 -19.94
C ASN C 38 22.11 11.67 -20.93
N GLY C 39 21.24 10.70 -20.64
CA GLY C 39 20.99 9.62 -21.59
C GLY C 39 22.18 8.72 -21.84
N LYS C 40 22.99 8.48 -20.83
CA LYS C 40 24.19 7.66 -20.96
C LYS C 40 24.23 6.64 -19.83
N LEU C 41 24.51 5.39 -20.17
CA LEU C 41 24.71 4.34 -19.19
C LEU C 41 26.20 4.26 -18.88
N CYS C 42 26.56 4.49 -17.62
CA CYS C 42 27.96 4.68 -17.27
C CYS C 42 28.15 4.59 -15.75
N LYS C 43 29.39 4.82 -15.31
CA LYS C 43 29.92 4.25 -14.08
C LYS C 43 29.23 4.78 -12.82
N LEU C 44 29.28 3.97 -11.76
CA LEU C 44 28.74 4.30 -10.45
C LEU C 44 29.89 4.30 -9.44
N ASN C 45 30.27 5.50 -8.99
CA ASN C 45 31.33 5.66 -7.99
C ASN C 45 32.66 5.07 -8.46
N GLY C 46 32.89 5.08 -9.76
CA GLY C 46 34.14 4.63 -10.32
C GLY C 46 34.23 3.15 -10.64
N ILE C 47 33.22 2.36 -10.28
CA ILE C 47 33.21 0.92 -10.55
C ILE C 47 32.33 0.69 -11.77
N PRO C 48 32.89 0.22 -12.89
CA PRO C 48 32.07 0.05 -14.09
C PRO C 48 31.08 -1.08 -13.90
N PRO C 49 29.96 -1.04 -14.60
CA PRO C 49 28.97 -2.11 -14.50
C PRO C 49 29.42 -3.34 -15.29
N LEU C 50 28.56 -4.36 -15.28
CA LEU C 50 28.78 -5.56 -16.06
C LEU C 50 27.83 -5.53 -17.26
N GLU C 51 28.39 -5.56 -18.46
CA GLU C 51 27.64 -5.43 -19.70
C GLU C 51 27.58 -6.79 -20.37
N LEU C 52 26.43 -7.45 -20.26
CA LEU C 52 26.27 -8.77 -20.85
C LEU C 52 26.11 -8.71 -22.36
N GLY C 53 25.64 -7.59 -22.90
CA GLY C 53 25.46 -7.46 -24.33
C GLY C 53 24.27 -8.24 -24.85
N ASP C 54 24.52 -9.17 -25.76
CA ASP C 54 23.48 -10.04 -26.30
C ASP C 54 23.33 -11.32 -25.50
N CYS C 55 23.64 -11.29 -24.21
CA CYS C 55 23.72 -12.48 -23.38
C CYS C 55 22.65 -12.43 -22.31
N SER C 56 22.28 -13.60 -21.79
CA SER C 56 21.42 -13.72 -20.64
C SER C 56 22.23 -14.14 -19.43
N ILE C 57 21.60 -14.04 -18.25
CA ILE C 57 22.26 -14.44 -17.02
C ILE C 57 22.56 -15.94 -17.04
N ALA C 58 21.60 -16.73 -17.50
CA ALA C 58 21.83 -18.17 -17.62
C ALA C 58 22.96 -18.47 -18.59
N GLY C 59 23.00 -17.75 -19.72
CA GLY C 59 24.08 -17.94 -20.67
C GLY C 59 25.44 -17.54 -20.11
N TRP C 60 25.47 -16.49 -19.29
CA TRP C 60 26.71 -16.10 -18.64
C TRP C 60 27.18 -17.18 -17.68
N LEU C 61 26.26 -17.70 -16.86
CA LEU C 61 26.67 -18.64 -15.81
C LEU C 61 27.03 -20.01 -16.38
N LEU C 62 26.27 -20.48 -17.37
CA LEU C 62 26.55 -21.79 -17.94
C LEU C 62 27.74 -21.79 -18.89
N GLY C 63 28.11 -20.65 -19.44
CA GLY C 63 29.27 -20.57 -20.32
C GLY C 63 28.94 -20.76 -21.79
N ASN C 64 28.02 -19.94 -22.30
CA ASN C 64 27.67 -20.01 -23.70
C ASN C 64 28.89 -19.68 -24.56
N PRO C 65 29.13 -20.44 -25.64
CA PRO C 65 30.33 -20.17 -26.45
C PRO C 65 30.38 -18.77 -27.03
N GLU C 66 29.23 -18.18 -27.36
CA GLU C 66 29.22 -16.82 -27.86
C GLU C 66 29.64 -15.82 -26.80
N CYS C 67 29.37 -16.12 -25.54
CA CYS C 67 29.61 -15.18 -24.44
C CYS C 67 30.93 -15.50 -23.74
N ASP C 68 32.01 -15.48 -24.53
CA ASP C 68 33.32 -15.90 -24.04
C ASP C 68 34.10 -14.77 -23.40
N ARG C 69 33.64 -13.53 -23.49
CA ARG C 69 34.33 -12.43 -22.83
C ARG C 69 33.94 -12.30 -21.37
N LEU C 70 32.95 -13.06 -20.90
CA LEU C 70 32.51 -13.03 -19.52
C LEU C 70 33.05 -14.19 -18.71
N LEU C 71 34.05 -14.91 -19.23
CA LEU C 71 34.61 -16.03 -18.49
C LEU C 71 35.25 -15.57 -17.18
N THR C 72 35.96 -14.45 -17.22
CA THR C 72 36.47 -13.80 -16.02
C THR C 72 35.89 -12.39 -15.95
N VAL C 73 35.31 -12.04 -14.82
CA VAL C 73 34.60 -10.77 -14.69
C VAL C 73 35.05 -10.07 -13.41
N PRO C 74 35.48 -8.80 -13.48
CA PRO C 74 35.85 -8.08 -12.26
C PRO C 74 34.65 -7.59 -11.46
N GLU C 75 34.91 -6.82 -10.42
CA GLU C 75 33.84 -6.29 -9.59
C GLU C 75 32.96 -5.34 -10.38
N TRP C 76 31.68 -5.26 -9.99
CA TRP C 76 30.71 -4.47 -10.73
C TRP C 76 29.82 -3.71 -9.77
N SER C 77 29.02 -2.80 -10.32
CA SER C 77 28.03 -2.03 -9.59
C SER C 77 26.60 -2.44 -9.91
N TYR C 78 26.29 -2.66 -11.18
CA TYR C 78 24.99 -3.17 -11.58
C TYR C 78 25.18 -4.02 -12.84
N ILE C 79 24.12 -4.68 -13.25
CA ILE C 79 24.14 -5.57 -14.42
C ILE C 79 23.20 -5.00 -15.47
N MET C 80 23.69 -4.91 -16.70
CA MET C 80 22.90 -4.44 -17.83
C MET C 80 22.49 -5.65 -18.68
N GLU C 81 21.18 -5.86 -18.81
CA GLU C 81 20.65 -6.99 -19.56
C GLU C 81 19.56 -6.51 -20.49
N LYS C 82 19.57 -7.00 -21.73
CA LYS C 82 18.53 -6.68 -22.68
C LYS C 82 17.22 -7.37 -22.31
N GLU C 83 16.11 -6.82 -22.80
CA GLU C 83 14.80 -7.37 -22.48
C GLU C 83 14.63 -8.78 -23.06
N ASN C 84 15.08 -8.99 -24.29
CA ASN C 84 15.01 -10.30 -24.95
C ASN C 84 16.37 -10.64 -25.50
N PRO C 85 17.30 -11.07 -24.64
CA PRO C 85 18.65 -11.41 -25.12
C PRO C 85 18.60 -12.58 -26.07
N ARG C 86 19.48 -12.54 -27.08
CA ARG C 86 19.49 -13.55 -28.12
C ARG C 86 20.31 -14.77 -27.75
N ASN C 87 21.44 -14.60 -27.08
CA ASN C 87 22.31 -15.71 -26.69
C ASN C 87 22.00 -16.10 -25.25
N GLY C 88 21.14 -17.10 -25.09
CA GLY C 88 20.81 -17.61 -23.78
C GLY C 88 21.20 -19.07 -23.62
N LEU C 89 20.20 -19.94 -23.60
CA LEU C 89 20.44 -21.38 -23.55
C LEU C 89 20.76 -21.87 -24.96
N CYS C 90 22.05 -22.09 -25.23
CA CYS C 90 22.48 -22.67 -26.49
C CYS C 90 21.77 -23.98 -26.79
N TYR C 91 21.77 -24.89 -25.85
CA TYR C 91 20.96 -26.10 -25.99
C TYR C 91 19.58 -25.86 -25.39
N PRO C 92 18.50 -26.17 -26.11
CA PRO C 92 17.16 -25.85 -25.60
C PRO C 92 16.90 -26.55 -24.28
N GLY C 93 16.17 -25.87 -23.40
CA GLY C 93 15.86 -26.45 -22.10
C GLY C 93 15.23 -25.42 -21.19
N SER C 94 15.35 -25.66 -19.89
CA SER C 94 14.74 -24.82 -18.88
C SER C 94 15.68 -24.66 -17.70
N PHE C 95 15.41 -23.63 -16.91
CA PHE C 95 16.15 -23.33 -15.69
C PHE C 95 15.15 -23.29 -14.55
N ASN C 96 15.39 -24.11 -13.52
CA ASN C 96 14.48 -24.19 -12.39
C ASN C 96 14.80 -23.10 -11.39
N ASP C 97 13.76 -22.37 -10.97
CA ASP C 97 13.90 -21.24 -10.04
C ASP C 97 14.88 -20.20 -10.58
N TYR C 98 14.70 -19.85 -11.85
CA TYR C 98 15.54 -18.85 -12.50
C TYR C 98 15.36 -17.47 -11.85
N GLU C 99 14.12 -17.08 -11.56
CA GLU C 99 13.86 -15.76 -11.02
C GLU C 99 14.38 -15.63 -9.59
N GLU C 100 14.32 -16.71 -8.81
CA GLU C 100 14.92 -16.68 -7.48
C GLU C 100 16.42 -16.47 -7.56
N LEU C 101 17.08 -17.12 -8.53
CA LEU C 101 18.51 -16.91 -8.72
C LEU C 101 18.80 -15.47 -9.10
N LYS C 102 17.97 -14.88 -9.96
CA LYS C 102 18.18 -13.48 -10.31
C LYS C 102 18.00 -12.57 -9.10
N HIS C 103 17.01 -12.85 -8.26
CA HIS C 103 16.82 -12.07 -7.04
C HIS C 103 18.03 -12.18 -6.13
N LEU C 104 18.59 -13.38 -6.01
CA LEU C 104 19.79 -13.56 -5.19
C LEU C 104 20.97 -12.80 -5.79
N LEU C 105 21.11 -12.81 -7.11
CA LEU C 105 22.20 -12.10 -7.75
C LEU C 105 22.06 -10.60 -7.61
N SER C 106 20.82 -10.10 -7.46
CA SER C 106 20.61 -8.66 -7.41
C SER C 106 21.37 -8.00 -6.27
N SER C 107 21.64 -8.73 -5.19
CA SER C 107 22.36 -8.19 -4.05
C SER C 107 23.76 -8.80 -3.92
N VAL C 108 24.29 -9.37 -4.99
CA VAL C 108 25.58 -10.05 -4.96
C VAL C 108 26.50 -9.34 -5.94
N THR C 109 27.61 -8.83 -5.43
CA THR C 109 28.70 -8.25 -6.20
C THR C 109 29.68 -9.38 -6.56
N HIS C 110 30.93 -9.03 -6.86
CA HIS C 110 31.94 -9.90 -7.46
C HIS C 110 31.86 -11.37 -7.07
N PHE C 111 31.89 -12.25 -8.08
CA PHE C 111 32.02 -13.68 -7.91
C PHE C 111 33.48 -14.08 -7.89
N GLU C 112 33.74 -15.40 -7.82
CA GLU C 112 35.11 -15.91 -7.92
C GLU C 112 35.00 -17.38 -8.31
N LYS C 113 35.45 -17.71 -9.52
CA LYS C 113 35.31 -19.06 -10.05
C LYS C 113 36.31 -20.00 -9.39
N VAL C 114 35.83 -21.16 -8.95
CA VAL C 114 36.64 -22.19 -8.33
C VAL C 114 36.44 -23.49 -9.08
N LYS C 115 37.54 -24.13 -9.48
CA LYS C 115 37.48 -25.42 -10.15
C LYS C 115 37.22 -26.50 -9.11
N ILE C 116 35.98 -26.97 -9.04
CA ILE C 116 35.59 -27.86 -7.95
C ILE C 116 35.59 -29.31 -8.41
N LEU C 117 35.44 -29.55 -9.71
CA LEU C 117 35.45 -30.89 -10.27
C LEU C 117 36.13 -30.84 -11.63
N PRO C 118 37.44 -31.11 -11.69
CA PRO C 118 38.15 -31.04 -12.97
C PRO C 118 37.58 -32.01 -13.99
N LYS C 119 37.96 -31.80 -15.24
CA LYS C 119 37.48 -32.61 -16.34
C LYS C 119 38.33 -33.87 -16.57
N ASP C 120 39.47 -33.99 -15.89
CA ASP C 120 40.34 -35.14 -16.07
C ASP C 120 40.06 -36.27 -15.09
N ARG C 121 39.23 -36.04 -14.06
CA ARG C 121 38.95 -37.11 -13.10
C ARG C 121 38.00 -38.15 -13.67
N TRP C 122 37.15 -37.77 -14.62
CA TRP C 122 36.19 -38.70 -15.22
C TRP C 122 36.93 -39.62 -16.20
N THR C 123 37.73 -40.52 -15.62
CA THR C 123 38.58 -41.39 -16.43
C THR C 123 37.82 -42.54 -17.06
N GLN C 124 36.63 -42.87 -16.54
CA GLN C 124 35.86 -44.00 -17.04
C GLN C 124 34.72 -43.59 -17.96
N HIS C 125 34.66 -42.31 -18.34
CA HIS C 125 33.63 -41.81 -19.25
C HIS C 125 34.28 -40.94 -20.30
N THR C 126 33.47 -40.47 -21.25
CA THR C 126 33.91 -39.56 -22.29
C THR C 126 33.40 -38.15 -21.98
N THR C 127 34.31 -37.18 -21.99
CA THR C 127 33.99 -35.81 -21.62
C THR C 127 34.04 -34.85 -22.80
N THR C 128 34.06 -35.37 -24.03
CA THR C 128 34.20 -34.55 -25.23
C THR C 128 32.91 -34.50 -26.05
N GLY C 129 31.78 -34.42 -25.38
CA GLY C 129 30.52 -34.28 -26.07
C GLY C 129 30.24 -32.84 -26.47
N GLY C 130 29.35 -32.70 -27.45
CA GLY C 130 28.97 -31.38 -27.92
C GLY C 130 27.80 -31.49 -28.87
N SER C 131 27.24 -30.32 -29.19
CA SER C 131 26.10 -30.25 -30.09
C SER C 131 26.29 -29.11 -31.07
N ARG C 132 25.67 -29.25 -32.24
CA ARG C 132 25.73 -28.20 -33.25
C ARG C 132 24.86 -27.00 -32.91
N ALA C 133 23.98 -27.11 -31.91
CA ALA C 133 23.24 -25.95 -31.44
C ALA C 133 24.12 -24.94 -30.74
N CYS C 134 25.33 -25.34 -30.38
CA CYS C 134 26.32 -24.49 -29.72
C CYS C 134 27.61 -24.70 -30.50
N ALA C 135 27.74 -23.96 -31.61
CA ALA C 135 28.79 -24.24 -32.59
C ALA C 135 29.78 -23.10 -32.64
N VAL C 136 31.06 -23.44 -32.73
CA VAL C 136 32.13 -22.47 -32.93
C VAL C 136 32.82 -22.80 -34.24
N SER C 137 32.78 -21.86 -35.18
CA SER C 137 33.38 -22.03 -36.51
C SER C 137 32.87 -23.28 -37.23
N GLY C 138 31.61 -23.64 -36.99
CA GLY C 138 30.98 -24.76 -37.64
C GLY C 138 31.06 -26.07 -36.87
N ASN C 139 32.14 -26.29 -36.12
CA ASN C 139 32.31 -27.53 -35.37
C ASN C 139 31.42 -27.53 -34.12
N PRO C 140 30.99 -28.70 -33.67
CA PRO C 140 30.19 -28.77 -32.45
C PRO C 140 30.99 -28.36 -31.22
N SER C 141 30.27 -27.81 -30.24
CA SER C 141 30.86 -27.41 -28.98
C SER C 141 29.81 -27.56 -27.88
N PHE C 142 30.10 -27.01 -26.71
CA PHE C 142 29.22 -27.16 -25.56
C PHE C 142 29.46 -25.99 -24.62
N PHE C 143 28.73 -25.98 -23.51
CA PHE C 143 28.93 -24.97 -22.48
C PHE C 143 30.34 -25.07 -21.92
N ARG C 144 30.92 -23.91 -21.61
CA ARG C 144 32.30 -23.87 -21.15
C ARG C 144 32.45 -24.32 -19.70
N ASN C 145 31.44 -24.08 -18.86
CA ASN C 145 31.55 -24.36 -17.44
C ASN C 145 30.97 -25.70 -17.03
N MET C 146 30.47 -26.50 -17.97
CA MET C 146 29.85 -27.77 -17.65
C MET C 146 30.45 -28.88 -18.52
N VAL C 147 30.29 -30.11 -18.04
CA VAL C 147 30.81 -31.30 -18.71
C VAL C 147 29.65 -32.23 -19.04
N TRP C 148 29.68 -32.79 -20.24
CA TRP C 148 28.71 -33.78 -20.68
C TRP C 148 29.36 -35.15 -20.63
N LEU C 149 28.82 -36.03 -19.79
CA LEU C 149 29.35 -37.37 -19.60
C LEU C 149 28.61 -38.34 -20.51
N THR C 150 29.35 -39.21 -21.18
CA THR C 150 28.81 -40.09 -22.20
C THR C 150 29.51 -41.44 -22.07
N LYS C 151 29.06 -42.42 -22.85
CA LYS C 151 29.69 -43.72 -22.95
C LYS C 151 31.19 -43.60 -23.13
N LYS C 152 31.92 -44.63 -22.69
CA LYS C 152 33.33 -44.83 -23.02
C LYS C 152 33.43 -46.27 -23.50
N GLY C 153 33.49 -46.46 -24.81
CA GLY C 153 33.44 -47.80 -25.35
C GLY C 153 32.02 -48.28 -25.48
N SER C 154 31.58 -49.11 -24.55
CA SER C 154 30.20 -49.55 -24.52
C SER C 154 29.62 -49.60 -23.10
N ASN C 155 30.34 -49.09 -22.10
CA ASN C 155 29.89 -49.13 -20.72
C ASN C 155 29.69 -47.70 -20.20
N TYR C 156 28.84 -47.59 -19.18
CA TYR C 156 28.66 -46.35 -18.42
C TYR C 156 28.75 -46.70 -16.94
N PRO C 157 29.95 -46.69 -16.37
CA PRO C 157 30.07 -46.94 -14.94
C PRO C 157 29.42 -45.83 -14.12
N VAL C 158 29.07 -46.18 -12.88
CA VAL C 158 28.38 -45.23 -12.02
C VAL C 158 29.31 -44.05 -11.74
N ALA C 159 28.79 -42.84 -11.94
CA ALA C 159 29.58 -41.63 -11.81
C ALA C 159 29.40 -41.04 -10.43
N LYS C 160 30.52 -40.78 -9.75
CA LYS C 160 30.51 -40.23 -8.40
C LYS C 160 31.43 -39.03 -8.35
N GLY C 161 31.02 -38.03 -7.57
CA GLY C 161 31.82 -36.82 -7.39
C GLY C 161 31.39 -36.06 -6.17
N SER C 162 32.36 -35.50 -5.43
CA SER C 162 32.06 -34.82 -4.18
C SER C 162 32.95 -33.58 -4.06
N TYR C 163 32.44 -32.59 -3.32
CA TYR C 163 33.21 -31.40 -3.03
C TYR C 163 32.87 -30.92 -1.62
N ASN C 164 33.89 -30.67 -0.82
CA ASN C 164 33.76 -30.13 0.52
C ASN C 164 34.12 -28.65 0.46
N ASN C 165 33.19 -27.80 0.88
CA ASN C 165 33.32 -26.35 0.67
C ASN C 165 34.34 -25.79 1.65
N THR C 166 35.61 -25.84 1.26
CA THR C 166 36.69 -25.26 2.03
C THR C 166 37.18 -23.94 1.44
N SER C 167 36.37 -23.31 0.58
CA SER C 167 36.81 -22.10 -0.09
C SER C 167 36.86 -20.91 0.85
N GLY C 168 35.84 -20.73 1.68
CA GLY C 168 35.85 -19.64 2.62
C GLY C 168 34.55 -18.86 2.69
N GLU C 169 33.72 -18.96 1.64
CA GLU C 169 32.45 -18.26 1.60
C GLU C 169 31.41 -19.19 1.01
N GLN C 170 30.18 -18.69 0.89
CA GLN C 170 29.11 -19.45 0.26
C GLN C 170 29.40 -19.64 -1.23
N MET C 171 28.94 -20.76 -1.76
CA MET C 171 29.20 -21.15 -3.14
C MET C 171 27.91 -21.56 -3.83
N LEU C 172 27.81 -21.24 -5.11
CA LEU C 172 26.67 -21.59 -5.93
C LEU C 172 27.09 -22.63 -6.96
N VAL C 173 26.35 -23.73 -7.04
CA VAL C 173 26.64 -24.84 -7.93
C VAL C 173 25.44 -25.08 -8.83
N ILE C 174 25.71 -25.31 -10.11
CA ILE C 174 24.67 -25.55 -11.11
C ILE C 174 24.93 -26.90 -11.78
N TRP C 175 23.91 -27.74 -11.82
CA TRP C 175 23.98 -29.04 -12.49
C TRP C 175 22.76 -29.19 -13.39
N GLY C 176 22.78 -30.21 -14.24
CA GLY C 176 21.72 -30.40 -15.21
C GLY C 176 21.39 -31.86 -15.47
N VAL C 177 20.23 -32.06 -16.09
CA VAL C 177 19.77 -33.37 -16.55
C VAL C 177 19.42 -33.25 -18.02
N HIS C 178 19.56 -34.36 -18.74
CA HIS C 178 19.32 -34.38 -20.19
C HIS C 178 18.13 -35.27 -20.52
N HIS C 179 17.27 -34.79 -21.41
CA HIS C 179 16.05 -35.48 -21.80
C HIS C 179 16.08 -35.76 -23.31
N PRO C 180 16.39 -36.98 -23.73
CA PRO C 180 16.42 -37.28 -25.17
C PRO C 180 15.01 -37.35 -25.75
N ASN C 181 14.95 -37.52 -27.08
CA ASN C 181 13.67 -37.59 -27.76
C ASN C 181 13.28 -38.99 -28.18
N ASP C 182 14.11 -39.99 -27.92
CA ASP C 182 13.75 -41.38 -28.22
C ASP C 182 14.61 -42.31 -27.38
N GLU C 183 14.16 -43.56 -27.28
CA GLU C 183 14.94 -44.57 -26.56
C GLU C 183 16.23 -44.92 -27.29
N ALA C 184 16.21 -44.84 -28.62
CA ALA C 184 17.40 -45.16 -29.40
C ALA C 184 18.55 -44.20 -29.07
N GLU C 185 18.25 -42.90 -28.96
CA GLU C 185 19.30 -41.95 -28.63
C GLU C 185 19.83 -42.18 -27.21
N GLN C 186 18.94 -42.51 -26.28
CA GLN C 186 19.38 -42.81 -24.92
C GLN C 186 20.31 -44.00 -24.91
N ARG C 187 19.98 -45.04 -25.67
CA ARG C 187 20.83 -46.23 -25.69
C ARG C 187 22.14 -45.96 -26.41
N THR C 188 22.14 -45.08 -27.41
CA THR C 188 23.36 -44.78 -28.13
C THR C 188 24.23 -43.75 -27.42
N LEU C 189 23.70 -43.08 -26.40
CA LEU C 189 24.49 -42.11 -25.64
C LEU C 189 24.93 -42.62 -24.27
N TYR C 190 24.16 -43.52 -23.65
CA TYR C 190 24.45 -43.94 -22.28
C TYR C 190 24.42 -45.44 -22.05
N GLN C 191 23.96 -46.24 -23.02
CA GLN C 191 23.91 -47.70 -22.90
C GLN C 191 23.14 -48.16 -21.67
N ASN C 192 22.10 -47.43 -21.29
CA ASN C 192 21.28 -47.82 -20.17
C ASN C 192 19.88 -47.25 -20.35
N VAL C 193 18.92 -47.87 -19.65
CA VAL C 193 17.53 -47.42 -19.66
C VAL C 193 17.06 -47.39 -18.21
N GLY C 194 16.22 -46.41 -17.90
CA GLY C 194 15.79 -46.22 -16.52
C GLY C 194 16.90 -45.69 -15.63
N THR C 195 17.68 -44.74 -16.13
CA THR C 195 18.76 -44.15 -15.37
C THR C 195 18.22 -43.10 -14.41
N TYR C 196 19.12 -42.58 -13.58
CA TYR C 196 18.74 -41.59 -12.57
C TYR C 196 19.90 -40.64 -12.33
N VAL C 197 19.58 -39.49 -11.77
CA VAL C 197 20.57 -38.50 -11.35
C VAL C 197 20.25 -38.10 -9.92
N SER C 198 21.23 -38.24 -9.03
CA SER C 198 21.04 -38.01 -7.61
C SER C 198 21.99 -36.94 -7.11
N VAL C 199 21.45 -35.95 -6.41
CA VAL C 199 22.24 -34.88 -5.82
C VAL C 199 21.85 -34.76 -4.36
N GLY C 200 22.85 -34.71 -3.48
CA GLY C 200 22.56 -34.63 -2.06
C GLY C 200 23.51 -33.76 -1.26
N THR C 201 22.95 -32.81 -0.51
CA THR C 201 23.71 -32.03 0.44
C THR C 201 23.07 -32.12 1.81
N SER C 202 23.53 -31.30 2.77
CA SER C 202 22.99 -31.32 4.11
C SER C 202 21.56 -30.81 4.18
N THR C 203 21.05 -30.18 3.13
CA THR C 203 19.69 -29.67 3.11
C THR C 203 18.89 -30.18 1.91
N VAL C 204 19.51 -30.31 0.75
CA VAL C 204 18.80 -30.65 -0.48
C VAL C 204 18.95 -32.13 -0.77
N ASN C 205 17.94 -32.69 -1.44
CA ASN C 205 17.91 -34.12 -1.74
C ASN C 205 16.98 -34.33 -2.93
N LYS C 206 17.54 -34.61 -4.10
CA LYS C 206 16.76 -34.90 -5.30
C LYS C 206 17.25 -36.18 -5.97
N ARG C 207 16.32 -36.84 -6.65
CA ARG C 207 16.62 -37.93 -7.56
C ARG C 207 15.71 -37.75 -8.77
N SER C 208 16.29 -37.42 -9.92
CA SER C 208 15.53 -37.10 -11.12
C SER C 208 15.61 -38.23 -12.13
N ILE C 209 14.48 -38.54 -12.74
CA ILE C 209 14.37 -39.57 -13.77
C ILE C 209 14.20 -38.86 -15.11
N PRO C 210 15.03 -39.17 -16.10
CA PRO C 210 14.88 -38.51 -17.42
C PRO C 210 13.53 -38.80 -18.05
N GLU C 211 13.02 -37.80 -18.76
CA GLU C 211 11.72 -37.87 -19.42
C GLU C 211 11.93 -37.84 -20.93
N ILE C 212 11.41 -38.83 -21.62
CA ILE C 212 11.59 -38.97 -23.07
C ILE C 212 10.25 -38.75 -23.75
N ALA C 213 10.22 -37.83 -24.72
CA ALA C 213 9.03 -37.55 -25.49
C ALA C 213 9.43 -36.93 -26.81
N THR C 214 8.52 -36.99 -27.78
CA THR C 214 8.74 -36.35 -29.07
C THR C 214 8.36 -34.88 -28.98
N ARG C 215 9.26 -34.02 -29.41
CA ARG C 215 9.11 -32.58 -29.28
C ARG C 215 9.49 -31.90 -30.58
N PRO C 216 8.99 -30.69 -30.82
CA PRO C 216 9.45 -29.92 -31.99
C PRO C 216 10.92 -29.58 -31.86
N LYS C 217 11.57 -29.40 -33.01
CA LYS C 217 12.99 -29.07 -33.05
C LYS C 217 13.18 -27.59 -32.78
N VAL C 218 13.74 -27.25 -31.63
CA VAL C 218 14.13 -25.89 -31.29
C VAL C 218 15.64 -25.81 -31.39
N ASN C 219 16.12 -24.88 -32.22
CA ASN C 219 17.55 -24.74 -32.53
C ASN C 219 18.11 -26.00 -33.19
N GLY C 220 17.25 -26.78 -33.83
CA GLY C 220 17.66 -27.95 -34.57
C GLY C 220 17.58 -29.26 -33.83
N GLN C 221 17.37 -29.25 -32.51
CA GLN C 221 17.39 -30.45 -31.71
C GLN C 221 16.02 -30.69 -31.08
N GLY C 222 15.67 -31.97 -30.95
CA GLY C 222 14.47 -32.38 -30.28
C GLY C 222 14.63 -32.71 -28.80
N GLY C 223 15.84 -32.61 -28.27
CA GLY C 223 16.09 -32.86 -26.87
C GLY C 223 16.07 -31.60 -26.04
N ARG C 224 16.05 -31.78 -24.72
CA ARG C 224 15.99 -30.69 -23.77
C ARG C 224 16.96 -30.96 -22.62
N MET C 225 17.33 -29.89 -21.93
CA MET C 225 18.21 -29.95 -20.77
C MET C 225 17.59 -29.15 -19.63
N GLU C 226 17.50 -29.77 -18.46
CA GLU C 226 16.89 -29.16 -17.29
C GLU C 226 17.99 -28.85 -16.28
N PHE C 227 18.10 -27.58 -15.88
CA PHE C 227 19.20 -27.11 -15.04
C PHE C 227 18.65 -26.69 -13.69
N SER C 228 19.33 -27.12 -12.62
CA SER C 228 18.97 -26.78 -11.26
C SER C 228 20.19 -26.20 -10.55
N TRP C 229 19.96 -25.57 -9.41
CA TRP C 229 21.03 -24.91 -8.67
C TRP C 229 20.77 -25.01 -7.18
N THR C 230 21.84 -24.80 -6.40
CA THR C 230 21.76 -24.75 -4.96
C THR C 230 22.90 -23.88 -4.44
N ILE C 231 22.76 -23.44 -3.20
CA ILE C 231 23.78 -22.64 -2.52
C ILE C 231 24.41 -23.50 -1.45
N LEU C 232 25.73 -23.65 -1.51
CA LEU C 232 26.47 -24.52 -0.60
C LEU C 232 27.12 -23.70 0.49
N ASP C 233 26.86 -24.07 1.74
CA ASP C 233 27.37 -23.33 2.88
C ASP C 233 28.82 -23.73 3.18
N MET C 234 29.42 -22.99 4.11
CA MET C 234 30.79 -23.26 4.50
C MET C 234 30.90 -24.62 5.19
N LEU C 235 31.95 -25.35 4.84
CA LEU C 235 32.22 -26.68 5.41
C LEU C 235 31.09 -27.66 5.14
N ASP C 236 30.34 -27.45 4.06
CA ASP C 236 29.30 -28.37 3.62
C ASP C 236 29.79 -29.16 2.42
N THR C 237 29.07 -30.22 2.10
CA THR C 237 29.48 -31.14 1.05
C THR C 237 28.34 -31.37 0.07
N ILE C 238 28.68 -31.52 -1.20
CA ILE C 238 27.72 -31.81 -2.25
C ILE C 238 28.15 -33.12 -2.92
N ASN C 239 27.21 -34.02 -3.14
CA ASN C 239 27.47 -35.32 -3.71
C ASN C 239 26.68 -35.50 -5.00
N PHE C 240 27.32 -36.10 -6.01
CA PHE C 240 26.71 -36.37 -7.29
C PHE C 240 26.80 -37.85 -7.58
N GLU C 241 25.69 -38.44 -8.01
CA GLU C 241 25.67 -39.83 -8.44
C GLU C 241 24.72 -39.94 -9.63
N SER C 242 25.14 -40.68 -10.66
CA SER C 242 24.30 -40.78 -11.86
C SER C 242 24.66 -42.04 -12.63
N THR C 243 23.64 -42.78 -13.04
CA THR C 243 23.81 -43.87 -13.99
C THR C 243 23.70 -43.37 -15.43
N GLY C 244 23.20 -42.16 -15.62
CA GLY C 244 23.16 -41.57 -16.95
C GLY C 244 22.50 -40.20 -16.90
N ASN C 245 22.58 -39.50 -18.03
CA ASN C 245 21.88 -38.24 -18.23
C ASN C 245 22.33 -37.17 -17.23
N LEU C 246 23.63 -37.06 -17.02
CA LEU C 246 24.19 -36.10 -16.08
C LEU C 246 25.02 -35.06 -16.83
N ILE C 247 24.76 -33.79 -16.54
CA ILE C 247 25.59 -32.70 -17.03
C ILE C 247 26.31 -32.10 -15.83
N ALA C 248 27.51 -32.58 -15.56
CA ALA C 248 28.22 -32.23 -14.34
C ALA C 248 28.82 -30.84 -14.42
N PRO C 249 28.89 -30.13 -13.30
CA PRO C 249 29.59 -28.85 -13.29
C PRO C 249 31.09 -29.02 -13.15
N GLU C 250 31.82 -28.03 -13.66
CA GLU C 250 33.26 -27.96 -13.50
C GLU C 250 33.70 -26.80 -12.62
N TYR C 251 32.89 -25.76 -12.49
CA TYR C 251 33.22 -24.59 -11.71
C TYR C 251 32.07 -24.26 -10.77
N GLY C 252 32.42 -23.77 -9.59
CA GLY C 252 31.47 -23.20 -8.65
C GLY C 252 31.77 -21.73 -8.50
N PHE C 253 30.74 -20.95 -8.21
CA PHE C 253 30.86 -19.49 -8.17
C PHE C 253 30.87 -19.05 -6.71
N LYS C 254 32.07 -18.82 -6.19
CA LYS C 254 32.22 -18.30 -4.84
C LYS C 254 31.72 -16.87 -4.76
N ILE C 255 31.00 -16.56 -3.69
CA ILE C 255 30.52 -15.20 -3.44
C ILE C 255 31.60 -14.46 -2.67
N SER C 256 32.05 -13.33 -3.21
CA SER C 256 33.23 -12.66 -2.72
C SER C 256 32.97 -11.33 -2.04
N LYS C 257 32.09 -10.49 -2.58
CA LYS C 257 32.00 -9.10 -2.14
C LYS C 257 30.70 -8.76 -1.43
N ARG C 258 29.55 -9.01 -2.07
CA ARG C 258 28.23 -8.64 -1.55
C ARG C 258 28.07 -7.13 -1.42
N GLY C 259 26.83 -6.67 -1.39
CA GLY C 259 26.52 -5.26 -1.33
C GLY C 259 25.17 -4.98 -1.94
N SER C 260 24.93 -3.72 -2.25
CA SER C 260 23.68 -3.27 -2.85
C SER C 260 23.88 -3.07 -4.35
N SER C 261 23.08 -3.76 -5.14
CA SER C 261 23.22 -3.74 -6.59
C SER C 261 21.84 -3.92 -7.21
N GLY C 262 21.80 -4.30 -8.48
CA GLY C 262 20.54 -4.56 -9.14
C GLY C 262 20.78 -5.03 -10.56
N ILE C 263 19.69 -5.33 -11.24
CA ILE C 263 19.71 -5.72 -12.65
C ILE C 263 18.86 -4.71 -13.42
N MET C 264 19.44 -4.14 -14.47
CA MET C 264 18.80 -3.11 -15.28
C MET C 264 18.45 -3.68 -16.65
N LYS C 265 17.22 -3.42 -17.10
CA LYS C 265 16.76 -3.85 -18.41
C LYS C 265 16.88 -2.67 -19.37
N THR C 266 18.04 -2.57 -20.01
CA THR C 266 18.32 -1.49 -20.95
C THR C 266 18.83 -2.07 -22.25
N GLU C 267 18.70 -1.28 -23.31
CA GLU C 267 19.22 -1.63 -24.63
C GLU C 267 20.44 -0.81 -25.02
N GLY C 268 21.01 -0.05 -24.07
CA GLY C 268 22.09 0.85 -24.37
C GLY C 268 23.46 0.18 -24.29
N THR C 269 24.49 1.01 -24.35
CA THR C 269 25.88 0.57 -24.31
C THR C 269 26.64 1.42 -23.31
N LEU C 270 27.63 0.80 -22.67
CA LEU C 270 28.41 1.50 -21.65
C LEU C 270 29.21 2.63 -22.29
N GLU C 271 29.20 3.79 -21.64
CA GLU C 271 30.02 4.93 -22.03
C GLU C 271 30.91 5.30 -20.83
N ASN C 272 31.59 6.43 -20.95
CA ASN C 272 32.57 6.87 -19.96
C ASN C 272 32.03 8.10 -19.23
N CYS C 273 31.61 7.91 -17.98
CA CYS C 273 31.20 9.01 -17.12
C CYS C 273 31.69 8.72 -15.71
N GLU C 274 31.09 9.42 -14.76
CA GLU C 274 31.09 9.00 -13.36
C GLU C 274 29.89 9.68 -12.73
N THR C 275 28.85 8.92 -12.39
CA THR C 275 27.66 9.47 -11.77
C THR C 275 27.45 8.88 -10.39
N LYS C 276 26.45 9.42 -9.69
CA LYS C 276 26.10 8.95 -8.36
C LYS C 276 24.90 8.02 -8.35
N CYS C 277 23.95 8.19 -9.26
CA CYS C 277 22.91 7.19 -9.44
C CYS C 277 22.53 7.11 -10.91
N GLN C 278 21.96 5.97 -11.29
CA GLN C 278 21.73 5.63 -12.69
C GLN C 278 20.31 5.12 -12.87
N THR C 279 19.67 5.58 -13.93
CA THR C 279 18.35 5.14 -14.33
C THR C 279 18.44 4.46 -15.69
N PRO C 280 17.47 3.63 -16.06
CA PRO C 280 17.58 2.91 -17.34
C PRO C 280 17.63 3.81 -18.55
N LEU C 281 17.23 5.07 -18.44
CA LEU C 281 17.31 6.02 -19.54
C LEU C 281 18.58 6.86 -19.52
N GLY C 282 19.07 7.23 -18.34
CA GLY C 282 20.29 8.01 -18.25
C GLY C 282 20.63 8.32 -16.82
N ALA C 283 21.76 8.98 -16.65
CA ALA C 283 22.26 9.34 -15.33
C ALA C 283 21.65 10.64 -14.84
N ILE C 284 21.73 10.84 -13.53
CA ILE C 284 21.16 12.00 -12.87
C ILE C 284 22.25 12.67 -12.04
N ASN C 285 22.41 13.98 -12.22
CA ASN C 285 23.38 14.77 -11.47
C ASN C 285 22.62 15.94 -10.87
N THR C 286 22.31 15.86 -9.58
CA THR C 286 21.34 16.76 -8.98
C THR C 286 21.63 16.98 -7.51
N THR C 287 20.97 18.00 -6.96
CA THR C 287 20.90 18.22 -5.52
C THR C 287 19.48 18.40 -5.04
N LEU C 288 18.50 18.38 -5.94
CA LEU C 288 17.09 18.50 -5.62
C LEU C 288 16.54 17.18 -5.08
N PRO C 289 15.51 17.22 -4.24
CA PRO C 289 14.99 16.00 -3.60
C PRO C 289 13.91 15.25 -4.37
N PHE C 290 13.65 15.56 -5.63
CA PHE C 290 12.67 14.82 -6.40
C PHE C 290 13.12 14.72 -7.85
N HIS C 291 12.57 13.73 -8.55
CA HIS C 291 12.78 13.58 -9.99
C HIS C 291 11.63 12.79 -10.57
N ASN C 292 11.49 12.84 -11.89
CA ASN C 292 10.37 12.21 -12.58
C ASN C 292 10.84 11.48 -13.83
N ILE C 293 11.94 10.75 -13.73
CA ILE C 293 12.52 10.11 -14.91
C ILE C 293 12.12 8.64 -14.99
N HIS C 294 12.45 7.86 -13.96
CA HIS C 294 12.14 6.45 -13.97
C HIS C 294 12.09 5.93 -12.54
N PRO C 295 11.09 5.13 -12.19
CA PRO C 295 10.99 4.65 -10.79
C PRO C 295 12.15 3.79 -10.34
N LEU C 296 12.73 2.99 -11.23
CA LEU C 296 13.75 2.01 -10.85
C LEU C 296 15.13 2.62 -11.04
N THR C 297 15.77 2.98 -9.93
CA THR C 297 17.08 3.63 -9.94
C THR C 297 18.04 2.89 -9.02
N ILE C 298 19.33 2.99 -9.32
CA ILE C 298 20.39 2.37 -8.55
C ILE C 298 21.37 3.46 -8.13
N GLY C 299 21.71 3.49 -6.84
CA GLY C 299 22.60 4.50 -6.31
C GLY C 299 21.93 5.28 -5.19
N GLU C 300 22.39 6.49 -4.92
CA GLU C 300 21.77 7.38 -3.95
C GLU C 300 21.33 8.65 -4.66
N CYS C 301 20.02 8.83 -4.81
CA CYS C 301 19.51 10.02 -5.50
C CYS C 301 18.02 10.21 -5.23
N PRO C 302 17.41 11.34 -5.68
CA PRO C 302 16.07 11.70 -5.20
C PRO C 302 14.98 10.67 -5.31
N LYS C 303 13.89 10.94 -4.61
CA LYS C 303 12.67 10.16 -4.70
C LYS C 303 11.99 10.38 -6.04
N TYR C 304 11.10 9.47 -6.40
CA TYR C 304 10.39 9.52 -7.67
C TYR C 304 8.96 9.98 -7.44
N VAL C 305 8.54 10.99 -8.20
CA VAL C 305 7.18 11.48 -8.18
C VAL C 305 6.70 11.63 -9.62
N LYS C 306 5.49 11.15 -9.88
CA LYS C 306 4.92 11.16 -11.23
C LYS C 306 4.19 12.48 -11.50
N SER C 307 4.96 13.56 -11.46
CA SER C 307 4.42 14.90 -11.60
C SER C 307 5.27 15.71 -12.57
N GLU C 308 4.68 16.77 -13.12
CA GLU C 308 5.37 17.62 -14.06
C GLU C 308 5.86 18.93 -13.46
N LYS C 309 5.30 19.37 -12.34
CA LYS C 309 5.69 20.63 -11.72
C LYS C 309 5.60 20.50 -10.21
N LEU C 310 6.66 20.92 -9.52
CA LEU C 310 6.69 21.03 -8.07
C LEU C 310 7.51 22.27 -7.72
N VAL C 311 6.84 23.40 -7.59
CA VAL C 311 7.48 24.68 -7.29
C VAL C 311 6.94 25.20 -5.97
N LEU C 312 7.83 25.59 -5.07
CA LEU C 312 7.46 26.11 -3.77
C LEU C 312 7.64 27.62 -3.76
N ALA C 313 6.60 28.35 -3.37
CA ALA C 313 6.62 29.81 -3.39
C ALA C 313 7.21 30.29 -2.07
N THR C 314 8.44 30.75 -2.10
CA THR C 314 9.11 31.28 -0.92
C THR C 314 9.06 32.79 -0.82
N GLY C 315 8.44 33.46 -1.78
CA GLY C 315 8.41 34.91 -1.79
C GLY C 315 7.03 35.51 -1.65
N LEU C 316 6.81 36.66 -2.25
CA LEU C 316 5.57 37.40 -2.14
C LEU C 316 4.89 37.53 -3.49
N ARG C 317 3.68 38.04 -3.47
CA ARG C 317 2.95 38.29 -4.70
C ARG C 317 3.65 39.37 -5.52
N ASN C 318 3.64 39.21 -6.84
CA ASN C 318 4.28 40.16 -7.73
C ASN C 318 3.19 41.01 -8.38
N VAL C 319 2.77 42.03 -7.66
CA VAL C 319 1.80 43.01 -8.15
C VAL C 319 2.45 44.39 -8.11
N PRO C 320 2.78 44.99 -9.26
CA PRO C 320 3.49 46.27 -9.29
C PRO C 320 2.53 47.46 -9.40
N GLY C 333 1.47 52.93 -1.21
CA GLY C 333 0.95 52.09 -0.15
C GLY C 333 0.68 50.66 -0.57
N PHE C 334 0.32 49.81 0.38
CA PHE C 334 0.11 48.40 0.10
C PHE C 334 -1.31 48.07 -0.35
N ILE C 335 -2.19 49.05 -0.44
CA ILE C 335 -3.50 48.83 -1.05
C ILE C 335 -3.45 48.94 -2.56
N GLU C 336 -2.40 49.53 -3.11
CA GLU C 336 -2.29 49.69 -4.56
C GLU C 336 -1.32 48.72 -5.21
N GLY C 337 -0.30 48.27 -4.50
CA GLY C 337 0.68 47.36 -5.06
C GLY C 337 2.00 47.46 -4.34
N GLY C 338 2.98 46.71 -4.85
CA GLY C 338 4.28 46.67 -4.25
C GLY C 338 5.16 47.85 -4.64
N TRP C 339 6.35 47.88 -4.07
CA TRP C 339 7.34 48.91 -4.33
C TRP C 339 8.54 48.29 -5.04
N GLN C 340 8.90 48.85 -6.19
CA GLN C 340 10.12 48.41 -6.87
C GLN C 340 11.38 48.97 -6.22
N GLY C 341 11.27 50.09 -5.53
CA GLY C 341 12.46 50.76 -5.03
C GLY C 341 13.19 49.97 -3.96
N MET C 342 12.45 49.37 -3.04
CA MET C 342 13.07 48.68 -1.92
C MET C 342 13.89 47.49 -2.39
N VAL C 343 15.08 47.33 -1.81
CA VAL C 343 15.95 46.19 -2.09
C VAL C 343 16.49 45.55 -0.83
N ASP C 344 16.23 46.12 0.35
CA ASP C 344 16.86 45.62 1.57
C ASP C 344 16.18 44.37 2.09
N GLY C 345 14.90 44.48 2.44
CA GLY C 345 14.16 43.40 3.07
C GLY C 345 12.91 43.05 2.31
N TRP C 346 11.87 42.67 3.04
CA TRP C 346 10.62 42.23 2.45
C TRP C 346 9.44 43.12 2.79
N TYR C 347 9.48 43.85 3.91
CA TYR C 347 8.34 44.64 4.36
C TYR C 347 8.72 46.12 4.42
N GLY C 348 7.82 46.96 3.93
CA GLY C 348 8.15 48.35 3.62
C GLY C 348 7.80 49.33 4.74
N TYR C 349 8.70 50.29 4.95
CA TYR C 349 8.52 51.33 5.96
C TYR C 349 9.00 52.68 5.43
N HIS C 350 8.48 53.05 4.25
CA HIS C 350 8.88 54.26 3.51
C HIS C 350 9.20 55.43 4.42
N HIS C 351 10.34 56.07 4.15
CA HIS C 351 10.83 57.26 4.83
C HIS C 351 10.53 58.50 4.01
N SER C 352 9.90 59.50 4.64
CA SER C 352 9.66 60.78 3.97
C SER C 352 9.52 61.85 5.05
N ASN C 353 10.57 62.64 5.25
CA ASN C 353 10.59 63.74 6.19
C ASN C 353 10.77 65.06 5.42
N ASP C 354 10.87 66.16 6.17
CA ASP C 354 11.08 67.45 5.53
C ASP C 354 12.48 67.56 4.94
N GLN C 355 13.50 67.11 5.68
CA GLN C 355 14.87 67.22 5.20
C GLN C 355 15.18 66.19 4.11
N GLY C 356 14.37 65.16 3.97
CA GLY C 356 14.60 64.19 2.91
C GLY C 356 13.62 63.04 3.00
N SER C 357 13.67 62.20 1.98
CA SER C 357 12.86 60.99 1.89
C SER C 357 13.76 59.77 2.04
N GLY C 358 13.18 58.59 1.87
CA GLY C 358 13.95 57.36 2.01
C GLY C 358 13.06 56.15 1.77
N TYR C 359 13.69 54.98 1.84
CA TYR C 359 13.00 53.73 1.57
C TYR C 359 13.41 52.64 2.54
N ALA C 360 13.57 52.96 3.81
CA ALA C 360 14.12 52.02 4.77
C ALA C 360 13.19 50.83 4.97
N ALA C 361 13.79 49.65 5.15
CA ALA C 361 13.06 48.42 5.39
C ALA C 361 13.10 48.04 6.87
N ASP C 362 12.26 47.09 7.23
CA ASP C 362 12.10 46.66 8.62
C ASP C 362 12.91 45.40 8.86
N LYS C 363 13.77 45.44 9.89
CA LYS C 363 14.63 44.31 10.22
C LYS C 363 14.03 43.40 11.28
N GLU C 364 12.84 43.72 11.79
CA GLU C 364 12.26 42.93 12.87
C GLU C 364 11.41 41.77 12.34
N SER C 365 10.37 42.08 11.57
CA SER C 365 9.50 41.05 11.04
C SER C 365 10.14 40.26 9.90
N THR C 366 11.07 40.88 9.18
CA THR C 366 11.68 40.21 8.03
C THR C 366 12.44 38.97 8.47
N GLN C 367 13.23 39.09 9.55
CA GLN C 367 13.98 37.93 10.01
C GLN C 367 13.06 36.81 10.46
N LYS C 368 11.97 37.15 11.16
CA LYS C 368 11.03 36.13 11.59
C LYS C 368 10.39 35.43 10.40
N ALA C 369 10.00 36.20 9.38
CA ALA C 369 9.40 35.59 8.20
C ALA C 369 10.39 34.69 7.46
N ILE C 370 11.64 35.13 7.35
CA ILE C 370 12.65 34.29 6.68
C ILE C 370 12.84 33.00 7.45
N ASP C 371 12.93 33.08 8.79
CA ASP C 371 13.10 31.88 9.59
C ASP C 371 11.91 30.94 9.42
N GLY C 372 10.70 31.48 9.45
CA GLY C 372 9.52 30.64 9.27
C GLY C 372 9.47 29.96 7.93
N ILE C 373 9.77 30.70 6.85
CA ILE C 373 9.71 30.12 5.52
C ILE C 373 10.79 29.05 5.34
N THR C 374 12.00 29.30 5.87
CA THR C 374 13.05 28.30 5.78
C THR C 374 12.68 27.06 6.58
N ASN C 375 12.07 27.24 7.74
CA ASN C 375 11.60 26.10 8.52
C ASN C 375 10.57 25.31 7.74
N LYS C 376 9.65 25.99 7.07
CA LYS C 376 8.63 25.30 6.27
C LYS C 376 9.26 24.51 5.13
N VAL C 377 10.23 25.11 4.44
CA VAL C 377 10.89 24.43 3.33
C VAL C 377 11.60 23.18 3.83
N ASN C 378 12.35 23.33 4.93
CA ASN C 378 13.07 22.19 5.48
C ASN C 378 12.13 21.11 5.96
N SER C 379 11.00 21.49 6.55
CA SER C 379 10.03 20.50 7.01
C SER C 379 9.41 19.76 5.83
N VAL C 380 9.13 20.47 4.74
CA VAL C 380 8.58 19.82 3.55
C VAL C 380 9.57 18.81 3.00
N ILE C 381 10.84 19.19 2.91
CA ILE C 381 11.84 18.26 2.39
C ILE C 381 12.03 17.09 3.36
N GLU C 382 11.94 17.35 4.66
CA GLU C 382 12.19 16.33 5.68
C GLU C 382 11.07 15.31 5.78
N LYS C 383 9.83 15.72 5.55
CA LYS C 383 8.70 14.80 5.70
C LYS C 383 8.65 13.72 4.64
N MET C 384 9.43 13.84 3.57
CA MET C 384 9.34 12.94 2.43
C MET C 384 10.55 12.02 2.29
N ASN C 385 11.43 11.95 3.28
CA ASN C 385 12.56 11.03 3.19
C ASN C 385 12.16 9.59 3.42
N THR C 386 10.94 9.35 3.91
CA THR C 386 10.45 7.99 4.19
C THR C 386 9.57 7.48 3.07
N GLN C 387 9.87 7.84 1.84
CA GLN C 387 9.05 7.47 0.70
C GLN C 387 9.23 5.99 0.38
N PHE C 388 8.60 5.56 -0.70
CA PHE C 388 8.62 4.17 -1.14
C PHE C 388 9.57 4.02 -2.31
N GLU C 389 10.52 3.10 -2.19
CA GLU C 389 11.49 2.83 -3.24
C GLU C 389 11.13 1.52 -3.93
N ALA C 390 11.06 1.55 -5.25
CA ALA C 390 10.74 0.36 -6.02
C ALA C 390 12.00 -0.46 -6.28
N VAL C 391 11.86 -1.78 -6.22
CA VAL C 391 12.95 -2.72 -6.44
C VAL C 391 12.54 -3.66 -7.56
N GLY C 392 13.43 -3.84 -8.53
CA GLY C 392 13.13 -4.70 -9.66
C GLY C 392 12.97 -6.15 -9.26
N LYS C 393 12.05 -6.84 -9.93
CA LYS C 393 11.79 -8.25 -9.68
C LYS C 393 11.34 -8.89 -10.98
N GLU C 394 11.60 -10.18 -11.11
CA GLU C 394 11.27 -10.94 -12.31
C GLU C 394 10.32 -12.07 -11.96
N PHE C 395 9.36 -12.32 -12.85
CA PHE C 395 8.34 -13.33 -12.64
C PHE C 395 8.21 -14.19 -13.89
N SER C 396 7.84 -15.45 -13.68
CA SER C 396 7.78 -16.43 -14.76
C SER C 396 6.43 -16.35 -15.46
N ASN C 397 6.20 -17.26 -16.41
CA ASN C 397 4.98 -17.24 -17.19
C ASN C 397 3.78 -17.69 -16.36
N LEU C 398 3.98 -18.66 -15.47
CA LEU C 398 2.90 -19.16 -14.63
C LEU C 398 2.83 -18.46 -13.28
N GLU C 399 3.25 -17.20 -13.23
CA GLU C 399 3.17 -16.39 -12.01
C GLU C 399 2.61 -15.01 -12.32
N LYS C 400 1.54 -14.97 -13.13
CA LYS C 400 1.00 -13.68 -13.55
C LYS C 400 0.24 -12.99 -12.42
N ARG C 401 -0.37 -13.74 -11.52
CA ARG C 401 -1.03 -13.12 -10.38
C ARG C 401 -0.04 -12.41 -9.47
N LEU C 402 1.11 -13.05 -9.22
CA LEU C 402 2.14 -12.42 -8.41
C LEU C 402 2.69 -11.17 -9.10
N GLU C 403 2.88 -11.23 -10.41
CA GLU C 403 3.35 -10.08 -11.16
C GLU C 403 2.36 -8.93 -11.07
N ASN C 404 1.07 -9.22 -11.21
CA ASN C 404 0.05 -8.19 -11.08
C ASN C 404 0.03 -7.60 -9.68
N LEU C 405 0.18 -8.45 -8.66
CA LEU C 405 0.23 -7.95 -7.29
C LEU C 405 1.38 -6.98 -7.10
N ASN C 406 2.57 -7.36 -7.57
CA ASN C 406 3.74 -6.50 -7.43
C ASN C 406 3.55 -5.18 -8.17
N LYS C 407 3.08 -5.25 -9.41
CA LYS C 407 2.89 -4.04 -10.21
C LYS C 407 1.87 -3.11 -9.57
N LYS C 408 0.74 -3.66 -9.12
CA LYS C 408 -0.30 -2.85 -8.52
C LYS C 408 0.18 -2.22 -7.21
N MET C 409 0.94 -2.96 -6.40
CA MET C 409 1.43 -2.40 -5.15
C MET C 409 2.37 -1.23 -5.42
N GLU C 410 3.31 -1.41 -6.35
CA GLU C 410 4.25 -0.34 -6.66
C GLU C 410 3.52 0.90 -7.20
N ASP C 411 2.58 0.69 -8.12
CA ASP C 411 1.84 1.81 -8.69
C ASP C 411 1.02 2.51 -7.62
N GLY C 412 0.37 1.76 -6.73
CA GLY C 412 -0.44 2.37 -5.70
C GLY C 412 0.38 3.23 -4.76
N PHE C 413 1.53 2.72 -4.32
CA PHE C 413 2.37 3.53 -3.44
C PHE C 413 2.90 4.78 -4.16
N LEU C 414 3.26 4.63 -5.43
CA LEU C 414 3.73 5.80 -6.19
C LEU C 414 2.64 6.86 -6.30
N ASP C 415 1.40 6.45 -6.59
CA ASP C 415 0.30 7.42 -6.68
C ASP C 415 0.04 8.08 -5.34
N VAL C 416 0.08 7.30 -4.25
CA VAL C 416 -0.18 7.87 -2.93
C VAL C 416 0.85 8.94 -2.61
N TRP C 417 2.13 8.66 -2.87
CA TRP C 417 3.15 9.64 -2.52
C TRP C 417 3.12 10.85 -3.46
N THR C 418 2.79 10.65 -4.73
CA THR C 418 2.62 11.79 -5.62
C THR C 418 1.51 12.72 -5.14
N TYR C 419 0.37 12.14 -4.75
CA TYR C 419 -0.73 12.93 -4.21
C TYR C 419 -0.30 13.70 -2.99
N ASN C 420 0.41 13.05 -2.08
CA ASN C 420 0.86 13.71 -0.85
C ASN C 420 1.74 14.90 -1.18
N ALA C 421 2.71 14.71 -2.08
CA ALA C 421 3.65 15.79 -2.41
C ALA C 421 2.92 16.97 -3.04
N GLU C 422 2.05 16.70 -4.00
CA GLU C 422 1.35 17.80 -4.68
C GLU C 422 0.46 18.58 -3.71
N LEU C 423 -0.27 17.86 -2.86
CA LEU C 423 -1.15 18.54 -1.91
C LEU C 423 -0.35 19.39 -0.93
N LEU C 424 0.78 18.85 -0.45
CA LEU C 424 1.60 19.63 0.47
C LEU C 424 2.11 20.90 -0.18
N VAL C 425 2.57 20.81 -1.43
CA VAL C 425 3.09 22.01 -2.09
C VAL C 425 1.98 23.05 -2.26
N LEU C 426 0.80 22.62 -2.70
CA LEU C 426 -0.30 23.56 -2.89
C LEU C 426 -0.68 24.25 -1.58
N MET C 427 -0.86 23.46 -0.52
CA MET C 427 -1.28 24.04 0.75
C MET C 427 -0.21 24.96 1.32
N GLU C 428 1.06 24.59 1.21
CA GLU C 428 2.13 25.45 1.71
C GLU C 428 2.18 26.76 0.94
N ASN C 429 1.96 26.71 -0.38
CA ASN C 429 1.97 27.94 -1.16
C ASN C 429 0.85 28.88 -0.72
N GLU C 430 -0.36 28.33 -0.54
CA GLU C 430 -1.46 29.18 -0.09
C GLU C 430 -1.17 29.78 1.27
N ARG C 431 -0.67 28.96 2.20
CA ARG C 431 -0.34 29.46 3.52
C ARG C 431 0.73 30.54 3.45
N THR C 432 1.70 30.39 2.54
CA THR C 432 2.77 31.38 2.45
C THR C 432 2.25 32.72 1.97
N LEU C 433 1.43 32.72 0.92
CA LEU C 433 0.90 33.98 0.42
C LEU C 433 0.02 34.66 1.47
N ASP C 434 -0.88 33.90 2.11
CA ASP C 434 -1.70 34.49 3.15
C ASP C 434 -0.85 34.96 4.34
N PHE C 435 0.23 34.24 4.64
CA PHE C 435 1.11 34.61 5.73
C PHE C 435 1.76 35.96 5.48
N HIS C 436 2.25 36.18 4.26
CA HIS C 436 2.84 37.47 3.95
C HIS C 436 1.82 38.59 4.00
N ASP C 437 0.62 38.36 3.46
CA ASP C 437 -0.41 39.39 3.52
C ASP C 437 -0.75 39.74 4.97
N SER C 438 -0.90 38.72 5.81
CA SER C 438 -1.20 38.96 7.22
C SER C 438 -0.07 39.68 7.93
N ASN C 439 1.18 39.37 7.58
CA ASN C 439 2.30 40.05 8.21
C ASN C 439 2.30 41.54 7.87
N VAL C 440 2.07 41.87 6.61
CA VAL C 440 2.03 43.28 6.24
C VAL C 440 0.87 43.98 6.94
N LYS C 441 -0.29 43.33 6.97
CA LYS C 441 -1.45 43.94 7.64
C LYS C 441 -1.19 44.14 9.12
N ASN C 442 -0.54 43.17 9.77
CA ASN C 442 -0.24 43.28 11.19
C ASN C 442 0.75 44.41 11.45
N LEU C 443 1.73 44.58 10.57
CA LEU C 443 2.66 45.70 10.74
C LEU C 443 1.93 47.03 10.62
N TYR C 444 1.04 47.14 9.64
CA TYR C 444 0.27 48.38 9.49
C TYR C 444 -0.62 48.63 10.70
N ASP C 445 -1.26 47.57 11.20
CA ASP C 445 -2.12 47.71 12.37
C ASP C 445 -1.33 48.11 13.60
N LYS C 446 -0.12 47.55 13.75
CA LYS C 446 0.72 47.94 14.89
C LYS C 446 1.14 49.39 14.79
N VAL C 447 1.47 49.87 13.58
CA VAL C 447 1.83 51.27 13.41
C VAL C 447 0.65 52.16 13.78
N ARG C 448 -0.53 51.85 13.26
CA ARG C 448 -1.71 52.67 13.54
C ARG C 448 -2.06 52.64 15.03
N MET C 449 -1.94 51.47 15.65
CA MET C 449 -2.17 51.33 17.07
C MET C 449 -1.22 52.19 17.88
N GLN C 450 0.08 52.06 17.62
CA GLN C 450 1.08 52.79 18.41
C GLN C 450 0.93 54.29 18.24
N LEU C 451 0.68 54.74 17.00
CA LEU C 451 0.62 56.17 16.74
C LEU C 451 -0.63 56.78 17.36
N ARG C 452 -1.70 55.98 17.49
CA ARG C 452 -2.97 56.41 18.07
C ARG C 452 -3.64 57.46 17.20
N ASP C 453 -4.30 58.43 17.82
CA ASP C 453 -5.12 59.39 17.10
C ASP C 453 -4.35 60.64 16.67
N ASN C 454 -3.03 60.62 16.74
CA ASN C 454 -2.23 61.78 16.36
C ASN C 454 -1.82 61.73 14.89
N ALA C 455 -2.77 61.46 14.00
CA ALA C 455 -2.53 61.43 12.56
C ALA C 455 -3.87 61.21 11.88
N LYS C 456 -3.87 61.42 10.57
CA LYS C 456 -5.01 61.10 9.72
C LYS C 456 -4.64 59.92 8.82
N GLU C 457 -5.59 59.04 8.58
CA GLU C 457 -5.37 57.85 7.77
C GLU C 457 -5.75 58.20 6.33
N LEU C 458 -4.75 58.20 5.44
CA LEU C 458 -4.99 58.70 4.09
C LEU C 458 -5.83 57.74 3.26
N GLY C 459 -5.65 56.44 3.47
CA GLY C 459 -6.42 55.46 2.73
C GLY C 459 -5.60 54.55 1.87
N ASN C 460 -4.59 55.09 1.18
CA ASN C 460 -3.74 54.26 0.34
C ASN C 460 -2.79 53.40 1.15
N GLY C 461 -2.63 53.65 2.45
CA GLY C 461 -1.79 52.82 3.26
C GLY C 461 -0.98 53.53 4.32
N CYS C 462 -0.78 54.83 4.17
CA CYS C 462 -0.01 55.59 5.17
C CYS C 462 -0.83 56.70 5.80
N PHE C 463 -0.23 57.28 6.84
CA PHE C 463 -0.86 58.29 7.66
C PHE C 463 -0.19 59.63 7.43
N GLU C 464 -1.00 60.69 7.39
CA GLU C 464 -0.49 62.05 7.45
C GLU C 464 -0.48 62.46 8.92
N PHE C 465 0.71 62.72 9.45
CA PHE C 465 0.85 63.05 10.86
C PHE C 465 0.04 64.30 11.20
N TYR C 466 -0.71 64.23 12.30
CA TYR C 466 -1.41 65.42 12.77
C TYR C 466 -0.49 66.40 13.47
N HIS C 467 0.70 65.94 13.87
CA HIS C 467 1.66 66.77 14.57
C HIS C 467 2.98 66.77 13.80
N LYS C 468 3.60 67.95 13.72
CA LYS C 468 4.87 68.07 13.01
C LYS C 468 5.98 67.54 13.89
N CYS C 469 6.62 66.46 13.46
CA CYS C 469 7.78 65.92 14.15
C CYS C 469 8.81 65.49 13.11
N ASP C 470 9.96 65.02 13.57
CA ASP C 470 11.17 65.01 12.76
C ASP C 470 11.78 63.62 12.65
N ASP C 471 13.02 63.56 12.14
CA ASP C 471 13.72 62.28 12.00
C ASP C 471 13.69 61.51 13.32
N GLU C 472 14.04 62.16 14.43
CA GLU C 472 14.11 61.45 15.70
C GLU C 472 12.75 60.86 16.06
N CYS C 473 11.68 61.63 15.92
CA CYS C 473 10.34 61.14 16.26
C CYS C 473 9.99 59.91 15.45
N MET C 474 10.25 59.93 14.15
CA MET C 474 9.68 58.87 13.33
C MET C 474 10.55 57.62 13.33
N ASN C 475 11.87 57.77 13.50
CA ASN C 475 12.65 56.58 13.81
C ASN C 475 12.32 56.03 15.18
N SER C 476 11.86 56.89 16.12
CA SER C 476 11.31 56.36 17.35
C SER C 476 10.05 55.55 17.08
N VAL C 477 9.21 56.02 16.16
CA VAL C 477 8.03 55.26 15.76
C VAL C 477 8.43 53.92 15.17
N LYS C 478 9.45 53.93 14.30
CA LYS C 478 9.91 52.71 13.66
C LYS C 478 10.45 51.72 14.69
N ASN C 479 11.18 52.21 15.69
CA ASN C 479 11.69 51.36 16.75
C ASN C 479 10.61 50.97 17.75
N GLY C 480 9.36 51.39 17.54
CA GLY C 480 8.30 51.11 18.48
C GLY C 480 8.46 51.80 19.82
N THR C 481 8.89 53.07 19.82
CA THR C 481 9.12 53.81 21.04
C THR C 481 8.43 55.16 21.03
N TYR C 482 7.47 55.37 20.14
CA TYR C 482 6.71 56.62 20.13
C TYR C 482 5.98 56.78 21.45
N ASP C 483 6.06 57.98 22.02
CA ASP C 483 5.46 58.29 23.31
C ASP C 483 4.33 59.28 23.08
N TYR C 484 3.09 58.83 23.29
CA TYR C 484 1.94 59.73 23.20
C TYR C 484 2.01 60.89 24.19
N PRO C 485 2.30 60.68 25.48
CA PRO C 485 2.38 61.84 26.40
C PRO C 485 3.51 62.79 26.08
N LYS C 486 4.49 62.39 25.28
CA LYS C 486 5.63 63.26 25.04
C LYS C 486 5.27 64.44 24.14
N TYR C 487 4.41 64.23 23.15
CA TYR C 487 4.16 65.29 22.17
C TYR C 487 2.71 65.12 21.69
N GLU C 488 1.80 65.82 22.37
CA GLU C 488 0.39 65.86 21.97
C GLU C 488 -0.23 67.24 22.00
N GLU C 489 0.28 68.17 22.82
CA GLU C 489 -0.35 69.49 22.94
C GLU C 489 -0.29 70.24 21.61
N GLU C 490 0.85 70.22 20.95
CA GLU C 490 0.93 70.86 19.63
C GLU C 490 0.07 70.13 18.61
N SER C 491 -0.10 68.82 18.77
CA SER C 491 -1.00 68.09 17.89
C SER C 491 -2.43 68.61 18.04
N LYS C 492 -2.89 68.77 19.28
CA LYS C 492 -4.22 69.34 19.49
C LYS C 492 -4.27 70.79 19.03
N LEU C 493 -3.16 71.51 19.13
CA LEU C 493 -3.12 72.91 18.69
C LEU C 493 -3.35 73.01 17.19
N ASN C 494 -2.67 72.17 16.42
CA ASN C 494 -2.84 72.17 14.97
C ASN C 494 -4.08 71.39 14.53
N ARG C 495 -4.73 70.68 15.46
CA ARG C 495 -5.97 70.00 15.12
C ARG C 495 -7.06 70.98 14.70
N ASN C 496 -7.01 72.20 15.21
CA ASN C 496 -7.98 73.22 14.84
C ASN C 496 -7.60 73.88 13.52
C1 NAG D . -18.18 -42.79 7.92
C2 NAG D . -18.63 -43.47 6.64
C3 NAG D . -19.99 -42.92 6.23
C4 NAG D . -20.99 -43.08 7.36
C5 NAG D . -20.44 -42.47 8.64
C6 NAG D . -21.32 -42.76 9.85
C7 NAG D . -17.40 -44.22 4.66
C8 NAG D . -16.38 -43.87 3.63
N2 NAG D . -17.66 -43.28 5.58
O3 NAG D . -20.44 -43.62 5.07
O4 NAG D . -22.20 -42.39 7.01
O5 NAG D . -19.15 -43.01 8.95
O6 NAG D . -20.55 -42.77 11.05
O7 NAG D . -17.96 -45.31 4.68
C1 NAG D . -23.30 -43.33 6.94
C2 NAG D . -24.60 -42.53 7.01
C3 NAG D . -25.79 -43.47 6.90
C4 NAG D . -25.69 -44.32 5.66
C5 NAG D . -24.35 -45.05 5.62
C6 NAG D . -24.12 -45.82 4.34
C7 NAG D . -24.41 -40.44 8.28
C8 NAG D . -24.52 -39.79 9.63
N2 NAG D . -24.66 -41.76 8.24
O3 NAG D . -27.00 -42.69 6.87
O4 NAG D . -26.73 -45.29 5.63
O5 NAG D . -23.27 -44.10 5.72
O6 NAG D . -24.39 -47.20 4.51
O7 NAG D . -24.10 -39.80 7.28
C1 NAG E . 3.58 -25.70 -39.15
C2 NAG E . 4.98 -26.24 -39.43
C3 NAG E . 5.88 -25.13 -39.95
C4 NAG E . 5.24 -24.44 -41.15
C5 NAG E . 3.84 -23.98 -40.81
C6 NAG E . 3.08 -23.41 -41.99
C7 NAG E . 6.35 -27.92 -38.28
C8 NAG E . 6.86 -28.40 -36.96
N2 NAG E . 5.56 -26.84 -38.23
O3 NAG E . 7.14 -25.67 -40.31
O4 NAG E . 6.03 -23.32 -41.55
O5 NAG E . 3.05 -25.08 -40.32
O6 NAG E . 2.96 -24.37 -43.03
O7 NAG E . 6.63 -28.47 -39.33
C1 NAG E . 6.54 -23.56 -42.88
C2 NAG E . 6.91 -22.21 -43.50
C3 NAG E . 7.50 -22.42 -44.89
C4 NAG E . 8.67 -23.40 -44.83
C5 NAG E . 8.23 -24.69 -44.15
C6 NAG E . 9.37 -25.67 -43.95
C7 NAG E . 5.70 -20.17 -42.90
C8 NAG E . 4.44 -19.38 -43.07
N2 NAG E . 5.76 -21.33 -43.55
O3 NAG E . 7.94 -21.16 -45.41
O4 NAG E . 9.12 -23.69 -46.15
O5 NAG E . 7.70 -24.41 -42.86
O6 NAG E . 9.31 -26.74 -44.88
O7 NAG E . 6.62 -19.77 -42.19
C1 NAG F . 35.01 -30.93 5.25
C2 NAG F . 34.60 -32.13 6.10
C3 NAG F . 34.62 -31.75 7.59
C4 NAG F . 35.95 -31.13 7.97
C5 NAG F . 36.29 -29.98 7.04
C6 NAG F . 37.66 -29.39 7.28
C7 NAG F . 32.99 -33.93 5.68
C8 NAG F . 31.59 -34.27 5.26
N2 NAG F . 33.30 -32.62 5.72
O3 NAG F . 34.36 -32.90 8.37
O4 NAG F . 35.90 -30.65 9.31
O5 NAG F . 36.27 -30.44 5.67
O6 NAG F . 38.50 -29.57 6.16
O7 NAG F . 33.81 -34.79 5.97
C1 NAG F . 36.88 -31.35 10.10
C2 NAG F . 37.10 -30.56 11.39
C3 NAG F . 38.10 -31.28 12.29
C4 NAG F . 37.66 -32.72 12.52
C5 NAG F . 37.41 -33.42 11.19
C6 NAG F . 36.85 -34.82 11.36
C7 NAG F . 36.76 -28.13 11.28
C8 NAG F . 37.37 -26.81 10.93
N2 NAG F . 37.54 -29.21 11.11
O3 NAG F . 38.21 -30.59 13.53
O4 NAG F . 38.67 -33.42 13.24
O5 NAG F . 36.45 -32.68 10.43
O6 NAG F . 37.86 -35.80 11.19
O7 NAG F . 35.60 -28.22 11.69
C1 GAL G . -20.08 -50.45 -11.62
C2 GAL G . -20.15 -49.25 -12.58
C3 GAL G . -18.84 -49.10 -13.35
C4 GAL G . -17.67 -49.00 -12.36
C5 GAL G . -17.73 -50.17 -11.36
C6 GAL G . -16.72 -50.05 -10.23
O1 GAL G . -21.27 -50.57 -10.89
O2 GAL G . -21.18 -49.39 -13.54
O3 GAL G . -18.45 -48.31 -14.40
O4 GAL G . -17.73 -47.77 -11.65
O5 GAL G . -19.01 -50.27 -10.73
O6 GAL G . -16.75 -51.20 -9.39
C1 SIA G . -18.61 -45.95 -13.98
C2 SIA G . -18.05 -47.09 -14.92
C3 SIA G . -18.48 -46.94 -16.38
C4 SIA G . -17.83 -47.91 -17.37
C5 SIA G . -16.40 -48.25 -16.98
C6 SIA G . -15.77 -47.24 -15.98
C7 SIA G . -14.43 -47.80 -15.44
C8 SIA G . -14.07 -47.31 -14.03
C9 SIA G . -13.30 -45.99 -14.08
C10 SIA G . -15.18 -47.33 -19.00
C11 SIA G . -14.28 -47.76 -20.16
N5 SIA G . -15.54 -48.33 -18.16
O1A SIA G . -17.72 -45.09 -13.72
O1B SIA G . -19.81 -46.01 -13.62
O4 SIA G . -18.56 -49.15 -17.44
O6 SIA G . -16.58 -47.06 -14.83
O7 SIA G . -14.46 -49.22 -15.51
O8 SIA G . -15.23 -47.19 -13.20
O9 SIA G . -13.77 -45.16 -13.03
O10 SIA G . -15.53 -46.15 -18.90
C1 GAL H . 25.31 -47.57 13.39
C2 GAL H . 24.02 -47.05 14.05
C3 GAL H . 22.81 -47.42 13.21
C4 GAL H . 22.98 -46.89 11.79
C5 GAL H . 24.32 -47.35 11.22
C6 GAL H . 24.67 -46.72 9.88
O1 GAL H . 26.44 -47.20 14.12
O2 GAL H . 23.83 -47.61 15.35
O3 GAL H . 21.45 -47.33 13.45
O4 GAL H . 22.92 -45.47 11.78
O5 GAL H . 25.41 -47.02 12.09
O6 GAL H . 25.87 -47.25 9.35
C1 SIA H . 20.65 -45.10 13.85
C2 SIA H . 20.28 -46.60 13.52
C3 SIA H . 19.31 -47.21 14.54
C4 SIA H . 18.76 -48.59 14.18
C5 SIA H . 18.59 -48.77 12.67
C6 SIA H . 18.56 -47.43 11.90
C7 SIA H . 18.63 -47.71 10.37
C8 SIA H . 19.29 -46.57 9.56
C9 SIA H . 18.26 -45.54 9.12
C10 SIA H . 16.08 -49.14 12.59
C11 SIA H . 15.04 -50.17 12.17
N5 SIA H . 17.36 -49.52 12.38
O1A SIA H . 20.04 -44.28 13.10
O1B SIA H . 21.49 -44.88 14.76
O4 SIA H . 19.65 -49.63 14.63
O6 SIA H . 19.69 -46.62 12.18
O7 SIA H . 19.32 -48.95 10.16
O8 SIA H . 20.36 -45.96 10.28
O9 SIA H . 18.84 -44.24 9.28
O10 SIA H . 15.73 -48.06 13.07
C1 NAG I . 13.33 22.68 20.66
C2 NAG I . 14.69 22.15 21.12
C3 NAG I . 15.81 23.00 20.53
C4 NAG I . 15.67 23.08 19.02
C5 NAG I . 14.28 23.55 18.63
C6 NAG I . 14.03 23.54 17.14
C7 NAG I . 14.88 20.99 23.27
C8 NAG I . 14.96 21.14 24.76
N2 NAG I . 14.77 22.12 22.57
O3 NAG I . 17.07 22.42 20.87
O4 NAG I . 16.63 23.98 18.48
O5 NAG I . 13.28 22.70 19.22
O6 NAG I . 14.04 24.85 16.60
O7 NAG I . 14.91 19.90 22.72
C1 NAG J . -2.93 -0.78 34.69
C2 NAG J . -3.04 -1.77 35.84
C3 NAG J . -4.00 -1.24 36.91
C4 NAG J . -3.57 0.16 37.35
C5 NAG J . -3.42 1.07 36.14
C6 NAG J . -2.88 2.44 36.48
C7 NAG J . -2.74 -4.18 35.46
C8 NAG J . -3.35 -5.43 34.92
N2 NAG J . -3.49 -3.08 35.37
O3 NAG J . -4.00 -2.12 38.03
O4 NAG J . -4.54 0.71 38.23
O5 NAG J . -2.51 0.49 35.20
O6 NAG J . -3.53 3.46 35.75
O7 NAG J . -1.62 -4.16 35.95
C1 NAG K . 3.97 25.75 38.71
C2 NAG K . 4.77 24.78 39.55
C3 NAG K . 3.87 23.72 40.16
C4 NAG K . 2.72 24.37 40.92
C5 NAG K . 1.99 25.37 40.02
C6 NAG K . 0.91 26.14 40.74
C7 NAG K . 7.13 24.43 38.95
C8 NAG K . 8.09 23.70 38.06
N2 NAG K . 5.84 24.16 38.78
O3 NAG K . 4.62 22.89 41.05
O4 NAG K . 1.79 23.38 41.36
O5 NAG K . 2.92 26.34 39.50
O6 NAG K . -0.30 25.40 40.81
O7 NAG K . 7.52 25.24 39.79
C1 NAG L . -26.10 16.43 13.37
C2 NAG L . -27.16 15.50 13.95
C3 NAG L . -27.10 15.52 15.47
C4 NAG L . -25.69 15.20 15.95
C5 NAG L . -24.69 16.15 15.29
C6 NAG L . -23.25 15.81 15.62
C7 NAG L . -29.11 15.22 12.48
C8 NAG L . -30.48 15.73 12.13
N2 NAG L . -28.49 15.86 13.48
O3 NAG L . -28.02 14.55 15.99
O4 NAG L . -25.61 15.36 17.37
O5 NAG L . -24.81 16.06 13.86
O6 NAG L . -22.58 16.93 16.21
O7 NAG L . -28.59 14.29 11.88
C1 NAG M . -29.39 7.25 -16.66
C2 NAG M . -30.38 6.67 -17.66
C3 NAG M . -30.78 7.74 -18.67
C4 NAG M . -31.30 8.98 -17.96
C5 NAG M . -30.28 9.46 -16.93
C6 NAG M . -30.79 10.61 -16.10
C7 NAG M . -30.46 4.33 -18.40
C8 NAG M . -29.74 3.24 -19.13
N2 NAG M . -29.82 5.51 -18.34
O3 NAG M . -31.78 7.21 -19.54
O4 NAG M . -31.54 10.02 -18.90
O5 NAG M . -29.96 8.40 -16.02
O6 NAG M . -30.01 11.79 -16.29
O7 NAG M . -31.56 4.16 -17.89
C1 NAG N . -2.14 29.21 -16.31
C2 NAG N . -2.30 29.07 -17.82
C3 NAG N . -3.72 29.40 -18.25
C4 NAG N . -4.71 28.55 -17.46
C5 NAG N . -4.47 28.71 -15.96
C6 NAG N . -5.35 27.81 -15.13
C7 NAG N . -0.24 29.46 -19.13
C8 NAG N . 0.62 30.48 -19.80
N2 NAG N . -1.34 29.92 -18.51
O3 NAG N . -3.86 29.14 -19.65
O4 NAG N . -6.04 28.95 -17.78
O5 NAG N . -3.11 28.38 -15.65
O6 NAG N . -6.23 28.56 -14.30
O7 NAG N . 0.04 28.26 -19.13
C1 NAG O . 27.30 17.73 -11.92
C2 NAG O . 28.62 17.56 -12.68
C3 NAG O . 29.67 18.53 -12.14
C4 NAG O . 29.14 19.95 -12.16
C5 NAG O . 27.81 20.03 -11.42
C6 NAG O . 27.16 21.40 -11.51
C7 NAG O . 29.68 15.55 -13.60
C8 NAG O . 30.11 14.14 -13.33
N2 NAG O . 29.10 16.19 -12.58
O3 NAG O . 30.84 18.43 -12.94
O4 NAG O . 30.07 20.83 -11.54
O5 NAG O . 26.88 19.10 -12.00
O6 NAG O . 26.89 21.92 -10.22
O7 NAG O . 29.85 16.09 -14.70
C1 SIA P . 23.91 -32.95 -32.99
C2 SIA P . 24.60 -34.20 -32.30
C3 SIA P . 26.05 -33.96 -31.87
C4 SIA P . 26.71 -35.13 -31.13
C5 SIA P . 25.68 -35.98 -30.39
C6 SIA P . 24.40 -35.20 -30.01
C7 SIA P . 23.32 -36.18 -29.51
C8 SIA P . 21.88 -35.67 -29.79
C9 SIA P . 21.51 -34.56 -28.81
C10 SIA P . 26.72 -36.01 -28.08
C11 SIA P . 27.26 -36.98 -27.03
N5 SIA P . 26.26 -36.61 -29.20
O1A SIA P . 23.37 -32.18 -32.16
O1B SIA P . 23.97 -32.88 -34.25
O2 SIA P . 24.51 -35.25 -33.18
O4 SIA P . 27.40 -35.99 -32.05
O6 SIA P . 23.80 -34.54 -31.11
O7 SIA P . 23.54 -37.46 -30.10
O8 SIA P . 21.74 -35.27 -31.15
O9 SIA P . 21.73 -33.30 -29.44
O10 SIA P . 26.72 -34.80 -27.87
#